data_8TW9
#
_entry.id   8TW9
#
loop_
_entity.id
_entity.type
_entity.pdbx_description
1 polymer 'Chromosome transmission fidelity protein 18'
2 polymer 'Primer DNA'
3 polymer 'Template DNA'
4 polymer 'DNA polymerase epsilon catalytic subunit A'
5 polymer 'Chromosome transmission fidelity protein 8'
6 polymer 'Sister chromatid cohesion protein DCC1'
7 non-polymer 'IRON/SULFUR CLUSTER'
#
loop_
_entity_poly.entity_id
_entity_poly.type
_entity_poly.pdbx_seq_one_letter_code
_entity_poly.pdbx_strand_id
1 'polypeptide(L)' TVKIWVKYNEGFSNAVRKNVTWNNLW C
2 'polydeoxyribonucleotide' (DT)(DG)(DT)(DT)(DG)(DC)(DT)(DG)(DC) P
3 'polydeoxyribonucleotide' (DT)(DT)(DT)(DT)(DT)(DA)(DG)(DC)(DA)(DG)(DC)(DA)(DA)(DC)(DA) T
4 'polypeptide(L)'
;MMFGKKKNNGGSSTARYSAGNKYNTLSNNYALSAQQLLNASKIDDIDSMMGFERYVPPQYNGRFDAKDIDQIPGRVGWLT
NMHATLVSQETLSSGSNGGGNSNDGERVTTNQGISGVDFYFLDEEGGSFKSTVVYDPYFFIACNDESRVNDVEELVKKYL
ESCLKSLQIIRKEDLTMDNHLLGLQKTLIKLSFVNSNQLFEARKLLRPILQDNANNNVQRNIYNVAANGSEKVDAKHLIE
DIREYDVPYHVRVSIDKDIRVGKWYKVTQQGFIEDTRKIAFADPVVMAFDIETTKPPLKFPDSAVDQIMMISYMIDGEGF
LITNREIISEDIEDFEYTPKPEYPGFFTIFNENDEVALLQRFFEHIRDVRPTVISTFNGDFFDWPFIHNRSKIHGLDMFD
EIGFAPDAEGEYKSSYCSHMDCFRWVKRDSYLPQGSQGLKAVTQSKLGYNPIELDPELMTPYAFEKPQHLSEYSVSDAVA
TYYLYMKYVHPFIFSLCTIIPLNPDETLRKGTGTLCEMLLMVQAYQHNILLPNKHTDPIERFYDGHLLESETYVGGHVES
LEAGVFRSDLKNEFKIDPSAIDELLQELPEALKFSVEVENKSSVDKVTNFEEIKNQITQKLLELKENNIRNELPLIYHVD
VASMYPNIMTTNRLQPDSIKAERDCASCDFNRPGKTCARKLKWAWRGEFFPSKMDEYNMIKRALQNETFPNKNKFSKKKV
LTFDELSYADQVIHIKKRLTEYSRKVYHRVKVSEIVEREAIVCQRENPFYVDTVKSFRDRRYEFKGLAKTWKGNLSKIDP
SDKHARDEAKKMIVLYDSLQLAHKVILNSFYGYVMRKGSRWYSMEMAGITCLTGATIIQMARALVERVGRPLELDTDGIW
CILPKSFPETYFFTLENGKKLYLSYPCSMLNYRVHQKFTNHQYQELKDPLNYIYETHSENTIFFEVDGPYKAMILPSSKE
EGKGIKKRYAVFNEDGSLAELKGFELKRRGELQLIKNFQSDIFKVFLEGDTLEGCYSAVASVCNRWLDVLDSHGLMLEDE
DLVSLICENRSMSKTLKEYEGQKSTSITTARRLGDFLGEDMVKDKGLQCKYIISSKPFNAPVTERAIPVAIFSADIPIKR
SFLRRWTLDPSLEDLDIRTIIDWGYYRERLGSAIQKIITIPAALQGVSNPVPRVEHPDWLKRKIATKEDKFKQTSLTKFF
SKTKNVPTMGKIKDIEDLFEPTVEEDNAKIKIARTTKKKAVSKRKRNQLTNEEDPLVLPSEIPSMDEDYVGWLNYQKIKW
KIQARDRKRRDQLFGNTNSSRERSALGSMIRKQAESYANSTWEVLQYKDSGEPGVLEVFVTINGKVQNITFHIPKTIYMK
FKSQTMPLQKIKNCLIEKSSASLPNNPKTSNPAGGQLFKITLPESVFLEEKENCTSIFNDENVLGVFEGTITPHQRAIMD
LGASVTFRSKAMGALGKGIQQGFEMKDLSMAENERYLSGFSMDIGYLLHFPTSIGYEFFSLFKSWGDTITILVLKPSNQA
QEINASSLGQIYKQMFEKKKGKIETYSYLVDIKEDINFEFVYFTDISKLYRRLSQETTKLKEERGLQFLLLLQSPFITKL
LGTIRLLNQMPIVKLSLNEVLLPQLNWQPTLLKKLVNHVLSSGSWISHLIKLSQYSNIPICNLRLDSMDYIIDVLYARKL
KKENIVLWWNEKAPLPDHGGIQNDFDLNTSWIMNDSEFPKINNSGVYDNVVLDVGVDNLTVNTILTSALINDAEGSDLVN
NNMGIDDKDAVINSPSEFVHDAFSNDALNVLRGMLKEWWDEALKENSTADLLVNSLASWVQNPNAKLFDGLLRYHVHNLT
KKALLQLVNEFSALGSTIVYADRNQILIKTNKYSPENCYAYSQYMMKAVRTNPMFSYLDLNIKRYWDLLIWMDKFNFSGL
ACIEIEEKENQDYTAVSQWQLKKFLSPIYQPEFEDWMMIILDSMLKTKQSYLKLNSGTQRPTQIVNVKKQDKEDSVENSL
NGFSHLFSKPLMKRVKKLFKNQQEFILDPQYEADYVIPVLPGSHLNVKNPLLELVKSLCHVMLLSKSTILEIRTLRKELL
KIFELREFAKVAEFKDPSLSLVVPDFLCEYCFFISDIDFCKAAPESIFSCVRCHKAFNQVLLQEHLIQKLRSDIESYLIQ
DLRCSRCHKVKRDYMSAHCPCAGAWEGTLPRESIVQKLNVFKQVAKYYGFDILLSCIADLTI
;
E
5 'polypeptide(L)'
;PSVDIDASQWQKLTQSREKQTTVITPLGMMMLEIQGELELPKDFASLARRDSPNEGRFSEQDGETLIRFGSLQIDGERAT
LFVGKKQRLLGKVTKLDVPMGIMHFNSKDNKVELVDVMKYKVIFKDRPLPIM
;
D
6 'polypeptide(L)'
;MSINLHSAPEYDPSYKLIQLTPELLDIIQDPVQNHQLRFKSLDKDKSEVVLCSHDKTWVLKQRKHSNTVLLMREFVPEQP
ITFDETLLFGLSKPYMDVVGFAKTESEFETRETHGELNLNSVPIYNGELDFSDKIMKRSSTKVIGTLEELLENSPCSALE
GISKWHKIGGSVKDGVLCILSQDFLFKALHVLLMSAMAESLDLQHLNVEDTHHAVGKDIEDEFNPYTREIIETVLNKFAV
QEQEAENNTWRLRIPFIAQWYGIQALRKYVSGISMPIDEFLIKWKSLFPPFFPCDIDIDMLRGYHFKPTDKTVQYIAKST
LPMDPKERFKVLFRLQSQWDLEDIKPLIEELNSRGMKIDSFIMKYARRKRLGKKTVVTSR
;
B
#
loop_
_chem_comp.id
_chem_comp.type
_chem_comp.name
_chem_comp.formula
DA DNA linking 2'-DEOXYADENOSINE-5'-MONOPHOSPHATE 'C10 H14 N5 O6 P'
DC DNA linking 2'-DEOXYCYTIDINE-5'-MONOPHOSPHATE 'C9 H14 N3 O7 P'
DG DNA linking 2'-DEOXYGUANOSINE-5'-MONOPHOSPHATE 'C10 H14 N5 O7 P'
DT DNA linking THYMIDINE-5'-MONOPHOSPHATE 'C10 H15 N2 O8 P'
SF4 non-polymer 'IRON/SULFUR CLUSTER' 'Fe4 S4'
#
# COMPACT_ATOMS: atom_id res chain seq x y z
N THR A 1 20.56 35.18 -27.63
CA THR A 1 19.46 36.13 -27.47
C THR A 1 18.11 35.42 -27.39
N VAL A 2 18.03 34.24 -28.00
CA VAL A 2 16.83 33.40 -28.00
C VAL A 2 17.26 32.11 -27.30
N LYS A 3 18.03 32.25 -26.23
CA LYS A 3 18.54 31.08 -25.55
C LYS A 3 17.98 30.96 -24.14
N ILE A 4 16.68 31.14 -24.01
CA ILE A 4 15.99 31.09 -22.72
C ILE A 4 14.88 30.07 -22.85
N TRP A 5 14.87 29.08 -21.95
CA TRP A 5 13.84 28.04 -22.02
C TRP A 5 13.76 27.32 -20.69
N VAL A 6 12.76 26.45 -20.59
CA VAL A 6 12.51 25.62 -19.43
C VAL A 6 12.81 24.17 -19.79
N LYS A 7 13.71 23.55 -19.03
CA LYS A 7 13.93 22.11 -19.17
C LYS A 7 12.86 21.44 -18.32
N TYR A 8 11.87 20.86 -19.00
CA TYR A 8 10.69 20.31 -18.35
C TYR A 8 10.99 19.09 -17.50
N ASN A 9 10.54 19.15 -16.24
CA ASN A 9 10.53 18.01 -15.36
C ASN A 9 9.26 17.21 -15.63
N GLU A 10 9.42 15.92 -15.87
CA GLU A 10 8.29 15.06 -16.22
C GLU A 10 7.22 15.00 -15.13
N GLY A 11 7.60 15.07 -13.87
CA GLY A 11 6.63 15.05 -12.79
C GLY A 11 7.02 15.95 -11.65
N PHE A 12 6.01 16.41 -10.92
CA PHE A 12 6.22 17.31 -9.80
C PHE A 12 6.76 16.50 -8.64
N SER A 13 7.81 16.99 -8.02
CA SER A 13 8.39 16.32 -6.88
C SER A 13 8.47 17.32 -5.73
N ASN A 14 8.06 16.91 -4.54
CA ASN A 14 8.30 17.68 -3.34
C ASN A 14 9.24 16.89 -2.43
N ALA A 15 10.36 17.54 -2.08
CA ALA A 15 11.43 17.00 -1.25
C ALA A 15 11.04 16.83 0.23
N VAL A 16 11.94 16.14 0.92
CA VAL A 16 11.85 15.86 2.34
C VAL A 16 11.88 17.10 3.22
N ARG A 17 11.04 17.12 4.25
CA ARG A 17 11.10 18.19 5.24
C ARG A 17 12.46 18.21 5.93
N LYS A 18 13.02 19.38 6.16
CA LYS A 18 14.31 19.46 6.84
C LYS A 18 14.20 20.36 8.07
N ASN A 19 15.03 20.11 9.07
CA ASN A 19 15.13 21.01 10.21
C ASN A 19 15.77 22.33 9.79
N VAL A 20 15.57 23.37 10.59
CA VAL A 20 16.13 24.67 10.27
C VAL A 20 17.05 25.12 11.40
N THR A 21 18.25 25.55 11.01
CA THR A 21 19.18 26.12 11.98
C THR A 21 19.20 27.63 11.78
N TRP A 22 19.86 28.32 12.70
CA TRP A 22 19.97 29.77 12.62
C TRP A 22 20.76 30.15 11.37
N ASN A 23 21.78 29.36 11.04
CA ASN A 23 22.61 29.58 9.88
C ASN A 23 21.84 29.31 8.59
N ASN A 24 20.79 28.49 8.66
CA ASN A 24 19.97 28.22 7.49
C ASN A 24 19.28 29.49 7.03
N LEU A 25 18.94 30.37 7.97
CA LEU A 25 18.27 31.61 7.62
C LEU A 25 19.29 32.61 7.12
N TRP A 26 20.39 32.77 7.86
CA TRP A 26 21.46 33.65 7.42
C TRP A 26 22.62 32.85 6.85
N ALA D 19 20.53 -58.77 -5.68
CA ALA D 19 20.56 -58.93 -4.23
C ALA D 19 21.88 -58.34 -3.66
N GLY D 20 21.95 -57.01 -3.53
CA GLY D 20 23.21 -56.35 -3.19
C GLY D 20 23.11 -54.83 -2.97
N ASN D 21 22.16 -54.36 -2.14
CA ASN D 21 22.27 -53.02 -1.52
C ASN D 21 21.35 -52.73 -0.30
N LYS D 22 20.71 -53.75 0.32
CA LYS D 22 19.69 -53.54 1.37
C LYS D 22 20.16 -52.85 2.67
N TYR D 23 21.47 -52.74 2.91
CA TYR D 23 22.00 -52.13 4.14
C TYR D 23 22.34 -50.63 4.05
N ASN D 24 22.48 -50.05 2.85
CA ASN D 24 22.93 -48.65 2.70
C ASN D 24 21.81 -47.60 2.71
N THR D 25 20.53 -47.99 2.66
CA THR D 25 19.41 -47.03 2.69
C THR D 25 18.97 -46.68 4.11
N LEU D 26 19.07 -47.62 5.07
CA LEU D 26 18.71 -47.39 6.46
C LEU D 26 19.63 -46.35 7.13
N SER D 27 20.95 -46.46 6.93
CA SER D 27 21.95 -45.54 7.51
C SER D 27 21.72 -44.08 7.10
N ASN D 28 21.40 -43.82 5.83
CA ASN D 28 21.14 -42.46 5.33
C ASN D 28 19.90 -41.82 5.96
N ASN D 29 18.87 -42.58 6.31
CA ASN D 29 17.64 -42.01 6.91
C ASN D 29 17.84 -41.64 8.38
N TYR D 30 18.61 -42.45 9.13
CA TYR D 30 19.02 -42.05 10.49
C TYR D 30 19.93 -40.82 10.46
N ALA D 31 20.87 -40.73 9.51
CA ALA D 31 21.71 -39.56 9.32
C ALA D 31 20.87 -38.30 8.98
N LEU D 32 19.89 -38.40 8.09
CA LEU D 32 19.00 -37.29 7.75
C LEU D 32 18.14 -36.86 8.95
N SER D 33 17.61 -37.82 9.72
CA SER D 33 16.82 -37.51 10.93
C SER D 33 17.66 -36.83 12.02
N ALA D 34 18.94 -37.21 12.16
CA ALA D 34 19.87 -36.55 13.08
C ALA D 34 20.21 -35.13 12.61
N GLN D 35 20.44 -34.92 11.31
CA GLN D 35 20.66 -33.59 10.72
C GLN D 35 19.44 -32.67 10.92
N GLN D 36 18.22 -33.20 10.75
CA GLN D 36 16.99 -32.44 10.97
C GLN D 36 16.78 -32.10 12.46
N LEU D 37 17.09 -33.00 13.39
CA LEU D 37 17.09 -32.71 14.83
C LEU D 37 18.12 -31.63 15.21
N LEU D 38 19.29 -31.63 14.58
CA LEU D 38 20.33 -30.63 14.83
C LEU D 38 19.91 -29.25 14.31
N ASN D 39 19.25 -29.19 13.16
CA ASN D 39 18.63 -27.95 12.68
C ASN D 39 17.46 -27.50 13.59
N ALA D 40 16.64 -28.44 14.09
CA ALA D 40 15.55 -28.11 15.02
C ALA D 40 16.08 -27.56 16.35
N SER D 41 17.19 -28.09 16.87
CA SER D 41 17.88 -27.53 18.05
C SER D 41 18.35 -26.11 17.80
N LYS D 42 19.03 -25.84 16.67
CA LYS D 42 19.44 -24.48 16.30
C LYS D 42 18.24 -23.52 16.22
N ILE D 43 17.11 -23.97 15.68
CA ILE D 43 15.88 -23.18 15.61
C ILE D 43 15.33 -22.93 17.03
N ASP D 44 15.33 -23.92 17.92
CA ASP D 44 14.93 -23.75 19.32
C ASP D 44 15.81 -22.73 20.07
N ASP D 45 17.13 -22.72 19.81
CA ASP D 45 18.07 -21.76 20.41
C ASP D 45 17.78 -20.33 19.91
N ILE D 46 17.60 -20.14 18.59
CA ILE D 46 17.23 -18.87 17.96
C ILE D 46 15.87 -18.37 18.46
N ASP D 47 14.87 -19.24 18.51
CA ASP D 47 13.53 -18.88 18.98
C ASP D 47 13.56 -18.39 20.43
N SER D 48 14.33 -19.07 21.29
CA SER D 48 14.50 -18.70 22.70
C SER D 48 15.21 -17.34 22.86
N MET D 49 16.25 -17.08 22.05
CA MET D 49 16.91 -15.75 21.97
C MET D 49 15.90 -14.64 21.63
N MET D 50 14.96 -14.92 20.72
CA MET D 50 13.92 -13.99 20.27
C MET D 50 12.64 -14.02 21.15
N GLY D 51 12.69 -14.66 22.33
CA GLY D 51 11.61 -14.69 23.33
C GLY D 51 10.60 -15.84 23.21
N PHE D 52 10.70 -16.66 22.18
CA PHE D 52 9.81 -17.80 21.92
C PHE D 52 10.26 -19.08 22.63
N GLU D 53 10.37 -19.00 23.96
CA GLU D 53 10.51 -20.15 24.87
C GLU D 53 9.40 -21.18 24.66
N ARG D 54 9.73 -22.48 24.71
CA ARG D 54 8.77 -23.58 24.49
C ARG D 54 7.92 -23.82 25.76
N TYR D 55 6.74 -23.23 25.78
CA TYR D 55 5.73 -23.43 26.82
C TYR D 55 5.10 -24.83 26.76
N VAL D 56 5.12 -25.54 27.89
CA VAL D 56 4.41 -26.80 28.11
C VAL D 56 3.32 -26.56 29.16
N PRO D 57 2.03 -26.76 28.84
CA PRO D 57 0.93 -26.45 29.75
C PRO D 57 0.86 -27.41 30.96
N PRO D 58 0.34 -26.96 32.12
CA PRO D 58 0.15 -27.80 33.30
C PRO D 58 -0.75 -29.02 33.04
N GLN D 59 -0.50 -30.12 33.74
CA GLN D 59 -1.39 -31.29 33.68
C GLN D 59 -2.75 -30.97 34.31
N TYR D 60 -3.82 -31.35 33.62
CA TYR D 60 -5.21 -31.14 34.03
C TYR D 60 -6.04 -32.40 33.79
N ASN D 61 -6.41 -33.08 34.87
CA ASN D 61 -7.22 -34.31 34.83
C ASN D 61 -8.74 -34.06 34.90
N GLY D 62 -9.17 -32.80 34.82
CA GLY D 62 -10.60 -32.43 34.91
C GLY D 62 -11.38 -32.71 33.62
N ARG D 63 -12.70 -32.52 33.68
CA ARG D 63 -13.57 -32.71 32.51
C ARG D 63 -13.32 -31.59 31.51
N PHE D 64 -12.99 -31.95 30.27
CA PHE D 64 -12.76 -31.01 29.18
C PHE D 64 -14.10 -30.52 28.61
N ASP D 65 -14.41 -29.24 28.81
CA ASP D 65 -15.48 -28.50 28.12
C ASP D 65 -14.94 -27.11 27.75
N ALA D 66 -15.04 -26.75 26.46
CA ALA D 66 -14.56 -25.46 25.96
C ALA D 66 -15.39 -24.25 26.48
N LYS D 67 -16.57 -24.49 27.07
CA LYS D 67 -17.38 -23.41 27.67
C LYS D 67 -16.77 -22.85 28.95
N ASP D 68 -16.05 -23.67 29.70
CA ASP D 68 -15.39 -23.29 30.95
C ASP D 68 -13.89 -22.99 30.72
N ILE D 69 -13.55 -22.44 29.55
CA ILE D 69 -12.16 -22.17 29.10
C ILE D 69 -11.32 -21.45 30.14
N ASP D 70 -11.91 -20.55 30.92
CA ASP D 70 -11.22 -19.77 31.94
C ASP D 70 -10.76 -20.61 33.14
N GLN D 71 -11.43 -21.75 33.32
CA GLN D 71 -10.96 -22.74 34.34
C GLN D 71 -10.02 -23.68 33.60
N ILE D 72 -10.24 -23.86 32.30
CA ILE D 72 -9.35 -24.73 31.47
C ILE D 72 -7.91 -24.28 31.70
N PRO D 73 -6.91 -25.19 31.73
CA PRO D 73 -5.55 -24.84 32.12
C PRO D 73 -4.59 -24.59 30.96
N GLY D 74 -3.37 -24.13 31.25
CA GLY D 74 -2.36 -23.89 30.21
C GLY D 74 -2.16 -22.41 29.95
N ARG D 75 -2.51 -21.95 28.74
CA ARG D 75 -2.36 -20.54 28.35
C ARG D 75 -3.12 -20.27 27.06
N VAL D 76 -3.87 -19.18 27.01
CA VAL D 76 -4.56 -18.72 25.80
C VAL D 76 -3.60 -17.86 24.97
N GLY D 77 -3.64 -18.01 23.65
CA GLY D 77 -2.90 -17.14 22.75
C GLY D 77 -3.42 -17.17 21.32
N TRP D 78 -3.17 -16.07 20.60
CA TRP D 78 -3.39 -15.94 19.17
C TRP D 78 -2.19 -16.51 18.41
N LEU D 79 -2.43 -17.48 17.53
CA LEU D 79 -1.36 -18.15 16.79
C LEU D 79 -0.87 -17.27 15.63
N THR D 80 0.31 -16.67 15.76
CA THR D 80 0.89 -15.76 14.75
C THR D 80 1.76 -16.49 13.72
N ASN D 81 2.52 -17.52 14.11
CA ASN D 81 3.44 -18.23 13.21
C ASN D 81 3.57 -19.73 13.53
N MET D 82 3.39 -20.53 12.40
CA MET D 82 3.54 -21.98 12.61
C MET D 82 4.51 -22.63 11.60
N HIS D 83 5.30 -23.60 12.06
CA HIS D 83 6.29 -24.33 11.24
C HIS D 83 6.40 -25.81 11.61
N ALA D 84 6.71 -26.67 10.64
CA ALA D 84 7.00 -28.08 10.88
C ALA D 84 8.39 -28.26 11.51
N THR D 85 8.49 -29.09 12.53
CA THR D 85 9.74 -29.39 13.26
C THR D 85 9.89 -30.89 13.53
N LEU D 86 11.07 -31.29 14.02
CA LEU D 86 11.39 -32.65 14.43
C LEU D 86 11.88 -32.64 15.88
N VAL D 87 11.14 -33.29 16.79
CA VAL D 87 11.34 -33.19 18.24
C VAL D 87 11.94 -34.48 18.79
N SER D 88 12.80 -34.35 19.80
CA SER D 88 13.33 -35.48 20.58
C SER D 88 12.30 -35.92 21.64
N GLY D 113 13.81 -38.82 15.44
CA GLY D 113 12.97 -37.67 15.79
C GLY D 113 11.50 -37.91 15.45
N ILE D 114 10.59 -37.34 16.25
CA ILE D 114 9.14 -37.38 16.06
C ILE D 114 8.72 -36.11 15.33
N SER D 115 7.84 -36.20 14.33
CA SER D 115 7.32 -35.00 13.66
C SER D 115 6.34 -34.23 14.54
N GLY D 116 6.47 -32.91 14.55
CA GLY D 116 5.62 -31.96 15.27
C GLY D 116 5.50 -30.63 14.54
N VAL D 117 4.62 -29.77 15.01
CA VAL D 117 4.50 -28.38 14.52
C VAL D 117 4.67 -27.45 15.71
N ASP D 118 5.59 -26.49 15.58
CA ASP D 118 5.76 -25.39 16.52
C ASP D 118 4.80 -24.26 16.13
N PHE D 119 4.10 -23.73 17.12
CA PHE D 119 3.10 -22.66 17.01
C PHE D 119 3.55 -21.48 17.88
N TYR D 120 3.58 -20.29 17.29
CA TYR D 120 4.20 -19.10 17.86
C TYR D 120 3.11 -18.12 18.29
N PHE D 121 2.91 -17.84 19.56
CA PHE D 121 1.70 -17.02 19.81
C PHE D 121 1.98 -15.57 20.20
N LEU D 122 1.74 -14.67 19.25
CA LEU D 122 1.89 -13.26 19.60
C LEU D 122 1.18 -13.21 20.93
N ASP D 123 0.18 -14.07 21.05
CA ASP D 123 -0.44 -14.20 22.39
C ASP D 123 -1.05 -12.86 22.84
N GLU D 124 -1.91 -13.01 23.83
CA GLU D 124 -2.56 -11.82 24.40
C GLU D 124 -1.65 -11.49 25.53
N GLU D 125 -1.67 -10.24 25.90
CA GLU D 125 -0.87 -9.92 27.09
C GLU D 125 0.61 -10.13 26.79
N GLY D 126 1.04 -11.37 26.57
CA GLY D 126 2.48 -11.64 26.46
C GLY D 126 3.17 -11.06 25.24
N GLY D 127 4.50 -11.03 25.31
CA GLY D 127 5.28 -10.62 24.13
C GLY D 127 5.30 -11.79 23.19
N SER D 128 5.29 -13.02 23.73
CA SER D 128 5.22 -14.24 22.86
C SER D 128 5.62 -15.52 23.59
N PHE D 129 5.26 -16.67 23.03
CA PHE D 129 5.66 -17.99 23.58
C PHE D 129 5.37 -19.10 22.58
N LYS D 130 6.29 -20.06 22.42
CA LYS D 130 5.86 -21.09 21.46
C LYS D 130 5.35 -22.34 22.16
N SER D 131 4.56 -23.15 21.45
CA SER D 131 4.13 -24.47 21.91
C SER D 131 4.06 -25.46 20.76
N THR D 132 4.27 -26.75 21.05
CA THR D 132 4.45 -27.78 20.02
C THR D 132 3.33 -28.82 20.07
N VAL D 133 2.74 -29.13 18.91
CA VAL D 133 1.81 -30.27 18.77
C VAL D 133 2.49 -31.38 17.97
N VAL D 134 2.65 -32.55 18.58
CA VAL D 134 3.09 -33.77 17.91
C VAL D 134 1.91 -34.52 17.28
N TYR D 135 2.11 -35.05 16.07
CA TYR D 135 1.07 -35.78 15.34
C TYR D 135 1.70 -36.75 14.33
N ASP D 136 1.20 -37.98 14.22
CA ASP D 136 1.79 -38.96 13.31
C ASP D 136 1.46 -38.61 11.84
N PRO D 137 2.47 -38.42 10.95
CA PRO D 137 2.22 -38.35 9.51
C PRO D 137 1.55 -39.65 9.03
N TYR D 138 0.58 -39.53 8.13
CA TYR D 138 -0.14 -40.69 7.60
C TYR D 138 -0.55 -40.54 6.13
N PHE D 139 -0.85 -41.66 5.48
CA PHE D 139 -1.56 -41.73 4.19
C PHE D 139 -2.38 -43.02 4.09
N PHE D 140 -3.12 -43.21 3.00
CA PHE D 140 -4.00 -44.37 2.81
C PHE D 140 -3.58 -45.28 1.64
N ILE D 141 -3.83 -46.57 1.76
CA ILE D 141 -3.89 -47.51 0.63
C ILE D 141 -5.36 -47.79 0.29
N ALA D 142 -5.67 -47.77 -1.00
CA ALA D 142 -6.93 -48.23 -1.56
C ALA D 142 -6.80 -49.66 -2.10
N CYS D 143 -7.85 -50.46 -1.88
CA CYS D 143 -7.98 -51.82 -2.39
C CYS D 143 -9.03 -51.89 -3.51
N ASN D 144 -8.81 -52.76 -4.50
CA ASN D 144 -9.76 -53.02 -5.58
C ASN D 144 -10.90 -53.99 -5.17
N ASP D 145 -10.63 -54.90 -4.23
CA ASP D 145 -11.58 -55.86 -3.67
C ASP D 145 -11.66 -55.68 -2.14
N GLU D 146 -12.79 -55.16 -1.67
CA GLU D 146 -13.03 -54.93 -0.23
C GLU D 146 -13.19 -56.23 0.58
N SER D 147 -13.40 -57.38 -0.07
CA SER D 147 -13.52 -58.67 0.64
C SER D 147 -12.17 -59.22 1.12
N ARG D 148 -11.05 -58.76 0.54
CA ARG D 148 -9.69 -59.25 0.81
C ARG D 148 -8.75 -58.20 1.38
N VAL D 149 -9.28 -57.15 2.03
CA VAL D 149 -8.50 -56.09 2.70
C VAL D 149 -7.51 -56.67 3.72
N ASN D 150 -7.91 -57.71 4.46
CA ASN D 150 -7.04 -58.38 5.46
C ASN D 150 -5.78 -59.02 4.82
N ASP D 151 -5.88 -59.59 3.60
CA ASP D 151 -4.72 -60.13 2.87
C ASP D 151 -3.74 -58.99 2.49
N VAL D 152 -4.26 -57.81 2.15
CA VAL D 152 -3.45 -56.61 1.86
C VAL D 152 -2.84 -56.06 3.13
N GLU D 153 -3.57 -56.07 4.25
CA GLU D 153 -3.09 -55.64 5.56
C GLU D 153 -1.86 -56.45 6.01
N GLU D 154 -1.94 -57.79 5.93
CA GLU D 154 -0.83 -58.67 6.28
C GLU D 154 0.39 -58.43 5.36
N LEU D 155 0.15 -58.28 4.06
CA LEU D 155 1.19 -57.95 3.08
C LEU D 155 1.91 -56.64 3.44
N VAL D 156 1.18 -55.55 3.74
CA VAL D 156 1.80 -54.24 3.96
C VAL D 156 2.47 -54.13 5.33
N LYS D 157 1.92 -54.77 6.38
CA LYS D 157 2.61 -54.93 7.68
C LYS D 157 4.01 -55.53 7.48
N LYS D 158 4.09 -56.62 6.70
CA LYS D 158 5.33 -57.36 6.45
C LYS D 158 6.27 -56.70 5.44
N TYR D 159 5.73 -55.91 4.50
CA TYR D 159 6.50 -55.24 3.46
C TYR D 159 7.06 -53.87 3.89
N LEU D 160 6.40 -53.19 4.84
CA LEU D 160 6.76 -51.85 5.33
C LEU D 160 7.31 -51.83 6.78
N GLU D 161 7.56 -53.01 7.37
CA GLU D 161 8.06 -53.22 8.74
C GLU D 161 9.25 -52.32 9.13
N SER D 162 10.10 -51.93 8.17
CA SER D 162 11.27 -51.07 8.39
C SER D 162 10.95 -49.59 8.66
N CYS D 163 9.72 -49.13 8.46
CA CYS D 163 9.35 -47.70 8.51
C CYS D 163 7.95 -47.41 9.08
N LEU D 164 7.03 -48.37 9.03
CA LEU D 164 5.65 -48.23 9.50
C LEU D 164 5.59 -48.17 11.03
N LYS D 165 4.88 -47.18 11.60
CA LYS D 165 4.64 -47.09 13.06
C LYS D 165 3.41 -47.90 13.45
N SER D 166 2.31 -47.65 12.75
CA SER D 166 1.03 -48.33 13.00
C SER D 166 0.17 -48.36 11.74
N LEU D 167 -0.83 -49.23 11.75
CA LEU D 167 -1.77 -49.43 10.67
C LEU D 167 -3.18 -49.52 11.26
N GLN D 168 -4.18 -49.01 10.54
CA GLN D 168 -5.59 -49.07 10.93
C GLN D 168 -6.49 -49.13 9.69
N ILE D 169 -7.50 -50.00 9.69
CA ILE D 169 -8.55 -49.95 8.66
C ILE D 169 -9.55 -48.84 9.02
N ILE D 170 -9.83 -47.94 8.08
CA ILE D 170 -10.80 -46.85 8.23
C ILE D 170 -11.78 -46.82 7.04
N ARG D 171 -12.81 -45.98 7.14
CA ARG D 171 -13.80 -45.75 6.08
C ARG D 171 -13.94 -44.25 5.81
N LYS D 172 -13.97 -43.87 4.53
CA LYS D 172 -14.20 -42.49 4.06
C LYS D 172 -15.21 -42.48 2.92
N GLU D 173 -15.90 -41.36 2.75
CA GLU D 173 -16.74 -41.16 1.57
C GLU D 173 -15.85 -40.90 0.35
N ASP D 174 -16.03 -41.66 -0.75
CA ASP D 174 -15.33 -41.43 -2.02
C ASP D 174 -16.38 -41.09 -3.08
N LEU D 175 -16.41 -39.84 -3.56
CA LEU D 175 -17.45 -39.34 -4.48
C LEU D 175 -17.37 -39.96 -5.89
N THR D 176 -16.31 -40.73 -6.17
CA THR D 176 -16.17 -41.55 -7.38
C THR D 176 -16.71 -42.98 -7.21
N MET D 177 -17.04 -43.40 -5.99
CA MET D 177 -17.65 -44.71 -5.73
C MET D 177 -19.14 -44.70 -6.10
N ASP D 178 -19.57 -45.75 -6.80
CA ASP D 178 -20.98 -45.99 -7.12
C ASP D 178 -21.83 -46.08 -5.84
N ASN D 179 -22.92 -45.30 -5.77
CA ASN D 179 -23.89 -45.30 -4.66
C ASN D 179 -23.36 -44.81 -3.30
N HIS D 180 -22.25 -44.05 -3.24
CA HIS D 180 -21.81 -43.40 -2.00
C HIS D 180 -22.90 -42.50 -1.37
N LEU D 181 -23.79 -41.90 -2.19
CA LEU D 181 -24.98 -41.14 -1.76
C LEU D 181 -26.02 -41.94 -0.93
N LEU D 182 -25.83 -43.24 -0.75
CA LEU D 182 -26.58 -44.10 0.18
C LEU D 182 -25.80 -44.39 1.48
N GLY D 183 -24.69 -43.69 1.72
CA GLY D 183 -23.79 -43.92 2.85
C GLY D 183 -22.75 -45.03 2.63
N LEU D 184 -22.58 -45.51 1.39
CA LEU D 184 -21.50 -46.46 1.09
C LEU D 184 -20.14 -45.73 1.15
N GLN D 185 -19.23 -46.24 1.96
CA GLN D 185 -17.90 -45.65 2.19
C GLN D 185 -16.81 -46.60 1.73
N LYS D 186 -15.76 -46.07 1.09
CA LYS D 186 -14.62 -46.87 0.65
C LYS D 186 -13.78 -47.27 1.85
N THR D 187 -13.47 -48.57 1.93
CA THR D 187 -12.57 -49.15 2.94
C THR D 187 -11.12 -48.86 2.56
N LEU D 188 -10.35 -48.33 3.51
CA LEU D 188 -8.99 -47.84 3.31
C LEU D 188 -8.07 -48.31 4.43
N ILE D 189 -6.82 -48.59 4.11
CA ILE D 189 -5.79 -48.90 5.11
C ILE D 189 -5.01 -47.62 5.41
N LYS D 190 -5.20 -47.03 6.60
CA LYS D 190 -4.39 -45.91 7.12
C LYS D 190 -3.04 -46.43 7.57
N LEU D 191 -1.97 -45.91 6.97
CA LEU D 191 -0.60 -46.14 7.38
C LEU D 191 -0.09 -44.91 8.12
N SER D 192 0.37 -45.07 9.36
CA SER D 192 0.91 -43.99 10.19
C SER D 192 2.40 -44.20 10.46
N PHE D 193 3.14 -43.11 10.59
CA PHE D 193 4.60 -43.08 10.66
C PHE D 193 5.07 -42.24 11.85
N VAL D 194 6.31 -42.43 12.31
CA VAL D 194 6.88 -41.62 13.40
C VAL D 194 7.25 -40.21 12.91
N ASN D 195 7.68 -40.09 11.66
CA ASN D 195 8.04 -38.83 11.03
C ASN D 195 7.89 -38.88 9.50
N SER D 196 7.96 -37.69 8.88
CA SER D 196 7.76 -37.51 7.43
C SER D 196 8.81 -38.23 6.56
N ASN D 197 10.01 -38.52 7.08
CA ASN D 197 11.03 -39.26 6.34
C ASN D 197 10.61 -40.73 6.17
N GLN D 198 10.10 -41.36 7.23
CA GLN D 198 9.61 -42.75 7.18
C GLN D 198 8.39 -42.89 6.24
N LEU D 199 7.50 -41.89 6.23
CA LEU D 199 6.39 -41.81 5.27
C LEU D 199 6.90 -41.78 3.82
N PHE D 200 7.97 -41.04 3.56
CA PHE D 200 8.56 -40.94 2.22
C PHE D 200 9.23 -42.25 1.76
N GLU D 201 9.87 -42.98 2.67
CA GLU D 201 10.41 -44.32 2.36
C GLU D 201 9.30 -45.33 2.05
N ALA D 202 8.19 -45.33 2.79
CA ALA D 202 7.04 -46.17 2.48
C ALA D 202 6.50 -45.88 1.06
N ARG D 203 6.43 -44.61 0.65
CA ARG D 203 6.06 -44.22 -0.72
C ARG D 203 7.06 -44.75 -1.77
N LYS D 204 8.37 -44.73 -1.48
CA LYS D 204 9.40 -45.29 -2.37
C LYS D 204 9.30 -46.81 -2.52
N LEU D 205 8.88 -47.52 -1.47
CA LEU D 205 8.65 -48.97 -1.50
C LEU D 205 7.37 -49.35 -2.24
N LEU D 206 6.28 -48.58 -2.09
CA LEU D 206 4.98 -48.88 -2.73
C LEU D 206 4.92 -48.50 -4.21
N ARG D 207 5.58 -47.41 -4.65
CA ARG D 207 5.47 -46.92 -6.04
C ARG D 207 5.85 -47.97 -7.11
N PRO D 208 6.88 -48.82 -6.94
CA PRO D 208 7.18 -49.91 -7.87
C PRO D 208 6.05 -50.93 -8.02
N ILE D 209 5.32 -51.26 -6.95
CA ILE D 209 4.19 -52.21 -6.99
C ILE D 209 3.05 -51.62 -7.83
N LEU D 210 2.72 -50.34 -7.61
CA LEU D 210 1.71 -49.63 -8.40
C LEU D 210 2.08 -49.56 -9.89
N GLN D 211 3.36 -49.35 -10.20
CA GLN D 211 3.86 -49.34 -11.59
C GLN D 211 3.84 -50.72 -12.25
N ASP D 212 4.11 -51.79 -11.50
CA ASP D 212 4.03 -53.16 -12.00
C ASP D 212 2.56 -53.55 -12.27
N ASN D 213 1.67 -53.30 -11.29
CA ASN D 213 0.22 -53.53 -11.40
C ASN D 213 -0.39 -52.78 -12.61
N ALA D 214 0.00 -51.53 -12.86
CA ALA D 214 -0.54 -50.73 -13.95
C ALA D 214 -0.03 -51.15 -15.36
N ASN D 215 1.18 -51.69 -15.46
CA ASN D 215 1.81 -52.02 -16.74
C ASN D 215 1.66 -53.49 -17.16
N ASN D 216 1.63 -54.42 -16.19
CA ASN D 216 1.76 -55.85 -16.44
C ASN D 216 0.50 -56.63 -16.01
N ASP D 234 -2.66 -62.79 -6.29
CA ASP D 234 -1.62 -62.26 -5.39
C ASP D 234 -2.10 -60.97 -4.71
N ALA D 235 -1.89 -60.86 -3.39
CA ALA D 235 -2.26 -59.70 -2.59
C ALA D 235 -1.63 -58.38 -3.10
N LYS D 236 -0.49 -58.44 -3.80
CA LYS D 236 0.12 -57.26 -4.45
C LYS D 236 -0.78 -56.64 -5.51
N HIS D 237 -1.48 -57.45 -6.29
CA HIS D 237 -2.41 -56.98 -7.33
C HIS D 237 -3.73 -56.43 -6.75
N LEU D 238 -3.96 -56.56 -5.44
CA LEU D 238 -5.12 -55.97 -4.77
C LEU D 238 -4.90 -54.49 -4.38
N ILE D 239 -3.65 -54.01 -4.40
CA ILE D 239 -3.30 -52.61 -4.15
C ILE D 239 -3.63 -51.79 -5.40
N GLU D 240 -4.67 -50.97 -5.31
CA GLU D 240 -5.19 -50.13 -6.38
C GLU D 240 -4.36 -48.85 -6.54
N ASP D 241 -4.28 -48.03 -5.49
CA ASP D 241 -3.49 -46.80 -5.45
C ASP D 241 -3.18 -46.40 -3.99
N ILE D 242 -2.29 -45.42 -3.82
CA ILE D 242 -2.07 -44.70 -2.56
C ILE D 242 -2.81 -43.36 -2.60
N ARG D 243 -3.48 -42.98 -1.52
CA ARG D 243 -4.31 -41.76 -1.43
C ARG D 243 -3.81 -40.84 -0.31
N GLU D 244 -3.97 -39.53 -0.47
CA GLU D 244 -3.58 -38.49 0.50
C GLU D 244 -2.07 -38.44 0.89
N TYR D 245 -1.22 -39.06 0.08
CA TYR D 245 0.22 -39.23 0.36
C TYR D 245 1.08 -37.96 0.18
N ASP D 246 0.50 -36.88 -0.34
CA ASP D 246 1.17 -35.66 -0.79
C ASP D 246 0.66 -34.37 -0.09
N VAL D 247 -0.08 -34.51 1.01
CA VAL D 247 -0.48 -33.37 1.85
C VAL D 247 0.74 -32.90 2.67
N PRO D 248 1.11 -31.59 2.65
CA PRO D 248 2.18 -31.08 3.49
C PRO D 248 1.91 -31.32 4.98
N TYR D 249 2.95 -31.62 5.76
CA TYR D 249 2.75 -32.10 7.12
C TYR D 249 2.17 -31.05 8.08
N HIS D 250 2.63 -29.79 8.03
CA HIS D 250 2.05 -28.70 8.81
C HIS D 250 0.60 -28.39 8.41
N VAL D 251 0.30 -28.43 7.10
CA VAL D 251 -1.08 -28.35 6.59
C VAL D 251 -1.94 -29.48 7.13
N ARG D 252 -1.41 -30.72 7.19
CA ARG D 252 -2.12 -31.87 7.79
C ARG D 252 -2.47 -31.58 9.25
N VAL D 253 -1.51 -31.16 10.07
CA VAL D 253 -1.76 -30.85 11.49
C VAL D 253 -2.75 -29.70 11.65
N SER D 254 -2.60 -28.63 10.86
CA SER D 254 -3.51 -27.48 10.86
C SER D 254 -4.95 -27.87 10.51
N ILE D 255 -5.17 -28.72 9.50
CA ILE D 255 -6.50 -29.23 9.13
C ILE D 255 -7.05 -30.17 10.22
N ASP D 256 -6.30 -31.22 10.58
CA ASP D 256 -6.73 -32.28 11.49
C ASP D 256 -6.96 -31.81 12.94
N LYS D 257 -6.36 -30.69 13.34
CA LYS D 257 -6.55 -30.05 14.66
C LYS D 257 -7.36 -28.75 14.61
N ASP D 258 -7.78 -28.33 13.42
CA ASP D 258 -8.46 -27.06 13.12
C ASP D 258 -7.78 -25.78 13.66
N ILE D 259 -6.44 -25.77 13.70
CA ILE D 259 -5.63 -24.63 14.17
C ILE D 259 -5.34 -23.68 12.99
N ARG D 260 -5.50 -22.36 13.19
CA ARG D 260 -5.32 -21.42 12.05
C ARG D 260 -4.59 -20.15 12.51
N VAL D 261 -3.57 -19.72 11.76
CA VAL D 261 -2.91 -18.43 12.08
C VAL D 261 -3.97 -17.33 11.92
N GLY D 262 -3.86 -16.23 12.67
CA GLY D 262 -4.92 -15.20 12.59
C GLY D 262 -6.09 -15.57 13.47
N LYS D 263 -6.13 -16.80 13.98
CA LYS D 263 -7.22 -17.21 14.92
C LYS D 263 -6.63 -17.29 16.34
N TRP D 264 -7.46 -17.14 17.36
CA TRP D 264 -6.97 -17.30 18.75
C TRP D 264 -7.24 -18.73 19.23
N TYR D 265 -6.29 -19.31 19.95
CA TYR D 265 -6.38 -20.64 20.54
C TYR D 265 -5.90 -20.67 21.99
N LYS D 266 -6.50 -21.54 22.81
CA LYS D 266 -5.94 -21.99 24.08
C LYS D 266 -5.18 -23.30 23.86
N VAL D 267 -3.89 -23.31 24.17
CA VAL D 267 -3.00 -24.47 24.06
C VAL D 267 -3.12 -25.32 25.32
N THR D 268 -3.60 -26.57 25.16
CA THR D 268 -3.91 -27.52 26.26
C THR D 268 -3.31 -28.90 25.97
N GLN D 269 -3.24 -29.79 26.95
CA GLN D 269 -2.71 -31.16 26.75
C GLN D 269 -3.46 -31.93 25.65
N GLN D 270 -4.78 -31.73 25.53
CA GLN D 270 -5.63 -32.39 24.55
C GLN D 270 -5.45 -31.85 23.12
N GLY D 271 -4.87 -30.66 22.98
CA GLY D 271 -4.73 -29.95 21.71
C GLY D 271 -5.06 -28.46 21.84
N PHE D 272 -5.35 -27.82 20.71
CA PHE D 272 -5.65 -26.39 20.64
C PHE D 272 -7.17 -26.18 20.56
N ILE D 273 -7.71 -25.31 21.40
CA ILE D 273 -9.14 -24.97 21.45
C ILE D 273 -9.33 -23.55 20.92
N GLU D 274 -10.11 -23.38 19.86
CA GLU D 274 -10.27 -22.02 19.26
C GLU D 274 -11.02 -21.10 20.22
N ASP D 275 -10.69 -19.81 20.24
CA ASP D 275 -11.38 -18.83 21.11
C ASP D 275 -12.12 -17.82 20.22
N THR D 276 -13.30 -17.36 20.67
CA THR D 276 -14.12 -16.44 19.82
C THR D 276 -14.30 -15.09 20.53
N ARG D 277 -14.18 -15.06 21.86
CA ARG D 277 -14.37 -13.82 22.64
C ARG D 277 -13.37 -12.76 22.16
N LYS D 278 -12.50 -13.13 21.21
CA LYS D 278 -11.47 -12.21 20.70
C LYS D 278 -11.35 -12.30 19.17
N ILE D 279 -11.97 -11.34 18.48
CA ILE D 279 -11.96 -11.25 17.01
C ILE D 279 -10.83 -10.33 16.49
N ALA D 280 -10.50 -9.28 17.23
CA ALA D 280 -9.40 -8.39 16.86
C ALA D 280 -8.04 -9.12 16.96
N PHE D 281 -7.14 -8.82 16.04
CA PHE D 281 -5.76 -9.30 16.08
C PHE D 281 -5.01 -8.66 17.25
N ALA D 282 -3.98 -9.34 17.75
CA ALA D 282 -2.96 -8.65 18.55
C ALA D 282 -2.13 -7.73 17.65
N ASP D 283 -1.42 -6.78 18.24
CA ASP D 283 -0.47 -5.92 17.53
C ASP D 283 0.93 -6.57 17.64
N PRO D 284 1.42 -7.29 16.60
CA PRO D 284 2.81 -7.75 16.57
C PRO D 284 3.76 -6.57 16.41
N VAL D 285 4.98 -6.68 16.93
CA VAL D 285 6.08 -5.77 16.56
C VAL D 285 6.39 -5.96 15.08
N VAL D 286 6.20 -4.88 14.31
CA VAL D 286 6.41 -4.83 12.86
C VAL D 286 7.60 -3.93 12.55
N MET D 287 8.64 -4.54 12.00
CA MET D 287 9.73 -3.82 11.34
C MET D 287 9.49 -3.79 9.83
N ALA D 288 9.79 -2.68 9.16
CA ALA D 288 9.89 -2.63 7.70
C ALA D 288 11.20 -1.94 7.31
N PHE D 289 11.97 -2.51 6.39
CA PHE D 289 13.28 -1.97 5.98
C PHE D 289 13.46 -1.93 4.46
N ASP D 290 14.40 -1.10 4.03
CA ASP D 290 14.92 -0.95 2.67
C ASP D 290 16.45 -0.71 2.73
N ILE D 291 17.19 -0.96 1.65
CA ILE D 291 18.66 -0.79 1.61
C ILE D 291 19.13 0.01 0.39
N GLU D 292 20.10 0.88 0.63
CA GLU D 292 20.78 1.61 -0.44
C GLU D 292 22.19 1.07 -0.63
N THR D 293 22.53 0.72 -1.86
CA THR D 293 23.82 0.11 -2.21
C THR D 293 24.62 1.00 -3.17
N THR D 294 25.95 0.92 -3.10
CA THR D 294 26.77 1.45 -4.20
C THR D 294 26.45 0.70 -5.50
N LYS D 295 26.69 1.35 -6.65
CA LYS D 295 26.70 0.65 -7.93
C LYS D 295 27.67 1.30 -8.92
N PRO D 296 28.17 0.55 -9.92
CA PRO D 296 28.86 1.15 -11.05
C PRO D 296 27.90 1.93 -11.96
N PRO D 297 28.37 2.97 -12.68
CA PRO D 297 27.58 3.66 -13.68
C PRO D 297 27.00 2.69 -14.72
N LEU D 298 25.71 2.88 -15.05
CA LEU D 298 24.92 2.11 -16.02
C LEU D 298 24.76 0.61 -15.74
N LYS D 299 25.27 0.15 -14.59
CA LYS D 299 25.21 -1.30 -14.25
C LYS D 299 24.34 -1.49 -13.00
N PHE D 300 24.23 -2.73 -12.51
CA PHE D 300 23.43 -3.03 -11.30
C PHE D 300 24.36 -3.39 -10.14
N PRO D 301 24.05 -3.00 -8.88
CA PRO D 301 24.93 -3.27 -7.74
C PRO D 301 25.28 -4.76 -7.65
N ASP D 302 26.57 -5.08 -7.46
CA ASP D 302 27.00 -6.49 -7.32
C ASP D 302 27.46 -6.73 -5.88
N SER D 303 26.69 -7.52 -5.12
CA SER D 303 27.07 -7.83 -3.73
C SER D 303 28.49 -8.37 -3.53
N ALA D 304 29.17 -8.86 -4.59
CA ALA D 304 30.57 -9.27 -4.51
C ALA D 304 31.57 -8.09 -4.39
N VAL D 305 31.20 -6.90 -4.89
CA VAL D 305 32.09 -5.72 -4.97
C VAL D 305 31.47 -4.45 -4.40
N ASP D 306 30.17 -4.24 -4.59
CA ASP D 306 29.44 -3.09 -4.07
C ASP D 306 29.14 -3.24 -2.57
N GLN D 307 29.14 -2.12 -1.85
CA GLN D 307 28.83 -2.03 -0.42
C GLN D 307 27.40 -1.53 -0.17
N ILE D 308 26.87 -1.84 1.01
CA ILE D 308 25.69 -1.16 1.56
C ILE D 308 26.11 0.22 2.07
N MET D 309 25.41 1.26 1.60
CA MET D 309 25.62 2.66 1.99
C MET D 309 24.78 3.01 3.21
N MET D 310 23.51 2.56 3.21
CA MET D 310 22.54 2.86 4.26
C MET D 310 21.49 1.74 4.37
N ILE D 311 20.91 1.60 5.55
CA ILE D 311 19.70 0.79 5.79
C ILE D 311 18.68 1.68 6.50
N SER D 312 17.57 1.97 5.83
CA SER D 312 16.43 2.69 6.41
C SER D 312 15.38 1.70 6.90
N TYR D 313 14.76 1.98 8.04
CA TYR D 313 13.71 1.12 8.57
C TYR D 313 12.73 1.88 9.47
N MET D 314 11.55 1.31 9.64
CA MET D 314 10.58 1.72 10.65
C MET D 314 10.22 0.54 11.54
N ILE D 315 10.02 0.82 12.82
CA ILE D 315 9.54 -0.13 13.83
C ILE D 315 8.33 0.50 14.52
N ASP D 316 7.15 -0.08 14.32
CA ASP D 316 5.87 0.34 14.91
C ASP D 316 5.45 1.83 14.74
N GLY D 317 6.14 2.59 13.89
CA GLY D 317 5.89 4.01 13.59
C GLY D 317 7.07 4.94 13.91
N GLU D 318 8.04 4.48 14.69
CA GLU D 318 9.36 5.12 14.84
C GLU D 318 10.22 4.79 13.62
N GLY D 319 10.98 5.77 13.13
CA GLY D 319 11.91 5.61 11.99
C GLY D 319 13.36 5.55 12.46
N PHE D 320 14.17 4.81 11.72
CA PHE D 320 15.61 4.68 11.93
C PHE D 320 16.37 4.64 10.62
N LEU D 321 17.61 5.13 10.62
CA LEU D 321 18.53 5.04 9.50
C LEU D 321 19.91 4.66 10.03
N ILE D 322 20.51 3.59 9.52
CA ILE D 322 21.93 3.29 9.74
C ILE D 322 22.70 3.74 8.49
N THR D 323 23.80 4.48 8.65
CA THR D 323 24.67 4.94 7.55
C THR D 323 26.07 4.36 7.68
N ASN D 324 26.68 3.98 6.54
CA ASN D 324 28.07 3.54 6.45
C ASN D 324 28.96 4.74 6.09
N ARG D 325 29.79 5.18 7.05
CA ARG D 325 30.64 6.37 6.93
C ARG D 325 31.91 6.17 6.10
N GLU D 326 32.21 4.96 5.60
CA GLU D 326 33.17 4.80 4.49
C GLU D 326 32.64 5.39 3.17
N ILE D 327 31.31 5.43 2.99
CA ILE D 327 30.64 5.80 1.75
C ILE D 327 29.90 7.14 1.86
N ILE D 328 29.09 7.29 2.91
CA ILE D 328 28.35 8.52 3.22
C ILE D 328 29.34 9.54 3.79
N SER D 329 29.45 10.73 3.19
CA SER D 329 30.55 11.68 3.47
C SER D 329 30.38 12.53 4.74
N GLU D 330 29.15 12.82 5.17
CA GLU D 330 28.82 13.60 6.38
C GLU D 330 28.02 12.79 7.41
N ASP D 331 28.04 13.21 8.68
CA ASP D 331 27.16 12.64 9.71
C ASP D 331 25.74 13.17 9.45
N ILE D 332 24.77 12.29 9.28
CA ILE D 332 23.37 12.68 9.09
C ILE D 332 22.71 12.87 10.46
N GLU D 333 22.03 14.01 10.68
CA GLU D 333 21.30 14.32 11.92
C GLU D 333 19.85 13.82 11.87
N ASP D 334 19.24 13.62 13.04
CA ASP D 334 17.85 13.20 13.20
C ASP D 334 16.87 14.16 12.49
N PHE D 335 15.95 13.61 11.68
CA PHE D 335 15.02 14.41 10.88
C PHE D 335 13.63 13.77 10.73
N GLU D 336 12.64 14.56 10.30
CA GLU D 336 11.26 14.12 10.10
C GLU D 336 10.93 14.03 8.60
N TYR D 337 10.46 12.86 8.16
CA TYR D 337 9.82 12.65 6.85
C TYR D 337 8.36 12.20 7.02
N THR D 338 7.46 13.17 7.12
CA THR D 338 6.01 12.96 7.26
C THR D 338 5.29 13.38 5.97
N PRO D 339 5.15 12.51 4.96
CA PRO D 339 4.54 12.85 3.66
C PRO D 339 3.05 13.18 3.73
N LYS D 340 2.36 12.72 4.79
CA LYS D 340 1.02 13.17 5.18
C LYS D 340 0.89 13.11 6.71
N PRO D 341 -0.02 13.89 7.33
CA PRO D 341 -0.29 13.83 8.78
C PRO D 341 -0.76 12.46 9.29
N GLU D 342 -1.19 11.56 8.41
CA GLU D 342 -1.61 10.19 8.71
C GLU D 342 -0.49 9.14 8.56
N TYR D 343 0.72 9.58 8.16
CA TYR D 343 1.95 8.81 7.95
C TYR D 343 3.16 9.52 8.60
N PRO D 344 3.22 9.65 9.94
CA PRO D 344 4.40 10.22 10.61
C PRO D 344 5.67 9.39 10.37
N GLY D 345 6.82 10.05 10.33
CA GLY D 345 8.12 9.38 10.21
C GLY D 345 9.23 10.20 10.84
N PHE D 346 9.47 10.00 12.14
CA PHE D 346 10.60 10.59 12.85
C PHE D 346 11.78 9.62 12.78
N PHE D 347 12.91 10.04 12.19
CA PHE D 347 14.06 9.18 11.94
C PHE D 347 15.22 9.50 12.89
N THR D 348 15.56 8.51 13.73
CA THR D 348 16.77 8.51 14.55
C THR D 348 17.94 7.89 13.78
N ILE D 349 19.09 8.53 13.75
CA ILE D 349 20.20 8.15 12.88
C ILE D 349 21.36 7.48 13.63
N PHE D 350 21.84 6.35 13.11
CA PHE D 350 23.04 5.65 13.56
C PHE D 350 24.14 5.79 12.51
N ASN D 351 25.04 6.75 12.72
CA ASN D 351 26.21 6.95 11.86
C ASN D 351 27.32 5.96 12.26
N GLU D 352 27.40 4.82 11.55
CA GLU D 352 28.35 3.74 11.83
C GLU D 352 29.62 3.86 10.97
N ASN D 353 30.77 3.47 11.53
CA ASN D 353 32.08 3.77 10.93
C ASN D 353 32.31 3.09 9.56
N ASP D 354 31.80 1.87 9.39
CA ASP D 354 32.03 1.02 8.22
C ASP D 354 30.83 0.08 7.95
N GLU D 355 30.91 -0.68 6.86
CA GLU D 355 29.84 -1.62 6.45
C GLU D 355 29.60 -2.74 7.47
N VAL D 356 30.63 -3.19 8.20
CA VAL D 356 30.47 -4.30 9.16
C VAL D 356 29.81 -3.83 10.46
N ALA D 357 30.13 -2.63 10.93
CA ALA D 357 29.42 -1.97 12.02
C ALA D 357 27.97 -1.68 11.66
N LEU D 358 27.68 -1.24 10.42
CA LEU D 358 26.31 -1.09 9.91
C LEU D 358 25.52 -2.41 9.97
N LEU D 359 26.11 -3.53 9.52
CA LEU D 359 25.47 -4.85 9.56
C LEU D 359 25.26 -5.34 11.00
N GLN D 360 26.26 -5.17 11.86
CA GLN D 360 26.16 -5.56 13.28
C GLN D 360 25.10 -4.76 14.02
N ARG D 361 25.02 -3.43 13.81
CA ARG D 361 23.97 -2.57 14.38
C ARG D 361 22.58 -3.02 13.92
N PHE D 362 22.42 -3.35 12.64
CA PHE D 362 21.15 -3.82 12.10
C PHE D 362 20.71 -5.15 12.75
N PHE D 363 21.63 -6.10 12.91
CA PHE D 363 21.33 -7.39 13.56
C PHE D 363 21.10 -7.27 15.07
N GLU D 364 21.86 -6.40 15.76
CA GLU D 364 21.65 -6.07 17.17
C GLU D 364 20.26 -5.47 17.39
N HIS D 365 19.86 -4.47 16.62
CA HIS D 365 18.57 -3.80 16.78
C HIS D 365 17.38 -4.74 16.49
N ILE D 366 17.52 -5.67 15.52
CA ILE D 366 16.55 -6.76 15.30
C ILE D 366 16.42 -7.66 16.53
N ARG D 367 17.52 -8.05 17.18
CA ARG D 367 17.51 -8.87 18.41
C ARG D 367 16.87 -8.15 19.60
N ASP D 368 17.06 -6.84 19.71
CA ASP D 368 16.52 -6.04 20.80
C ASP D 368 15.00 -5.88 20.71
N VAL D 369 14.47 -5.48 19.54
CA VAL D 369 13.02 -5.23 19.37
C VAL D 369 12.21 -6.49 19.08
N ARG D 370 12.86 -7.59 18.68
CA ARG D 370 12.25 -8.91 18.45
C ARG D 370 11.04 -8.87 17.51
N PRO D 371 11.20 -8.34 16.27
CA PRO D 371 10.08 -8.19 15.35
C PRO D 371 9.54 -9.58 15.01
N THR D 372 8.21 -9.74 15.06
CA THR D 372 7.56 -10.99 14.59
C THR D 372 7.09 -10.88 13.14
N VAL D 373 7.14 -9.67 12.59
CA VAL D 373 7.06 -9.39 11.17
C VAL D 373 8.21 -8.48 10.76
N ILE D 374 8.92 -8.89 9.71
CA ILE D 374 9.79 -7.99 8.93
C ILE D 374 9.17 -7.84 7.54
N SER D 375 8.92 -6.61 7.11
CA SER D 375 8.42 -6.27 5.77
C SER D 375 9.51 -5.58 4.94
N THR D 376 9.46 -5.78 3.63
CA THR D 376 10.37 -5.18 2.63
C THR D 376 9.59 -4.96 1.33
N PHE D 377 10.14 -4.20 0.38
CA PHE D 377 9.62 -4.16 -0.99
C PHE D 377 10.59 -4.86 -1.97
N ASN D 378 10.27 -6.07 -2.41
CA ASN D 378 11.12 -6.94 -3.26
C ASN D 378 12.36 -7.54 -2.56
N GLY D 379 12.46 -7.46 -1.23
CA GLY D 379 13.58 -7.99 -0.43
C GLY D 379 13.85 -9.50 -0.53
N ASP D 380 12.91 -10.31 -1.01
CA ASP D 380 13.18 -11.73 -1.37
C ASP D 380 14.30 -11.84 -2.45
N PHE D 381 14.45 -10.84 -3.32
CA PHE D 381 15.28 -10.90 -4.54
C PHE D 381 16.36 -9.82 -4.65
N PHE D 382 16.42 -8.85 -3.73
CA PHE D 382 17.46 -7.82 -3.70
C PHE D 382 18.04 -7.70 -2.30
N ASP D 383 17.28 -7.14 -1.37
CA ASP D 383 17.71 -6.68 -0.04
C ASP D 383 18.36 -7.79 0.80
N TRP D 384 17.61 -8.87 1.09
CA TRP D 384 18.13 -9.99 1.87
C TRP D 384 19.28 -10.74 1.17
N PRO D 385 19.22 -11.05 -0.15
CA PRO D 385 20.39 -11.56 -0.88
C PRO D 385 21.64 -10.70 -0.73
N PHE D 386 21.49 -9.37 -0.77
CA PHE D 386 22.60 -8.45 -0.65
C PHE D 386 23.19 -8.48 0.76
N ILE D 387 22.36 -8.25 1.79
CA ILE D 387 22.75 -8.31 3.21
C ILE D 387 23.47 -9.63 3.52
N HIS D 388 22.90 -10.77 3.10
CA HIS D 388 23.47 -12.09 3.35
C HIS D 388 24.83 -12.30 2.68
N ASN D 389 25.01 -11.83 1.43
CA ASN D 389 26.30 -11.93 0.74
C ASN D 389 27.35 -10.99 1.35
N ARG D 390 27.00 -9.76 1.72
CA ARG D 390 27.90 -8.83 2.43
C ARG D 390 28.30 -9.37 3.80
N SER D 391 27.34 -9.90 4.56
CA SER D 391 27.58 -10.60 5.83
C SER D 391 28.59 -11.74 5.68
N LYS D 392 28.42 -12.58 4.64
CA LYS D 392 29.37 -13.66 4.33
C LYS D 392 30.77 -13.18 3.96
N ILE D 393 30.88 -12.05 3.27
CA ILE D 393 32.19 -11.44 2.94
C ILE D 393 32.91 -10.98 4.21
N HIS D 394 32.16 -10.43 5.18
CA HIS D 394 32.67 -10.01 6.49
C HIS D 394 32.75 -11.13 7.55
N GLY D 395 32.39 -12.36 7.18
CA GLY D 395 32.46 -13.54 8.07
C GLY D 395 31.33 -13.65 9.11
N LEU D 396 30.26 -12.87 8.97
CA LEU D 396 29.04 -12.97 9.78
C LEU D 396 28.09 -14.03 9.22
N ASP D 397 27.52 -14.89 10.08
CA ASP D 397 26.46 -15.83 9.69
C ASP D 397 25.09 -15.26 10.09
N MET D 398 24.37 -14.72 9.10
CA MET D 398 23.05 -14.08 9.28
C MET D 398 22.01 -15.02 9.90
N PHE D 399 22.15 -16.35 9.76
CA PHE D 399 21.23 -17.30 10.40
C PHE D 399 21.49 -17.39 11.91
N ASP D 400 22.74 -17.43 12.34
CA ASP D 400 23.08 -17.48 13.77
C ASP D 400 22.91 -16.09 14.43
N GLU D 401 23.02 -14.98 13.68
CA GLU D 401 22.76 -13.61 14.17
C GLU D 401 21.27 -13.29 14.40
N ILE D 402 20.39 -13.57 13.43
CA ILE D 402 18.97 -13.13 13.46
C ILE D 402 17.95 -14.21 13.04
N GLY D 403 18.38 -15.45 12.77
CA GLY D 403 17.49 -16.56 12.39
C GLY D 403 17.05 -16.60 10.93
N PHE D 404 17.55 -15.70 10.07
CA PHE D 404 17.13 -15.62 8.67
C PHE D 404 18.02 -16.44 7.73
N ALA D 405 17.40 -17.26 6.88
CA ALA D 405 18.09 -18.02 5.83
C ALA D 405 17.26 -18.12 4.54
N PRO D 406 17.91 -18.34 3.37
CA PRO D 406 17.21 -18.65 2.13
C PRO D 406 16.64 -20.08 2.16
N ASP D 407 15.39 -20.23 1.75
CA ASP D 407 14.72 -21.52 1.59
C ASP D 407 15.04 -22.21 0.24
N ALA D 408 14.31 -23.29 -0.08
CA ALA D 408 14.50 -24.05 -1.31
C ALA D 408 14.10 -23.27 -2.59
N GLU D 409 13.27 -22.23 -2.45
CA GLU D 409 12.86 -21.31 -3.52
C GLU D 409 13.81 -20.10 -3.64
N GLY D 410 14.73 -19.92 -2.67
CA GLY D 410 15.65 -18.79 -2.58
C GLY D 410 15.03 -17.56 -1.91
N GLU D 411 13.89 -17.73 -1.24
CA GLU D 411 13.18 -16.68 -0.49
C GLU D 411 13.67 -16.67 0.96
N TYR D 412 13.71 -15.51 1.60
CA TYR D 412 14.29 -15.40 2.96
C TYR D 412 13.22 -15.57 4.03
N LYS D 413 13.49 -16.46 4.99
CA LYS D 413 12.53 -16.90 6.01
C LYS D 413 13.25 -17.05 7.36
N SER D 414 12.48 -16.91 8.44
CA SER D 414 12.88 -17.32 9.79
C SER D 414 11.79 -18.17 10.45
N SER D 415 12.06 -18.70 11.63
CA SER D 415 11.11 -19.42 12.48
C SER D 415 10.13 -18.47 13.18
N TYR D 416 10.66 -17.63 14.09
CA TYR D 416 9.87 -16.71 14.91
C TYR D 416 9.22 -15.56 14.11
N CYS D 417 9.89 -15.04 13.09
CA CYS D 417 9.49 -13.86 12.34
C CYS D 417 9.07 -14.17 10.89
N SER D 418 7.88 -13.73 10.51
CA SER D 418 7.39 -13.84 9.13
C SER D 418 7.91 -12.73 8.23
N HIS D 419 8.37 -13.08 7.01
CA HIS D 419 8.90 -12.11 6.06
C HIS D 419 7.84 -11.68 5.06
N MET D 420 7.30 -10.48 5.28
CA MET D 420 6.19 -9.93 4.49
C MET D 420 6.70 -9.04 3.36
N ASP D 421 7.26 -9.63 2.29
CA ASP D 421 7.57 -8.89 1.05
C ASP D 421 6.28 -8.33 0.41
N CYS D 422 6.08 -7.01 0.57
CA CYS D 422 4.96 -6.26 0.02
C CYS D 422 4.82 -6.43 -1.50
N PHE D 423 5.92 -6.66 -2.22
CA PHE D 423 5.89 -6.84 -3.67
C PHE D 423 5.16 -8.12 -4.08
N ARG D 424 5.10 -9.16 -3.21
CA ARG D 424 4.31 -10.39 -3.45
C ARG D 424 2.81 -10.07 -3.48
N TRP D 425 2.33 -9.31 -2.48
CA TRP D 425 0.95 -8.83 -2.42
C TRP D 425 0.64 -7.87 -3.59
N VAL D 426 1.57 -6.98 -3.94
CA VAL D 426 1.44 -6.09 -5.11
C VAL D 426 1.25 -6.89 -6.40
N LYS D 427 2.04 -7.94 -6.63
CA LYS D 427 1.94 -8.81 -7.81
C LYS D 427 0.65 -9.63 -7.87
N ARG D 428 0.13 -10.11 -6.73
CA ARG D 428 -0.99 -11.07 -6.66
C ARG D 428 -2.35 -10.42 -6.41
N ASP D 429 -2.43 -9.52 -5.42
CA ASP D 429 -3.68 -9.15 -4.76
C ASP D 429 -4.07 -7.66 -4.93
N SER D 430 -3.09 -6.78 -5.16
CA SER D 430 -3.34 -5.32 -5.23
C SER D 430 -4.28 -4.86 -6.36
N TYR D 431 -4.54 -5.73 -7.34
CA TYR D 431 -5.23 -5.47 -8.61
C TYR D 431 -4.56 -4.42 -9.51
N LEU D 432 -3.32 -4.00 -9.19
CA LEU D 432 -2.56 -3.05 -9.98
C LEU D 432 -2.00 -3.74 -11.25
N PRO D 433 -2.10 -3.09 -12.43
CA PRO D 433 -1.46 -3.61 -13.64
C PRO D 433 0.06 -3.56 -13.47
N GLN D 434 0.78 -4.45 -14.14
CA GLN D 434 2.24 -4.60 -13.99
C GLN D 434 3.05 -3.29 -14.19
N GLY D 435 2.50 -2.29 -14.88
CA GLY D 435 3.14 -0.99 -15.07
C GLY D 435 3.10 -0.07 -13.84
N SER D 436 2.27 -0.40 -12.87
CA SER D 436 2.05 0.35 -11.62
C SER D 436 2.44 -0.48 -10.39
N GLN D 437 3.31 -1.48 -10.55
CA GLN D 437 3.76 -2.39 -9.49
C GLN D 437 5.14 -2.05 -8.90
N GLY D 438 5.79 -0.95 -9.33
CA GLY D 438 6.98 -0.41 -8.66
C GLY D 438 6.60 0.49 -7.49
N LEU D 439 7.44 0.59 -6.46
CA LEU D 439 7.13 1.21 -5.17
C LEU D 439 6.46 2.58 -5.32
N LYS D 440 7.07 3.54 -6.03
CA LYS D 440 6.46 4.84 -6.34
C LYS D 440 5.03 4.78 -6.86
N ALA D 441 4.76 3.93 -7.86
CA ALA D 441 3.43 3.84 -8.46
C ALA D 441 2.42 3.15 -7.53
N VAL D 442 2.88 2.24 -6.66
CA VAL D 442 2.06 1.64 -5.60
C VAL D 442 1.74 2.70 -4.53
N THR D 443 2.73 3.47 -4.07
CA THR D 443 2.57 4.57 -3.12
C THR D 443 1.58 5.62 -3.62
N GLN D 444 1.75 6.09 -4.86
CA GLN D 444 0.80 6.97 -5.54
C GLN D 444 -0.63 6.39 -5.60
N SER D 445 -0.76 5.10 -5.94
CA SER D 445 -2.07 4.49 -6.16
C SER D 445 -2.77 3.98 -4.89
N LYS D 446 -2.04 3.77 -3.78
CA LYS D 446 -2.55 3.18 -2.55
C LYS D 446 -2.48 4.15 -1.37
N LEU D 447 -1.32 4.77 -1.13
CA LEU D 447 -1.13 5.74 -0.05
C LEU D 447 -1.49 7.19 -0.47
N GLY D 448 -1.57 7.45 -1.78
CA GLY D 448 -2.09 8.70 -2.34
C GLY D 448 -1.18 9.90 -2.09
N TYR D 449 0.14 9.69 -2.13
CA TYR D 449 1.17 10.74 -2.17
C TYR D 449 2.28 10.35 -3.15
N ASN D 450 3.14 11.31 -3.52
CA ASN D 450 4.36 11.04 -4.26
C ASN D 450 5.51 10.84 -3.26
N PRO D 451 6.16 9.67 -3.19
CA PRO D 451 7.42 9.53 -2.46
C PRO D 451 8.52 10.33 -3.16
N ILE D 452 9.64 10.55 -2.46
CA ILE D 452 10.84 11.13 -3.07
C ILE D 452 11.33 10.17 -4.17
N GLU D 453 11.90 10.72 -5.24
CA GLU D 453 12.41 9.93 -6.36
C GLU D 453 13.81 10.43 -6.70
N LEU D 454 14.78 9.50 -6.74
CA LEU D 454 16.16 9.75 -7.09
C LEU D 454 16.53 8.89 -8.30
N ASP D 455 17.36 9.39 -9.21
CA ASP D 455 17.89 8.55 -10.29
C ASP D 455 18.90 7.55 -9.70
N PRO D 456 18.78 6.24 -9.97
CA PRO D 456 19.77 5.26 -9.53
C PRO D 456 21.22 5.57 -9.91
N GLU D 457 21.47 6.29 -11.01
CA GLU D 457 22.82 6.73 -11.40
C GLU D 457 23.36 7.86 -10.51
N LEU D 458 22.50 8.60 -9.80
CA LEU D 458 22.88 9.67 -8.87
C LEU D 458 23.09 9.19 -7.43
N MET D 459 22.62 7.99 -7.06
CA MET D 459 22.74 7.46 -5.70
C MET D 459 24.20 7.40 -5.21
N THR D 460 25.09 6.73 -5.94
CA THR D 460 26.51 6.58 -5.53
C THR D 460 27.27 7.91 -5.54
N PRO D 461 27.09 8.82 -6.52
CA PRO D 461 27.61 10.19 -6.41
C PRO D 461 27.06 10.98 -5.21
N TYR D 462 25.76 10.87 -4.92
CA TYR D 462 25.13 11.67 -3.87
C TYR D 462 25.54 11.22 -2.46
N ALA D 463 26.00 9.98 -2.28
CA ALA D 463 26.64 9.55 -1.04
C ALA D 463 27.82 10.46 -0.64
N PHE D 464 28.54 11.02 -1.62
CA PHE D 464 29.62 11.96 -1.38
C PHE D 464 29.20 13.44 -1.53
N GLU D 465 28.39 13.77 -2.55
CA GLU D 465 28.05 15.15 -2.92
C GLU D 465 26.86 15.75 -2.16
N LYS D 466 25.86 14.93 -1.81
CA LYS D 466 24.58 15.37 -1.21
C LYS D 466 23.96 14.28 -0.32
N PRO D 467 24.69 13.74 0.67
CA PRO D 467 24.21 12.57 1.42
C PRO D 467 22.90 12.85 2.18
N GLN D 468 22.64 14.06 2.68
CA GLN D 468 21.32 14.41 3.25
C GLN D 468 20.14 14.13 2.30
N HIS D 469 20.28 14.42 1.01
CA HIS D 469 19.22 14.18 0.02
C HIS D 469 19.11 12.68 -0.35
N LEU D 470 20.20 11.92 -0.23
CA LEU D 470 20.18 10.46 -0.37
C LEU D 470 19.49 9.80 0.84
N SER D 471 19.77 10.27 2.07
CA SER D 471 19.10 9.79 3.28
C SER D 471 17.60 10.11 3.28
N GLU D 472 17.19 11.31 2.82
CA GLU D 472 15.77 11.65 2.63
C GLU D 472 15.05 10.69 1.65
N TYR D 473 15.71 10.30 0.56
CA TYR D 473 15.18 9.30 -0.39
C TYR D 473 15.04 7.92 0.26
N SER D 474 16.08 7.45 0.97
CA SER D 474 16.07 6.14 1.61
C SER D 474 15.02 5.99 2.70
N VAL D 475 14.84 7.00 3.56
CA VAL D 475 13.76 6.97 4.56
C VAL D 475 12.37 7.06 3.92
N SER D 476 12.25 7.72 2.78
CA SER D 476 10.98 7.78 2.02
C SER D 476 10.51 6.39 1.58
N ASP D 477 11.43 5.51 1.16
CA ASP D 477 11.08 4.16 0.72
C ASP D 477 10.79 3.20 1.90
N ALA D 478 11.45 3.39 3.06
CA ALA D 478 11.05 2.74 4.32
C ALA D 478 9.64 3.17 4.78
N VAL D 479 9.32 4.48 4.80
CA VAL D 479 7.99 5.02 5.13
C VAL D 479 6.93 4.47 4.18
N ALA D 480 7.21 4.47 2.87
CA ALA D 480 6.31 3.94 1.87
C ALA D 480 6.03 2.44 2.09
N THR D 481 7.06 1.66 2.40
CA THR D 481 6.96 0.21 2.63
C THR D 481 6.21 -0.10 3.93
N TYR D 482 6.53 0.57 5.03
CA TYR D 482 5.87 0.39 6.33
C TYR D 482 4.36 0.69 6.24
N TYR D 483 3.97 1.85 5.70
CA TYR D 483 2.55 2.19 5.60
C TYR D 483 1.80 1.40 4.54
N LEU D 484 2.46 0.96 3.46
CA LEU D 484 1.88 0.00 2.52
C LEU D 484 1.58 -1.34 3.21
N TYR D 485 2.52 -1.84 4.02
CA TYR D 485 2.33 -3.05 4.81
C TYR D 485 1.15 -2.90 5.78
N MET D 486 1.20 -1.90 6.66
CA MET D 486 0.22 -1.73 7.74
C MET D 486 -1.19 -1.40 7.25
N LYS D 487 -1.35 -0.61 6.17
CA LYS D 487 -2.68 -0.25 5.65
C LYS D 487 -3.31 -1.33 4.76
N TYR D 488 -2.51 -2.18 4.10
CA TYR D 488 -3.01 -3.11 3.07
C TYR D 488 -2.60 -4.57 3.28
N VAL D 489 -1.30 -4.86 3.45
CA VAL D 489 -0.80 -6.24 3.43
C VAL D 489 -1.10 -6.96 4.74
N HIS D 490 -0.82 -6.32 5.88
CA HIS D 490 -1.06 -6.86 7.22
C HIS D 490 -2.52 -7.34 7.41
N PRO D 491 -3.54 -6.46 7.33
CA PRO D 491 -4.92 -6.88 7.58
C PRO D 491 -5.41 -7.92 6.56
N PHE D 492 -4.91 -7.88 5.32
CA PHE D 492 -5.30 -8.82 4.26
C PHE D 492 -4.77 -10.23 4.49
N ILE D 493 -3.47 -10.37 4.82
CA ILE D 493 -2.81 -11.68 4.97
C ILE D 493 -3.23 -12.39 6.25
N PHE D 494 -3.19 -11.70 7.40
CA PHE D 494 -3.62 -12.32 8.66
C PHE D 494 -5.12 -12.70 8.63
N SER D 495 -5.97 -11.92 7.97
CA SER D 495 -7.37 -12.32 7.72
C SER D 495 -7.49 -13.60 6.89
N LEU D 496 -6.67 -13.78 5.85
CA LEU D 496 -6.63 -15.01 5.06
C LEU D 496 -6.18 -16.21 5.91
N CYS D 497 -5.21 -16.03 6.81
CA CYS D 497 -4.72 -17.08 7.69
C CYS D 497 -5.79 -17.62 8.64
N THR D 498 -6.77 -16.81 9.06
CA THR D 498 -7.87 -17.27 9.95
C THR D 498 -8.74 -18.38 9.36
N ILE D 499 -8.71 -18.56 8.04
CA ILE D 499 -9.50 -19.53 7.28
C ILE D 499 -8.64 -20.55 6.51
N ILE D 500 -7.45 -20.15 6.04
CA ILE D 500 -6.53 -21.00 5.28
C ILE D 500 -5.54 -21.70 6.24
N PRO D 501 -5.35 -23.03 6.15
CA PRO D 501 -4.40 -23.79 6.98
C PRO D 501 -2.92 -23.59 6.55
N LEU D 502 -2.46 -22.34 6.48
CA LEU D 502 -1.10 -21.94 6.12
C LEU D 502 -0.60 -20.82 7.04
N ASN D 503 0.71 -20.67 7.17
CA ASN D 503 1.32 -19.55 7.89
C ASN D 503 1.31 -18.25 7.03
N PRO D 504 1.69 -17.08 7.58
CA PRO D 504 1.63 -15.82 6.83
C PRO D 504 2.51 -15.82 5.57
N ASP D 505 3.73 -16.39 5.65
CA ASP D 505 4.67 -16.44 4.54
C ASP D 505 4.14 -17.22 3.34
N GLU D 506 3.57 -18.40 3.59
CA GLU D 506 2.92 -19.18 2.54
C GLU D 506 1.64 -18.52 2.04
N THR D 507 0.85 -17.93 2.95
CA THR D 507 -0.40 -17.23 2.62
C THR D 507 -0.15 -16.01 1.73
N LEU D 508 0.97 -15.32 1.89
CA LEU D 508 1.42 -14.22 1.02
C LEU D 508 1.94 -14.73 -0.33
N ARG D 509 2.66 -15.87 -0.36
CA ARG D 509 3.45 -16.27 -1.53
C ARG D 509 2.83 -17.34 -2.43
N LYS D 510 1.97 -18.25 -1.93
CA LYS D 510 1.34 -19.28 -2.77
C LYS D 510 0.35 -18.64 -3.77
N GLY D 511 0.19 -19.26 -4.94
CA GLY D 511 -0.80 -18.83 -5.93
C GLY D 511 -2.24 -19.04 -5.44
N THR D 512 -3.18 -18.20 -5.86
CA THR D 512 -4.58 -18.18 -5.39
C THR D 512 -5.30 -19.53 -5.55
N GLY D 513 -5.04 -20.26 -6.64
CA GLY D 513 -5.56 -21.61 -6.83
C GLY D 513 -5.06 -22.63 -5.81
N THR D 514 -3.87 -22.45 -5.22
CA THR D 514 -3.43 -23.27 -4.08
C THR D 514 -4.19 -22.90 -2.81
N LEU D 515 -4.56 -21.63 -2.61
CA LEU D 515 -5.41 -21.21 -1.48
C LEU D 515 -6.80 -21.86 -1.58
N CYS D 516 -7.40 -21.91 -2.78
CA CYS D 516 -8.63 -22.67 -3.03
C CYS D 516 -8.47 -24.17 -2.71
N GLU D 517 -7.34 -24.79 -3.11
CA GLU D 517 -7.05 -26.19 -2.78
C GLU D 517 -7.07 -26.46 -1.28
N MET D 518 -6.46 -25.57 -0.48
CA MET D 518 -6.42 -25.72 0.98
C MET D 518 -7.82 -25.61 1.60
N LEU D 519 -8.63 -24.62 1.18
CA LEU D 519 -10.01 -24.44 1.66
C LEU D 519 -10.90 -25.65 1.33
N LEU D 520 -10.80 -26.18 0.11
CA LEU D 520 -11.52 -27.39 -0.31
C LEU D 520 -11.03 -28.63 0.45
N MET D 521 -9.74 -28.72 0.79
CA MET D 521 -9.20 -29.81 1.62
C MET D 521 -9.72 -29.76 3.06
N VAL D 522 -9.86 -28.57 3.66
CA VAL D 522 -10.52 -28.40 4.97
C VAL D 522 -11.97 -28.92 4.91
N GLN D 523 -12.74 -28.47 3.91
CA GLN D 523 -14.16 -28.85 3.81
C GLN D 523 -14.35 -30.33 3.50
N ALA D 524 -13.55 -30.91 2.60
CA ALA D 524 -13.58 -32.34 2.33
C ALA D 524 -13.20 -33.17 3.57
N TYR D 525 -12.18 -32.75 4.34
CA TYR D 525 -11.79 -33.42 5.58
C TYR D 525 -12.92 -33.39 6.63
N GLN D 526 -13.52 -32.21 6.85
CA GLN D 526 -14.62 -32.03 7.82
C GLN D 526 -15.85 -32.90 7.49
N HIS D 527 -16.13 -33.13 6.20
CA HIS D 527 -17.22 -34.02 5.74
C HIS D 527 -16.78 -35.50 5.62
N ASN D 528 -15.60 -35.87 6.11
CA ASN D 528 -14.99 -37.20 5.99
C ASN D 528 -14.82 -37.73 4.55
N ILE D 529 -14.78 -36.84 3.57
CA ILE D 529 -14.53 -37.16 2.16
C ILE D 529 -13.05 -37.53 1.99
N LEU D 530 -12.74 -38.48 1.10
CA LEU D 530 -11.40 -38.88 0.69
C LEU D 530 -10.87 -37.92 -0.38
N LEU D 531 -9.70 -37.32 -0.16
CA LEU D 531 -9.15 -36.41 -1.17
C LEU D 531 -8.75 -37.17 -2.44
N PRO D 532 -9.07 -36.66 -3.64
CA PRO D 532 -8.49 -37.15 -4.88
C PRO D 532 -6.97 -36.92 -4.94
N ASN D 533 -6.28 -37.78 -5.69
CA ASN D 533 -4.90 -37.54 -6.08
C ASN D 533 -4.83 -36.39 -7.10
N LYS D 534 -3.68 -35.72 -7.19
CA LYS D 534 -3.50 -34.57 -8.09
C LYS D 534 -3.60 -34.99 -9.56
N HIS D 535 -4.40 -34.26 -10.34
CA HIS D 535 -4.57 -34.49 -11.77
C HIS D 535 -3.24 -34.36 -12.51
N THR D 536 -2.95 -35.35 -13.35
CA THR D 536 -1.79 -35.37 -14.24
C THR D 536 -2.29 -35.31 -15.68
N ASP D 537 -1.98 -34.21 -16.37
CA ASP D 537 -2.35 -34.03 -17.78
C ASP D 537 -1.80 -35.21 -18.62
N PRO D 538 -2.61 -35.86 -19.48
CA PRO D 538 -2.11 -36.86 -20.41
C PRO D 538 -1.05 -36.26 -21.35
N ILE D 539 0.07 -36.97 -21.54
CA ILE D 539 1.24 -36.47 -22.26
C ILE D 539 0.92 -36.18 -23.74
N GLU D 540 0.06 -37.00 -24.34
CA GLU D 540 -0.57 -36.76 -25.63
C GLU D 540 -2.04 -37.20 -25.62
N ARG D 541 -2.86 -36.57 -26.46
CA ARG D 541 -4.25 -36.95 -26.75
C ARG D 541 -4.50 -36.84 -28.25
N PHE D 542 -5.50 -37.56 -28.74
CA PHE D 542 -5.89 -37.55 -30.15
C PHE D 542 -7.35 -37.18 -30.31
N TYR D 543 -7.67 -36.50 -31.41
CA TYR D 543 -9.02 -36.16 -31.86
C TYR D 543 -9.12 -36.46 -33.35
N ASP D 544 -10.08 -37.29 -33.78
CA ASP D 544 -10.21 -37.78 -35.17
C ASP D 544 -8.90 -38.32 -35.80
N GLY D 545 -8.07 -38.97 -34.99
CA GLY D 545 -6.76 -39.50 -35.41
C GLY D 545 -5.67 -38.44 -35.56
N HIS D 546 -5.93 -37.18 -35.21
CA HIS D 546 -4.97 -36.08 -35.17
C HIS D 546 -4.40 -35.89 -33.76
N LEU D 547 -3.09 -35.65 -33.65
CA LEU D 547 -2.45 -35.31 -32.38
C LEU D 547 -2.90 -33.91 -31.91
N LEU D 548 -3.46 -33.82 -30.71
CA LEU D 548 -3.78 -32.55 -30.06
C LEU D 548 -2.50 -31.85 -29.60
N GLU D 549 -2.33 -30.60 -30.01
CA GLU D 549 -1.33 -29.72 -29.44
C GLU D 549 -1.79 -29.21 -28.07
N SER D 550 -3.06 -28.80 -28.00
CA SER D 550 -3.74 -28.36 -26.78
C SER D 550 -5.26 -28.46 -26.95
N GLU D 551 -5.97 -28.73 -25.86
CA GLU D 551 -7.44 -28.63 -25.80
C GLU D 551 -7.88 -27.69 -24.67
N THR D 552 -9.05 -27.09 -24.84
CA THR D 552 -9.65 -26.13 -23.90
C THR D 552 -11.15 -25.97 -24.20
N TYR D 553 -11.78 -24.92 -23.70
CA TYR D 553 -13.17 -24.57 -23.98
C TYR D 553 -13.27 -23.12 -24.49
N VAL D 554 -14.44 -22.74 -25.00
CA VAL D 554 -14.76 -21.34 -25.29
C VAL D 554 -14.99 -20.61 -23.97
N GLY D 555 -14.11 -19.64 -23.66
CA GLY D 555 -14.18 -18.82 -22.45
C GLY D 555 -15.21 -17.68 -22.55
N GLY D 556 -14.99 -16.64 -21.73
CA GLY D 556 -15.87 -15.46 -21.67
C GLY D 556 -16.11 -14.80 -23.04
N HIS D 557 -17.35 -14.40 -23.28
CA HIS D 557 -17.78 -13.72 -24.51
C HIS D 557 -17.43 -12.25 -24.44
N VAL D 558 -16.87 -11.67 -25.52
CA VAL D 558 -16.43 -10.27 -25.55
C VAL D 558 -16.76 -9.66 -26.90
N GLU D 559 -17.43 -8.51 -26.94
CA GLU D 559 -17.83 -7.79 -28.15
C GLU D 559 -17.47 -6.30 -28.04
N SER D 560 -17.01 -5.71 -29.14
CA SER D 560 -16.87 -4.26 -29.29
C SER D 560 -17.81 -3.90 -30.43
N LEU D 561 -18.90 -3.22 -30.07
CA LEU D 561 -20.09 -3.03 -30.90
C LEU D 561 -20.05 -1.65 -31.55
N GLU D 562 -19.72 -0.63 -30.76
CA GLU D 562 -19.54 0.74 -31.21
C GLU D 562 -18.18 1.32 -30.79
N ALA D 563 -17.74 2.36 -31.50
CA ALA D 563 -16.56 3.15 -31.21
C ALA D 563 -16.88 4.63 -31.40
N GLY D 564 -16.34 5.50 -30.55
CA GLY D 564 -16.76 6.90 -30.48
C GLY D 564 -16.63 7.52 -29.10
N VAL D 565 -17.05 8.78 -29.02
CA VAL D 565 -17.25 9.55 -27.80
C VAL D 565 -18.74 9.55 -27.48
N PHE D 566 -19.09 9.13 -26.26
CA PHE D 566 -20.51 9.18 -25.81
C PHE D 566 -20.57 10.09 -24.58
N ARG D 567 -21.47 11.07 -24.56
CA ARG D 567 -21.48 12.04 -23.42
C ARG D 567 -22.90 12.28 -22.91
N SER D 568 -23.06 12.44 -21.59
CA SER D 568 -24.38 12.70 -20.98
C SER D 568 -25.04 14.02 -21.42
N ASP D 569 -24.25 14.93 -22.01
CA ASP D 569 -24.63 16.25 -22.51
C ASP D 569 -24.64 16.35 -24.06
N LEU D 570 -24.22 15.29 -24.78
CA LEU D 570 -24.31 15.21 -26.24
C LEU D 570 -25.46 14.28 -26.66
N LYS D 571 -26.23 14.63 -27.69
CA LYS D 571 -27.37 13.81 -28.14
C LYS D 571 -26.93 12.56 -28.93
N ASN D 572 -27.70 11.48 -28.79
CA ASN D 572 -27.57 10.27 -29.59
C ASN D 572 -28.92 9.85 -30.19
N GLU D 573 -28.88 9.31 -31.41
CA GLU D 573 -30.04 8.65 -32.01
C GLU D 573 -30.30 7.28 -31.39
N PHE D 574 -31.57 7.00 -31.09
CA PHE D 574 -32.09 5.73 -30.61
C PHE D 574 -33.19 5.25 -31.54
N LYS D 575 -33.20 3.94 -31.85
CA LYS D 575 -34.24 3.26 -32.62
C LYS D 575 -34.74 2.07 -31.83
N ILE D 576 -35.69 2.35 -30.97
CA ILE D 576 -36.30 1.39 -30.05
C ILE D 576 -37.18 0.44 -30.86
N ASP D 577 -37.07 -0.85 -30.60
CA ASP D 577 -37.96 -1.88 -31.13
C ASP D 577 -39.28 -1.84 -30.35
N PRO D 578 -40.43 -1.47 -30.96
CA PRO D 578 -41.70 -1.40 -30.26
C PRO D 578 -42.12 -2.74 -29.64
N SER D 579 -41.70 -3.87 -30.25
CA SER D 579 -42.00 -5.21 -29.74
C SER D 579 -41.23 -5.54 -28.45
N ALA D 580 -40.05 -4.93 -28.24
CA ALA D 580 -39.33 -5.07 -26.97
C ALA D 580 -40.04 -4.34 -25.85
N ILE D 581 -40.64 -3.18 -26.15
CA ILE D 581 -41.44 -2.43 -25.18
C ILE D 581 -42.74 -3.17 -24.86
N ASP D 582 -43.37 -3.83 -25.84
CA ASP D 582 -44.53 -4.69 -25.59
C ASP D 582 -44.20 -5.89 -24.69
N GLU D 583 -43.05 -6.56 -24.91
CA GLU D 583 -42.57 -7.59 -23.98
C GLU D 583 -42.34 -7.01 -22.57
N LEU D 584 -41.66 -5.87 -22.45
CA LEU D 584 -41.37 -5.24 -21.16
C LEU D 584 -42.63 -4.78 -20.42
N LEU D 585 -43.66 -4.27 -21.13
CA LEU D 585 -44.95 -3.91 -20.56
C LEU D 585 -45.72 -5.16 -20.04
N GLN D 586 -45.61 -6.28 -20.75
CA GLN D 586 -46.22 -7.55 -20.35
C GLN D 586 -45.50 -8.21 -19.16
N GLU D 587 -44.18 -8.03 -19.06
CA GLU D 587 -43.34 -8.52 -17.97
C GLU D 587 -43.35 -7.62 -16.73
N LEU D 588 -43.68 -6.34 -16.88
CA LEU D 588 -43.58 -5.31 -15.84
C LEU D 588 -44.20 -5.68 -14.48
N PRO D 589 -45.42 -6.27 -14.37
CA PRO D 589 -46.00 -6.59 -13.07
C PRO D 589 -45.18 -7.62 -12.29
N GLU D 590 -44.74 -8.68 -12.96
CA GLU D 590 -43.93 -9.75 -12.36
C GLU D 590 -42.49 -9.31 -12.13
N ALA D 591 -41.92 -8.45 -12.99
CA ALA D 591 -40.59 -7.88 -12.78
C ALA D 591 -40.53 -6.96 -11.55
N LEU D 592 -41.58 -6.16 -11.30
CA LEU D 592 -41.67 -5.33 -10.08
C LEU D 592 -41.90 -6.18 -8.84
N LYS D 593 -42.77 -7.19 -8.91
CA LYS D 593 -42.97 -8.17 -7.83
C LYS D 593 -41.67 -8.90 -7.50
N PHE D 594 -40.94 -9.38 -8.51
CA PHE D 594 -39.61 -9.97 -8.39
C PHE D 594 -38.61 -9.04 -7.70
N SER D 595 -38.62 -7.74 -8.01
CA SER D 595 -37.74 -6.78 -7.34
C SER D 595 -38.04 -6.63 -5.85
N VAL D 596 -39.31 -6.71 -5.43
CA VAL D 596 -39.70 -6.69 -4.02
C VAL D 596 -39.37 -8.03 -3.34
N GLU D 597 -39.76 -9.15 -3.94
CA GLU D 597 -39.71 -10.49 -3.32
C GLU D 597 -38.33 -11.14 -3.35
N VAL D 598 -37.56 -10.98 -4.44
CA VAL D 598 -36.29 -11.67 -4.66
C VAL D 598 -35.10 -10.74 -4.47
N GLU D 599 -35.08 -9.57 -5.12
CA GLU D 599 -33.95 -8.62 -5.00
C GLU D 599 -33.90 -7.99 -3.60
N ASN D 600 -35.04 -7.50 -3.10
CA ASN D 600 -35.16 -6.82 -1.81
C ASN D 600 -35.70 -7.70 -0.66
N LYS D 601 -36.01 -8.99 -0.92
CA LYS D 601 -36.36 -10.01 0.10
C LYS D 601 -37.50 -9.56 1.04
N SER D 602 -38.48 -8.87 0.50
CA SER D 602 -39.65 -8.32 1.18
C SER D 602 -40.94 -8.90 0.58
N SER D 603 -42.13 -8.57 1.10
CA SER D 603 -43.40 -8.99 0.49
C SER D 603 -44.12 -7.80 -0.14
N VAL D 604 -44.77 -8.01 -1.30
CA VAL D 604 -45.52 -6.95 -1.99
C VAL D 604 -46.62 -6.32 -1.13
N ASP D 605 -47.24 -7.10 -0.23
CA ASP D 605 -48.29 -6.62 0.69
C ASP D 605 -47.82 -5.49 1.61
N LYS D 606 -46.51 -5.36 1.84
CA LYS D 606 -45.94 -4.31 2.70
C LYS D 606 -45.64 -3.03 1.93
N VAL D 607 -45.80 -3.01 0.61
CA VAL D 607 -45.39 -1.89 -0.27
C VAL D 607 -46.58 -1.00 -0.60
N THR D 608 -46.58 0.21 -0.04
CA THR D 608 -47.72 1.15 -0.12
C THR D 608 -47.90 1.79 -1.49
N ASN D 609 -46.81 1.99 -2.26
CA ASN D 609 -46.81 2.71 -3.54
C ASN D 609 -46.51 1.82 -4.76
N PHE D 610 -46.78 0.51 -4.68
CA PHE D 610 -46.46 -0.45 -5.76
C PHE D 610 -47.09 -0.06 -7.11
N GLU D 611 -48.39 0.24 -7.11
CA GLU D 611 -49.11 0.68 -8.31
C GLU D 611 -48.70 2.08 -8.80
N GLU D 612 -48.24 2.96 -7.91
CA GLU D 612 -47.72 4.28 -8.32
C GLU D 612 -46.46 4.12 -9.18
N ILE D 613 -45.48 3.33 -8.69
CA ILE D 613 -44.24 3.05 -9.41
C ILE D 613 -44.53 2.29 -10.71
N LYS D 614 -45.44 1.32 -10.69
CA LYS D 614 -45.87 0.59 -11.90
C LYS D 614 -46.43 1.52 -12.97
N ASN D 615 -47.31 2.46 -12.58
CA ASN D 615 -47.90 3.41 -13.50
C ASN D 615 -46.88 4.41 -14.06
N GLN D 616 -45.95 4.90 -13.24
CA GLN D 616 -44.85 5.78 -13.68
C GLN D 616 -43.95 5.11 -14.73
N ILE D 617 -43.58 3.83 -14.53
CA ILE D 617 -42.79 3.07 -15.50
C ILE D 617 -43.59 2.79 -16.77
N THR D 618 -44.87 2.41 -16.62
CA THR D 618 -45.78 2.15 -17.75
C THR D 618 -45.93 3.36 -18.67
N GLN D 619 -46.08 4.58 -18.12
CA GLN D 619 -46.16 5.80 -18.92
C GLN D 619 -44.90 6.05 -19.74
N LYS D 620 -43.71 5.96 -19.13
CA LYS D 620 -42.43 6.12 -19.84
C LYS D 620 -42.25 5.08 -20.95
N LEU D 621 -42.61 3.82 -20.68
CA LEU D 621 -42.54 2.76 -21.70
C LEU D 621 -43.51 3.03 -22.86
N LEU D 622 -44.76 3.39 -22.60
CA LEU D 622 -45.72 3.72 -23.66
C LEU D 622 -45.25 4.89 -24.53
N GLU D 623 -44.69 5.95 -23.94
CA GLU D 623 -44.15 7.08 -24.70
C GLU D 623 -42.98 6.69 -25.60
N LEU D 624 -42.10 5.79 -25.13
CA LEU D 624 -40.99 5.22 -25.91
C LEU D 624 -41.46 4.24 -27.00
N LYS D 625 -42.62 3.58 -26.81
CA LYS D 625 -43.23 2.71 -27.83
C LYS D 625 -43.80 3.53 -28.99
N GLU D 626 -44.51 4.61 -28.67
CA GLU D 626 -45.13 5.49 -29.66
C GLU D 626 -44.08 6.34 -30.40
N ASN D 627 -43.14 6.93 -29.65
CA ASN D 627 -42.03 7.72 -30.18
C ASN D 627 -40.75 6.86 -30.24
N ASN D 628 -40.75 5.78 -31.02
CA ASN D 628 -39.68 4.79 -30.98
C ASN D 628 -38.36 5.21 -31.69
N ILE D 629 -38.39 6.25 -32.51
CA ILE D 629 -37.20 6.88 -33.10
C ILE D 629 -36.99 8.24 -32.43
N ARG D 630 -35.95 8.37 -31.59
CA ARG D 630 -35.65 9.58 -30.82
C ARG D 630 -34.22 10.03 -31.02
N ASN D 631 -33.96 11.32 -30.82
CA ASN D 631 -32.62 11.89 -30.79
C ASN D 631 -32.51 12.82 -29.56
N GLU D 632 -32.04 12.23 -28.46
CA GLU D 632 -32.02 12.83 -27.13
C GLU D 632 -30.71 12.53 -26.40
N LEU D 633 -30.55 13.02 -25.17
CA LEU D 633 -29.35 12.75 -24.37
C LEU D 633 -29.31 11.27 -23.94
N PRO D 634 -28.11 10.68 -23.75
CA PRO D 634 -27.95 9.33 -23.23
C PRO D 634 -27.88 9.30 -21.69
N LEU D 635 -28.21 8.13 -21.14
CA LEU D 635 -27.75 7.67 -19.83
C LEU D 635 -26.68 6.60 -20.08
N ILE D 636 -25.44 6.87 -19.66
CA ILE D 636 -24.31 5.95 -19.83
C ILE D 636 -24.27 5.00 -18.62
N TYR D 637 -24.56 3.73 -18.84
CA TYR D 637 -24.65 2.72 -17.78
C TYR D 637 -23.69 1.55 -18.01
N HIS D 638 -23.22 0.99 -16.89
CA HIS D 638 -22.60 -0.32 -16.83
C HIS D 638 -23.54 -1.26 -16.07
N VAL D 639 -23.92 -2.39 -16.68
CA VAL D 639 -24.64 -3.47 -15.99
C VAL D 639 -23.77 -4.72 -15.99
N ASP D 640 -23.46 -5.23 -14.80
CA ASP D 640 -22.47 -6.30 -14.57
C ASP D 640 -23.03 -7.35 -13.60
N VAL D 641 -22.78 -8.63 -13.86
CA VAL D 641 -23.30 -9.72 -13.02
C VAL D 641 -22.44 -9.88 -11.77
N ALA D 642 -23.04 -9.65 -10.60
CA ALA D 642 -22.41 -9.87 -9.31
C ALA D 642 -21.77 -11.26 -9.26
N SER D 643 -20.44 -11.36 -9.11
CA SER D 643 -19.74 -12.65 -8.95
C SER D 643 -20.18 -13.72 -9.97
N MET D 644 -20.26 -13.36 -11.27
CA MET D 644 -20.93 -14.14 -12.32
C MET D 644 -20.68 -15.65 -12.27
N TYR D 645 -19.42 -16.10 -12.41
CA TYR D 645 -19.09 -17.53 -12.46
C TYR D 645 -19.41 -18.27 -11.15
N PRO D 646 -19.03 -17.77 -9.95
CA PRO D 646 -19.53 -18.30 -8.68
C PRO D 646 -21.05 -18.46 -8.59
N ASN D 647 -21.82 -17.46 -9.05
CA ASN D 647 -23.28 -17.53 -9.01
C ASN D 647 -23.88 -18.52 -10.03
N ILE D 648 -23.29 -18.65 -11.22
CA ILE D 648 -23.61 -19.72 -12.18
C ILE D 648 -23.32 -21.10 -11.57
N MET D 649 -22.19 -21.22 -10.87
CA MET D 649 -21.77 -22.45 -10.20
C MET D 649 -22.74 -22.84 -9.06
N THR D 650 -23.09 -21.92 -8.16
CA THR D 650 -24.05 -22.21 -7.09
C THR D 650 -25.44 -22.49 -7.64
N THR D 651 -25.93 -21.69 -8.60
CA THR D 651 -27.24 -21.88 -9.22
C THR D 651 -27.40 -23.26 -9.86
N ASN D 652 -26.42 -23.71 -10.65
CA ASN D 652 -26.48 -24.98 -11.38
C ASN D 652 -25.91 -26.17 -10.59
N ARG D 653 -25.51 -25.95 -9.33
CA ARG D 653 -24.88 -26.94 -8.45
C ARG D 653 -23.61 -27.57 -9.06
N LEU D 654 -22.82 -26.74 -9.75
CA LEU D 654 -21.62 -27.13 -10.49
C LEU D 654 -20.42 -27.29 -9.57
N GLN D 655 -19.85 -28.51 -9.63
CA GLN D 655 -18.65 -28.87 -8.84
C GLN D 655 -17.92 -29.87 -9.75
N PRO D 656 -16.76 -30.47 -9.38
CA PRO D 656 -16.16 -31.51 -10.18
C PRO D 656 -16.54 -32.81 -9.44
N ASP D 657 -17.37 -32.68 -8.40
CA ASP D 657 -17.81 -33.85 -7.59
C ASP D 657 -19.09 -34.42 -8.20
N SER D 658 -19.61 -33.76 -9.23
CA SER D 658 -20.90 -34.22 -9.78
C SER D 658 -20.74 -34.61 -11.26
N ILE D 659 -20.07 -33.78 -12.09
CA ILE D 659 -19.99 -34.15 -13.50
C ILE D 659 -19.90 -35.68 -13.60
N LYS D 660 -21.01 -36.33 -13.93
CA LYS D 660 -21.08 -37.79 -14.06
C LYS D 660 -21.14 -38.22 -15.53
N ALA D 661 -20.51 -39.34 -15.85
CA ALA D 661 -20.69 -40.02 -17.13
C ALA D 661 -22.07 -40.72 -17.20
N GLU D 662 -22.48 -41.15 -18.40
CA GLU D 662 -23.67 -42.01 -18.52
C GLU D 662 -23.54 -43.30 -17.69
N ARG D 663 -22.32 -43.84 -17.55
CA ARG D 663 -22.02 -45.03 -16.73
C ARG D 663 -22.33 -44.82 -15.26
N ASP D 664 -21.71 -43.83 -14.62
CA ASP D 664 -21.88 -43.56 -13.19
C ASP D 664 -23.34 -43.16 -12.87
N CYS D 665 -23.98 -42.42 -13.79
CA CYS D 665 -25.41 -42.14 -13.69
C CYS D 665 -26.25 -43.42 -13.80
N ALA D 666 -25.94 -44.36 -14.71
CA ALA D 666 -26.61 -45.65 -14.86
C ALA D 666 -26.42 -46.59 -13.65
N SER D 667 -25.26 -46.55 -13.00
CA SER D 667 -24.94 -47.32 -11.80
C SER D 667 -25.61 -46.80 -10.52
N CYS D 668 -26.12 -45.57 -10.52
CA CYS D 668 -26.74 -44.91 -9.36
C CYS D 668 -28.19 -45.39 -9.10
N ASP D 669 -28.49 -45.84 -7.87
CA ASP D 669 -29.82 -46.32 -7.45
C ASP D 669 -30.94 -45.26 -7.46
N PHE D 670 -30.58 -43.99 -7.56
CA PHE D 670 -31.56 -42.90 -7.77
C PHE D 670 -31.97 -42.71 -9.24
N ASN D 671 -31.39 -43.47 -10.18
CA ASN D 671 -31.68 -43.39 -11.61
C ASN D 671 -32.92 -44.23 -11.98
N ARG D 672 -34.10 -43.64 -11.79
CA ARG D 672 -35.41 -44.23 -12.15
C ARG D 672 -36.03 -43.57 -13.38
N PRO D 673 -37.05 -44.18 -14.00
CA PRO D 673 -38.06 -43.45 -14.76
C PRO D 673 -38.50 -42.19 -13.97
N GLY D 674 -38.72 -41.08 -14.66
CA GLY D 674 -39.10 -39.81 -14.02
C GLY D 674 -37.97 -39.03 -13.29
N LYS D 675 -36.70 -39.48 -13.32
CA LYS D 675 -35.62 -38.79 -12.58
C LYS D 675 -35.47 -37.30 -12.96
N THR D 676 -35.50 -36.44 -11.95
CA THR D 676 -35.27 -34.99 -12.09
C THR D 676 -33.84 -34.56 -11.77
N CYS D 677 -33.05 -35.39 -11.08
CA CYS D 677 -31.73 -35.03 -10.53
C CYS D 677 -30.58 -34.97 -11.55
N ALA D 678 -30.81 -35.35 -12.81
CA ALA D 678 -29.81 -35.34 -13.87
C ALA D 678 -29.96 -34.07 -14.73
N ARG D 679 -29.38 -32.96 -14.29
CA ARG D 679 -29.39 -31.69 -15.04
C ARG D 679 -28.38 -31.75 -16.17
N LYS D 680 -28.85 -31.71 -17.42
CA LYS D 680 -27.97 -31.72 -18.59
C LYS D 680 -27.60 -30.30 -18.98
N LEU D 681 -26.31 -30.00 -19.13
CA LEU D 681 -25.83 -28.69 -19.55
C LEU D 681 -24.79 -28.81 -20.67
N LYS D 682 -24.81 -27.80 -21.55
CA LYS D 682 -23.91 -27.70 -22.69
C LYS D 682 -22.63 -26.95 -22.36
N TRP D 683 -21.58 -27.27 -23.10
CA TRP D 683 -20.32 -26.55 -23.14
C TRP D 683 -19.68 -26.64 -24.52
N ALA D 684 -18.82 -25.68 -24.87
CA ALA D 684 -18.14 -25.67 -26.16
C ALA D 684 -16.67 -26.04 -25.98
N TRP D 685 -16.31 -27.29 -26.30
CA TRP D 685 -14.92 -27.77 -26.34
C TRP D 685 -14.20 -27.17 -27.55
N ARG D 686 -12.91 -26.86 -27.40
CA ARG D 686 -12.05 -26.35 -28.47
C ARG D 686 -10.72 -27.10 -28.51
N GLY D 687 -10.53 -27.89 -29.56
CA GLY D 687 -9.25 -28.51 -29.88
C GLY D 687 -8.35 -27.59 -30.72
N GLU D 688 -7.04 -27.65 -30.49
CA GLU D 688 -6.01 -27.30 -31.47
C GLU D 688 -5.16 -28.53 -31.75
N PHE D 689 -5.18 -29.03 -32.99
CA PHE D 689 -4.50 -30.26 -33.39
C PHE D 689 -3.65 -30.06 -34.64
N PHE D 690 -2.68 -30.95 -34.83
CA PHE D 690 -1.89 -31.01 -36.06
C PHE D 690 -2.76 -31.53 -37.21
N PRO D 691 -2.71 -30.95 -38.42
CA PRO D 691 -3.40 -31.49 -39.60
C PRO D 691 -3.06 -32.94 -39.93
N SER D 692 -1.93 -33.44 -39.42
CA SER D 692 -1.44 -34.79 -39.66
C SER D 692 -2.24 -35.87 -38.98
N LYS D 693 -2.41 -36.99 -39.69
CA LYS D 693 -3.18 -38.16 -39.29
C LYS D 693 -2.32 -39.21 -38.56
N MET D 694 -2.97 -40.24 -38.03
CA MET D 694 -2.32 -41.28 -37.22
C MET D 694 -1.24 -42.09 -37.98
N ASP D 695 -1.42 -42.31 -39.28
CA ASP D 695 -0.42 -42.93 -40.15
C ASP D 695 0.83 -42.06 -40.32
N GLU D 696 0.64 -40.75 -40.49
CA GLU D 696 1.73 -39.77 -40.56
C GLU D 696 2.44 -39.59 -39.21
N TYR D 697 1.71 -39.55 -38.10
CA TYR D 697 2.26 -39.59 -36.74
C TYR D 697 3.16 -40.82 -36.56
N ASN D 698 2.68 -42.00 -36.94
CA ASN D 698 3.43 -43.25 -36.83
C ASN D 698 4.68 -43.27 -37.73
N MET D 699 4.60 -42.67 -38.92
CA MET D 699 5.77 -42.46 -39.80
C MET D 699 6.82 -41.55 -39.14
N ILE D 700 6.42 -40.44 -38.51
CA ILE D 700 7.33 -39.56 -37.77
C ILE D 700 7.96 -40.28 -36.56
N LYS D 701 7.18 -41.07 -35.82
CA LYS D 701 7.69 -41.88 -34.69
C LYS D 701 8.75 -42.89 -35.14
N ARG D 702 8.49 -43.65 -36.22
CA ARG D 702 9.47 -44.58 -36.81
C ARG D 702 10.74 -43.88 -37.32
N ALA D 703 10.62 -42.66 -37.84
CA ALA D 703 11.79 -41.87 -38.25
C ALA D 703 12.65 -41.46 -37.05
N LEU D 704 12.02 -41.03 -35.94
CA LEU D 704 12.72 -40.65 -34.71
C LEU D 704 13.38 -41.84 -34.00
N GLN D 705 12.84 -43.05 -34.11
CA GLN D 705 13.46 -44.28 -33.58
C GLN D 705 14.82 -44.59 -34.22
N ASN D 706 15.11 -44.08 -35.41
CA ASN D 706 16.42 -44.19 -36.07
C ASN D 706 17.40 -43.06 -35.71
N GLU D 707 16.97 -42.05 -34.94
CA GLU D 707 17.82 -40.95 -34.46
C GLU D 707 18.40 -41.24 -33.06
N THR D 708 19.44 -40.48 -32.68
CA THR D 708 20.09 -40.60 -31.35
C THR D 708 20.06 -39.28 -30.61
N PHE D 709 19.89 -39.33 -29.29
CA PHE D 709 19.55 -38.17 -28.47
C PHE D 709 20.55 -37.99 -27.31
N PRO D 710 20.87 -36.74 -26.91
CA PRO D 710 21.75 -36.49 -25.79
C PRO D 710 21.06 -36.84 -24.46
N ASN D 711 21.79 -37.50 -23.55
CA ASN D 711 21.27 -37.80 -22.23
C ASN D 711 21.22 -36.54 -21.36
N LYS D 712 20.02 -36.18 -20.90
CA LYS D 712 19.75 -35.03 -20.04
C LYS D 712 20.30 -35.20 -18.62
N ASN D 713 20.44 -36.44 -18.16
CA ASN D 713 20.90 -36.74 -16.81
C ASN D 713 22.44 -36.65 -16.72
N LYS D 714 22.93 -35.52 -16.21
CA LYS D 714 24.37 -35.24 -15.99
C LYS D 714 25.08 -36.25 -15.06
N PHE D 715 24.35 -36.99 -14.22
CA PHE D 715 24.93 -38.02 -13.35
C PHE D 715 25.16 -39.37 -14.07
N SER D 716 24.60 -39.56 -15.26
CA SER D 716 24.82 -40.78 -16.05
C SER D 716 26.07 -40.67 -16.92
N LYS D 717 26.89 -41.73 -16.90
CA LYS D 717 28.06 -41.86 -17.80
C LYS D 717 27.66 -42.09 -19.26
N LYS D 718 26.41 -42.50 -19.55
CA LYS D 718 25.92 -42.74 -20.91
C LYS D 718 25.48 -41.42 -21.54
N LYS D 719 26.29 -40.86 -22.46
CA LYS D 719 26.02 -39.56 -23.11
C LYS D 719 24.91 -39.57 -24.16
N VAL D 720 24.58 -40.74 -24.71
CA VAL D 720 23.64 -40.90 -25.83
C VAL D 720 22.57 -41.94 -25.50
N LEU D 721 21.33 -41.66 -25.88
CA LEU D 721 20.14 -42.51 -25.73
C LEU D 721 19.51 -42.78 -27.11
N THR D 722 18.83 -43.92 -27.25
CA THR D 722 17.88 -44.14 -28.36
C THR D 722 16.55 -43.44 -28.06
N PHE D 723 15.66 -43.36 -29.05
CA PHE D 723 14.32 -42.77 -28.86
C PHE D 723 13.53 -43.48 -27.75
N ASP D 724 13.50 -44.82 -27.75
CA ASP D 724 12.70 -45.60 -26.79
C ASP D 724 13.31 -45.57 -25.37
N GLU D 725 14.59 -45.22 -25.24
CA GLU D 725 15.26 -44.98 -23.94
C GLU D 725 14.99 -43.56 -23.36
N LEU D 726 14.41 -42.64 -24.14
CA LEU D 726 13.94 -41.36 -23.63
C LEU D 726 12.68 -41.53 -22.77
N SER D 727 12.44 -40.60 -21.86
CA SER D 727 11.15 -40.51 -21.17
C SER D 727 10.02 -40.26 -22.17
N TYR D 728 8.80 -40.75 -21.90
CA TYR D 728 7.67 -40.59 -22.83
C TYR D 728 7.32 -39.13 -23.11
N ALA D 729 7.50 -38.24 -22.12
CA ALA D 729 7.37 -36.79 -22.30
C ALA D 729 8.40 -36.23 -23.30
N ASP D 730 9.64 -36.69 -23.24
CA ASP D 730 10.69 -36.27 -24.17
C ASP D 730 10.46 -36.82 -25.58
N GLN D 731 10.02 -38.07 -25.70
CA GLN D 731 9.60 -38.68 -26.97
C GLN D 731 8.54 -37.80 -27.66
N VAL D 732 7.49 -37.41 -26.93
CA VAL D 732 6.40 -36.55 -27.45
C VAL D 732 6.89 -35.13 -27.80
N ILE D 733 7.82 -34.54 -27.03
CA ILE D 733 8.45 -33.25 -27.39
C ILE D 733 9.16 -33.33 -28.76
N HIS D 734 9.90 -34.41 -29.01
CA HIS D 734 10.57 -34.63 -30.30
C HIS D 734 9.58 -34.91 -31.43
N ILE D 735 8.53 -35.71 -31.18
CA ILE D 735 7.43 -35.95 -32.12
C ILE D 735 6.76 -34.63 -32.51
N LYS D 736 6.33 -33.81 -31.54
CA LYS D 736 5.68 -32.51 -31.79
C LYS D 736 6.56 -31.58 -32.63
N LYS D 737 7.87 -31.53 -32.36
CA LYS D 737 8.83 -30.77 -33.18
C LYS D 737 8.81 -31.22 -34.64
N ARG D 738 8.97 -32.52 -34.94
CA ARG D 738 8.95 -33.00 -36.33
C ARG D 738 7.56 -32.92 -36.98
N LEU D 739 6.48 -33.08 -36.21
CA LEU D 739 5.12 -32.85 -36.71
C LEU D 739 4.84 -31.39 -37.07
N THR D 740 5.38 -30.40 -36.34
CA THR D 740 5.25 -28.98 -36.74
C THR D 740 5.90 -28.69 -38.10
N GLU D 741 7.06 -29.29 -38.37
CA GLU D 741 7.76 -29.16 -39.66
C GLU D 741 7.02 -29.89 -40.78
N TYR D 742 6.62 -31.14 -40.54
CA TYR D 742 5.89 -31.96 -41.49
C TYR D 742 4.52 -31.33 -41.86
N SER D 743 3.73 -30.94 -40.86
CA SER D 743 2.42 -30.30 -41.07
C SER D 743 2.54 -29.03 -41.90
N ARG D 744 3.54 -28.18 -41.60
CA ARG D 744 3.81 -26.96 -42.36
C ARG D 744 4.20 -27.25 -43.81
N LYS D 745 4.95 -28.33 -44.05
CA LYS D 745 5.42 -28.73 -45.39
C LYS D 745 4.32 -29.36 -46.25
N VAL D 746 3.45 -30.19 -45.66
CA VAL D 746 2.42 -30.96 -46.38
C VAL D 746 1.07 -30.25 -46.44
N TYR D 747 0.63 -29.63 -45.34
CA TYR D 747 -0.69 -29.02 -45.21
C TYR D 747 -0.67 -27.48 -45.25
N HIS D 748 0.51 -26.86 -45.39
CA HIS D 748 0.73 -25.41 -45.40
C HIS D 748 0.26 -24.65 -44.14
N ARG D 749 -0.12 -25.38 -43.09
CA ARG D 749 -0.51 -24.86 -41.77
C ARG D 749 0.01 -25.80 -40.68
N VAL D 750 0.31 -25.25 -39.50
CA VAL D 750 0.82 -26.03 -38.36
C VAL D 750 -0.32 -26.62 -37.52
N LYS D 751 -1.44 -25.88 -37.41
CA LYS D 751 -2.58 -26.23 -36.56
C LYS D 751 -3.89 -26.12 -37.33
N VAL D 752 -4.87 -26.92 -36.92
CA VAL D 752 -6.30 -26.71 -37.14
C VAL D 752 -6.92 -26.45 -35.77
N SER D 753 -7.90 -25.56 -35.69
CA SER D 753 -8.73 -25.42 -34.49
C SER D 753 -10.19 -25.67 -34.84
N GLU D 754 -10.87 -26.40 -33.96
CA GLU D 754 -12.25 -26.81 -34.12
C GLU D 754 -12.99 -26.61 -32.81
N ILE D 755 -14.25 -26.21 -32.88
CA ILE D 755 -15.13 -26.01 -31.72
C ILE D 755 -16.28 -27.01 -31.85
N VAL D 756 -16.45 -27.85 -30.82
CA VAL D 756 -17.49 -28.87 -30.75
C VAL D 756 -18.35 -28.60 -29.52
N GLU D 757 -19.66 -28.42 -29.74
CA GLU D 757 -20.61 -28.33 -28.64
C GLU D 757 -20.82 -29.74 -28.04
N ARG D 758 -20.58 -29.86 -26.74
CA ARG D 758 -20.71 -31.09 -25.95
C ARG D 758 -21.72 -30.88 -24.83
N GLU D 759 -22.23 -32.00 -24.30
CA GLU D 759 -23.22 -32.04 -23.24
C GLU D 759 -22.65 -32.88 -22.09
N ALA D 760 -22.91 -32.48 -20.84
CA ALA D 760 -22.52 -33.23 -19.66
C ALA D 760 -23.64 -33.25 -18.61
N ILE D 761 -23.62 -34.27 -17.76
CA ILE D 761 -24.66 -34.54 -16.76
C ILE D 761 -24.17 -34.01 -15.40
N VAL D 762 -24.89 -33.03 -14.86
CA VAL D 762 -24.64 -32.45 -13.53
C VAL D 762 -25.60 -33.08 -12.52
N CYS D 763 -25.08 -33.99 -11.70
CA CYS D 763 -25.82 -34.63 -10.63
C CYS D 763 -26.24 -33.59 -9.57
N GLN D 764 -27.54 -33.67 -9.26
CA GLN D 764 -28.11 -32.80 -8.19
C GLN D 764 -28.15 -33.57 -6.85
N ARG D 765 -28.06 -34.91 -6.88
CA ARG D 765 -28.21 -35.75 -5.64
C ARG D 765 -26.84 -36.00 -5.02
N GLU D 766 -25.76 -35.72 -5.75
CA GLU D 766 -24.39 -35.96 -5.32
C GLU D 766 -24.08 -35.13 -4.08
N ASN D 767 -23.46 -35.70 -2.76
CA ASN D 767 -22.95 -35.09 -1.53
C ASN D 767 -22.52 -33.62 -1.68
N PRO D 768 -23.14 -32.73 -0.93
CA PRO D 768 -22.88 -31.31 -1.17
C PRO D 768 -21.79 -30.67 -0.32
N PHE D 769 -20.57 -30.52 -0.85
CA PHE D 769 -19.50 -30.10 0.05
C PHE D 769 -18.82 -28.95 -0.66
N TYR D 770 -18.76 -29.06 -1.98
CA TYR D 770 -18.11 -28.04 -2.79
C TYR D 770 -19.02 -26.82 -2.84
N VAL D 771 -20.25 -27.07 -3.31
CA VAL D 771 -21.25 -26.03 -3.44
C VAL D 771 -21.65 -25.48 -2.09
N ASP D 772 -21.64 -26.30 -1.03
CA ASP D 772 -21.93 -25.77 0.29
C ASP D 772 -20.84 -24.81 0.74
N THR D 773 -19.59 -25.10 0.37
CA THR D 773 -18.51 -24.16 0.62
C THR D 773 -18.71 -22.87 -0.13
N VAL D 774 -19.27 -22.96 -1.33
CA VAL D 774 -19.45 -21.74 -2.11
C VAL D 774 -20.63 -20.91 -1.60
N LYS D 775 -21.80 -21.53 -1.44
CA LYS D 775 -22.95 -20.88 -0.81
C LYS D 775 -22.63 -20.27 0.55
N SER D 776 -21.95 -21.04 1.40
CA SER D 776 -21.66 -20.62 2.75
C SER D 776 -20.66 -19.48 2.76
N PHE D 777 -19.68 -19.57 1.89
CA PHE D 777 -18.68 -18.54 1.75
C PHE D 777 -19.28 -17.25 1.21
N ARG D 778 -20.13 -17.37 0.19
CA ARG D 778 -20.90 -16.24 -0.31
C ARG D 778 -21.74 -15.56 0.77
N ASP D 779 -22.40 -16.35 1.62
CA ASP D 779 -23.21 -15.76 2.68
C ASP D 779 -22.38 -15.09 3.76
N ARG D 780 -21.27 -15.70 4.16
CA ARG D 780 -20.37 -15.04 5.12
C ARG D 780 -19.82 -13.73 4.56
N ARG D 781 -19.43 -13.70 3.28
CA ARG D 781 -19.01 -12.42 2.70
C ARG D 781 -20.14 -11.40 2.74
N TYR D 782 -21.35 -11.78 2.30
CA TYR D 782 -22.49 -10.87 2.41
C TYR D 782 -22.66 -10.37 3.84
N GLU D 783 -22.53 -11.29 4.81
CA GLU D 783 -22.56 -11.02 6.25
C GLU D 783 -21.60 -9.87 6.59
N PHE D 784 -20.39 -9.93 6.05
CA PHE D 784 -19.40 -8.92 6.43
C PHE D 784 -19.66 -7.60 5.73
N LYS D 785 -20.09 -7.63 4.46
CA LYS D 785 -20.61 -6.41 3.82
C LYS D 785 -21.70 -5.76 4.67
N GLY D 786 -22.59 -6.56 5.25
CA GLY D 786 -23.63 -6.04 6.12
C GLY D 786 -23.04 -5.43 7.37
N LEU D 787 -22.17 -6.20 8.04
CA LEU D 787 -21.51 -5.76 9.27
C LEU D 787 -20.75 -4.46 9.03
N ALA D 788 -19.96 -4.43 7.95
CA ALA D 788 -19.32 -3.23 7.40
C ALA D 788 -20.27 -2.02 7.41
N LYS D 789 -21.47 -2.20 6.83
CA LYS D 789 -22.42 -1.09 6.77
C LYS D 789 -22.90 -0.68 8.17
N THR D 790 -23.13 -1.66 9.04
CA THR D 790 -23.55 -1.35 10.40
C THR D 790 -22.45 -0.59 11.12
N TRP D 791 -21.20 -0.99 10.89
CA TRP D 791 -20.06 -0.34 11.49
C TRP D 791 -19.88 1.06 10.92
N LYS D 792 -20.19 1.25 9.63
CA LYS D 792 -20.11 2.57 9.02
C LYS D 792 -21.06 3.51 9.74
N GLY D 793 -22.22 2.96 10.12
CA GLY D 793 -23.19 3.74 10.84
C GLY D 793 -22.67 4.03 12.23
N ASN D 794 -22.01 3.05 12.84
CA ASN D 794 -21.44 3.26 14.17
C ASN D 794 -20.32 4.29 14.13
N LEU D 795 -19.47 4.27 13.08
CA LEU D 795 -18.40 5.27 13.00
C LEU D 795 -18.92 6.66 12.74
N SER D 796 -20.21 6.83 12.43
CA SER D 796 -20.62 8.22 12.29
C SER D 796 -21.66 8.66 13.32
N LYS D 797 -22.48 7.73 13.83
CA LYS D 797 -23.55 8.04 14.79
C LYS D 797 -23.04 8.81 16.02
N ILE D 798 -21.98 8.29 16.64
CA ILE D 798 -21.35 8.71 17.89
C ILE D 798 -20.72 10.10 17.88
N ASP D 799 -20.04 10.40 18.98
CA ASP D 799 -19.41 11.69 19.24
C ASP D 799 -18.14 11.86 18.40
N PRO D 800 -17.57 13.07 18.33
CA PRO D 800 -16.38 13.29 17.50
C PRO D 800 -15.02 13.24 18.20
N SER D 801 -14.96 12.92 19.48
CA SER D 801 -13.68 12.84 20.20
C SER D 801 -13.02 11.56 19.73
N ASP D 802 -12.31 11.69 18.59
CA ASP D 802 -11.58 10.61 17.91
C ASP D 802 -10.76 9.72 18.84
N LYS D 803 -10.07 10.31 19.80
CA LYS D 803 -9.38 9.52 20.83
C LYS D 803 -10.31 9.47 22.05
N HIS D 804 -11.21 8.51 22.04
CA HIS D 804 -12.04 8.20 23.19
C HIS D 804 -12.38 6.72 23.19
N ALA D 805 -11.34 5.89 22.96
CA ALA D 805 -11.46 4.43 22.94
C ALA D 805 -12.40 3.95 21.84
N ARG D 806 -12.40 4.64 20.70
CA ARG D 806 -13.10 4.16 19.52
C ARG D 806 -12.20 4.00 18.31
N ASP D 807 -10.88 4.07 18.48
CA ASP D 807 -9.98 3.67 17.41
C ASP D 807 -9.85 2.15 17.31
N GLU D 808 -10.36 1.42 18.30
CA GLU D 808 -10.48 -0.03 18.21
C GLU D 808 -11.62 -0.38 17.27
N ALA D 809 -12.69 0.42 17.30
CA ALA D 809 -13.83 0.22 16.41
C ALA D 809 -13.41 0.43 14.96
N LYS D 810 -12.47 1.32 14.66
CA LYS D 810 -12.19 1.61 13.22
C LYS D 810 -11.27 0.53 12.62
N LYS D 811 -10.37 0.00 13.46
CA LYS D 811 -9.46 -1.06 12.97
C LYS D 811 -10.31 -2.28 12.63
N MET D 812 -11.37 -2.54 13.40
CA MET D 812 -12.23 -3.72 13.18
C MET D 812 -13.03 -3.48 11.91
N ILE D 813 -13.28 -2.22 11.59
CA ILE D 813 -13.95 -1.88 10.31
C ILE D 813 -12.98 -2.30 9.21
N VAL D 814 -11.73 -1.84 9.31
CA VAL D 814 -10.77 -2.33 8.28
C VAL D 814 -10.85 -3.85 8.28
N LEU D 815 -10.94 -4.49 9.44
CA LEU D 815 -10.87 -5.97 9.57
C LEU D 815 -12.01 -6.66 8.82
N TYR D 816 -13.23 -6.20 9.01
CA TYR D 816 -14.39 -6.89 8.39
C TYR D 816 -14.30 -6.57 6.90
N ASP D 817 -13.86 -5.37 6.56
CA ASP D 817 -13.68 -5.08 5.13
C ASP D 817 -12.73 -6.12 4.57
N SER D 818 -11.67 -6.35 5.35
CA SER D 818 -10.60 -7.27 4.89
C SER D 818 -11.15 -8.68 4.86
N LEU D 819 -11.90 -9.11 5.86
CA LEU D 819 -12.47 -10.47 5.72
C LEU D 819 -13.44 -10.48 4.53
N GLN D 820 -14.09 -9.35 4.24
CA GLN D 820 -14.97 -9.29 3.06
C GLN D 820 -14.12 -9.51 1.81
N LEU D 821 -13.07 -8.71 1.66
CA LEU D 821 -12.25 -8.81 0.43
C LEU D 821 -11.68 -10.21 0.37
N ALA D 822 -11.50 -10.83 1.54
CA ALA D 822 -10.83 -12.13 1.57
C ALA D 822 -11.79 -13.19 1.05
N HIS D 823 -12.98 -13.23 1.59
CA HIS D 823 -13.95 -14.20 1.05
C HIS D 823 -14.10 -13.89 -0.43
N LYS D 824 -13.98 -12.62 -0.82
CA LYS D 824 -14.23 -12.26 -2.25
C LYS D 824 -13.18 -12.94 -3.13
N VAL D 825 -11.92 -12.72 -2.77
CA VAL D 825 -10.85 -13.33 -3.58
C VAL D 825 -11.08 -14.84 -3.53
N ILE D 826 -11.36 -15.41 -2.36
CA ILE D 826 -11.46 -16.89 -2.27
C ILE D 826 -12.53 -17.35 -3.27
N LEU D 827 -13.68 -16.70 -3.33
CA LEU D 827 -14.80 -17.12 -4.21
C LEU D 827 -14.38 -16.97 -5.68
N ASN D 828 -13.91 -15.80 -6.05
CA ASN D 828 -13.60 -15.64 -7.49
C ASN D 828 -12.52 -16.67 -7.86
N SER D 829 -11.72 -17.08 -6.88
CA SER D 829 -10.62 -18.05 -7.11
C SER D 829 -11.19 -19.46 -7.31
N PHE D 830 -12.01 -19.91 -6.38
CA PHE D 830 -12.69 -21.19 -6.59
C PHE D 830 -13.05 -21.10 -8.06
N TYR D 831 -13.66 -19.98 -8.45
CA TYR D 831 -14.13 -19.93 -9.85
C TYR D 831 -12.99 -20.27 -10.84
N GLY D 832 -11.75 -19.89 -10.53
CA GLY D 832 -10.62 -20.17 -11.42
C GLY D 832 -9.99 -21.51 -11.09
N TYR D 833 -9.42 -21.67 -9.89
CA TYR D 833 -8.91 -22.96 -9.39
C TYR D 833 -9.43 -24.10 -10.26
N VAL D 834 -10.74 -24.14 -10.41
CA VAL D 834 -11.25 -25.32 -11.17
C VAL D 834 -10.66 -25.53 -12.58
N MET D 835 -9.73 -24.71 -13.03
CA MET D 835 -9.09 -25.06 -14.33
C MET D 835 -7.58 -25.08 -14.01
N ARG D 836 -7.26 -25.21 -12.71
CA ARG D 836 -5.85 -25.18 -12.25
C ARG D 836 -5.12 -26.47 -12.63
N LYS D 837 -4.51 -26.52 -13.82
CA LYS D 837 -3.82 -27.75 -14.28
C LYS D 837 -2.89 -28.25 -13.17
N GLY D 838 -2.98 -29.55 -12.85
CA GLY D 838 -2.08 -30.12 -11.84
C GLY D 838 -2.70 -30.07 -10.45
N SER D 839 -3.67 -29.17 -10.26
CA SER D 839 -4.37 -29.11 -8.95
C SER D 839 -5.29 -30.32 -8.82
N ARG D 840 -5.91 -30.51 -7.64
CA ARG D 840 -6.90 -31.59 -7.47
C ARG D 840 -8.28 -31.04 -7.79
N TRP D 841 -9.32 -31.87 -7.66
CA TRP D 841 -10.68 -31.34 -7.88
C TRP D 841 -10.70 -30.57 -9.20
N TYR D 842 -9.73 -30.80 -10.08
CA TYR D 842 -9.73 -30.17 -11.43
C TYR D 842 -11.04 -30.56 -12.12
N SER D 843 -11.48 -29.82 -13.14
CA SER D 843 -12.79 -30.09 -13.77
C SER D 843 -12.91 -29.36 -15.11
N MET D 844 -12.01 -29.66 -16.05
CA MET D 844 -12.00 -28.89 -17.33
C MET D 844 -13.42 -28.70 -17.84
N GLU D 845 -14.25 -29.74 -17.79
CA GLU D 845 -15.67 -29.60 -18.22
C GLU D 845 -16.27 -28.45 -17.42
N MET D 846 -17.01 -28.74 -16.37
CA MET D 846 -17.53 -27.75 -15.42
C MET D 846 -17.13 -26.32 -15.79
N ALA D 847 -15.85 -26.09 -16.12
CA ALA D 847 -15.36 -24.78 -16.52
C ALA D 847 -15.99 -24.32 -17.84
N GLY D 848 -16.11 -25.23 -18.81
CA GLY D 848 -16.77 -24.97 -20.10
C GLY D 848 -18.27 -24.68 -19.97
N ILE D 849 -19.00 -25.39 -19.10
CA ILE D 849 -20.41 -25.13 -18.79
C ILE D 849 -20.56 -23.74 -18.19
N THR D 850 -19.70 -23.41 -17.22
CA THR D 850 -19.74 -22.11 -16.52
C THR D 850 -19.57 -20.96 -17.52
N CYS D 851 -18.59 -21.07 -18.42
CA CYS D 851 -18.34 -20.06 -19.46
C CYS D 851 -19.45 -19.99 -20.51
N LEU D 852 -19.95 -21.12 -21.02
CA LEU D 852 -21.02 -21.09 -22.04
C LEU D 852 -22.35 -20.58 -21.47
N THR D 853 -22.67 -20.96 -20.23
CA THR D 853 -23.84 -20.43 -19.52
C THR D 853 -23.73 -18.91 -19.36
N GLY D 854 -22.54 -18.42 -18.95
CA GLY D 854 -22.26 -16.99 -18.83
C GLY D 854 -22.37 -16.24 -20.16
N ALA D 855 -21.75 -16.78 -21.22
CA ALA D 855 -21.87 -16.25 -22.58
C ALA D 855 -23.33 -16.16 -23.06
N THR D 856 -24.15 -17.15 -22.71
CA THR D 856 -25.58 -17.19 -23.06
C THR D 856 -26.38 -16.12 -22.29
N ILE D 857 -26.11 -15.95 -20.99
CA ILE D 857 -26.72 -14.91 -20.15
C ILE D 857 -26.40 -13.51 -20.68
N ILE D 858 -25.13 -13.21 -20.96
CA ILE D 858 -24.72 -11.87 -21.39
C ILE D 858 -25.18 -11.55 -22.81
N GLN D 859 -25.24 -12.53 -23.73
CA GLN D 859 -25.85 -12.35 -25.05
C GLN D 859 -27.36 -12.13 -24.98
N MET D 860 -28.07 -12.78 -24.04
CA MET D 860 -29.50 -12.54 -23.78
C MET D 860 -29.74 -11.11 -23.27
N ALA D 861 -28.94 -10.65 -22.31
CA ALA D 861 -28.98 -9.28 -21.81
C ALA D 861 -28.70 -8.26 -22.92
N ARG D 862 -27.61 -8.45 -23.69
CA ARG D 862 -27.26 -7.60 -24.84
C ARG D 862 -28.40 -7.51 -25.85
N ALA D 863 -29.03 -8.64 -26.20
CA ALA D 863 -30.13 -8.67 -27.17
C ALA D 863 -31.38 -7.90 -26.71
N LEU D 864 -31.61 -7.73 -25.40
CA LEU D 864 -32.62 -6.79 -24.90
C LEU D 864 -32.12 -5.34 -24.96
N VAL D 865 -30.92 -5.08 -24.45
CA VAL D 865 -30.34 -3.71 -24.42
C VAL D 865 -30.19 -3.10 -25.82
N GLU D 866 -29.86 -3.91 -26.83
CA GLU D 866 -29.80 -3.54 -28.26
C GLU D 866 -31.16 -3.16 -28.86
N ARG D 867 -32.26 -3.64 -28.26
CA ARG D 867 -33.63 -3.35 -28.71
C ARG D 867 -34.24 -2.11 -28.02
N VAL D 868 -33.72 -1.68 -26.88
CA VAL D 868 -34.22 -0.53 -26.11
C VAL D 868 -33.23 0.64 -25.98
N GLY D 869 -31.98 0.43 -26.37
CA GLY D 869 -30.88 1.39 -26.33
C GLY D 869 -29.75 0.96 -27.26
N ARG D 870 -28.51 1.33 -26.95
CA ARG D 870 -27.32 0.95 -27.74
C ARG D 870 -26.21 0.43 -26.83
N PRO D 871 -25.91 -0.89 -26.85
CA PRO D 871 -24.73 -1.44 -26.18
C PRO D 871 -23.46 -1.07 -26.95
N LEU D 872 -22.42 -0.62 -26.23
CA LEU D 872 -21.18 -0.08 -26.77
C LEU D 872 -20.05 -1.12 -26.73
N GLU D 873 -19.86 -1.75 -25.57
CA GLU D 873 -18.88 -2.79 -25.30
C GLU D 873 -19.48 -3.84 -24.37
N LEU D 874 -19.06 -5.09 -24.54
CA LEU D 874 -19.46 -6.22 -23.73
C LEU D 874 -18.21 -7.00 -23.38
N ASP D 875 -17.97 -7.22 -22.10
CA ASP D 875 -16.83 -7.99 -21.62
C ASP D 875 -17.26 -8.98 -20.53
N THR D 876 -17.48 -10.23 -20.95
CA THR D 876 -17.72 -11.41 -20.12
C THR D 876 -19.00 -11.37 -19.28
N ASP D 877 -19.03 -10.55 -18.24
CA ASP D 877 -20.09 -10.34 -17.27
C ASP D 877 -20.71 -8.93 -17.34
N GLY D 878 -19.97 -7.94 -17.87
CA GLY D 878 -20.40 -6.55 -18.01
C GLY D 878 -20.87 -6.16 -19.43
N ILE D 879 -21.90 -5.30 -19.49
CA ILE D 879 -22.29 -4.54 -20.69
C ILE D 879 -22.23 -3.05 -20.38
N TRP D 880 -21.47 -2.33 -21.19
CA TRP D 880 -21.54 -0.86 -21.30
C TRP D 880 -22.59 -0.48 -22.33
N CYS D 881 -23.54 0.38 -21.97
CA CYS D 881 -24.58 0.82 -22.88
C CYS D 881 -24.97 2.29 -22.67
N ILE D 882 -25.61 2.85 -23.69
CA ILE D 882 -26.40 4.07 -23.58
C ILE D 882 -27.88 3.75 -23.73
N LEU D 883 -28.68 4.29 -22.81
CA LEU D 883 -30.14 4.29 -22.87
C LEU D 883 -30.65 5.71 -23.16
N PRO D 884 -31.86 5.89 -23.71
CA PRO D 884 -32.49 7.22 -23.81
C PRO D 884 -32.62 7.85 -22.41
N LYS D 885 -32.39 9.16 -22.26
CA LYS D 885 -32.58 9.85 -20.97
C LYS D 885 -34.02 9.83 -20.45
N SER D 886 -34.98 9.59 -21.34
CA SER D 886 -36.39 9.38 -21.01
C SER D 886 -36.70 7.98 -20.46
N PHE D 887 -35.76 7.03 -20.51
CA PHE D 887 -35.96 5.65 -20.06
C PHE D 887 -36.33 5.59 -18.55
N PRO D 888 -37.16 4.62 -18.12
CA PRO D 888 -37.42 4.38 -16.69
C PRO D 888 -36.14 3.93 -15.98
N GLU D 889 -35.79 4.62 -14.90
CA GLU D 889 -34.44 4.58 -14.29
C GLU D 889 -34.53 4.09 -12.83
N THR D 890 -34.33 4.97 -11.84
CA THR D 890 -34.32 4.64 -10.42
C THR D 890 -35.61 5.06 -9.74
N TYR D 891 -36.15 4.18 -8.88
CA TYR D 891 -37.35 4.41 -8.10
C TYR D 891 -37.17 3.88 -6.67
N PHE D 892 -38.11 4.21 -5.78
CA PHE D 892 -38.12 3.71 -4.40
C PHE D 892 -39.50 3.21 -4.01
N PHE D 893 -39.58 1.94 -3.64
CA PHE D 893 -40.77 1.38 -2.98
C PHE D 893 -40.78 1.80 -1.51
N THR D 894 -41.94 2.23 -1.00
CA THR D 894 -42.13 2.65 0.38
C THR D 894 -42.86 1.54 1.13
N LEU D 895 -42.21 0.99 2.16
CA LEU D 895 -42.82 0.01 3.05
C LEU D 895 -43.73 0.71 4.08
N GLU D 896 -44.71 -0.01 4.63
CA GLU D 896 -45.59 0.49 5.70
C GLU D 896 -44.81 1.06 6.91
N ASN D 897 -43.62 0.52 7.20
CA ASN D 897 -42.74 1.00 8.28
C ASN D 897 -41.88 2.22 7.89
N GLY D 898 -42.16 2.87 6.75
CA GLY D 898 -41.46 4.05 6.24
C GLY D 898 -40.08 3.78 5.63
N LYS D 899 -39.53 2.56 5.72
CA LYS D 899 -38.27 2.21 5.02
C LYS D 899 -38.50 2.19 3.51
N LYS D 900 -37.48 2.62 2.77
CA LYS D 900 -37.47 2.61 1.30
C LYS D 900 -36.63 1.46 0.77
N LEU D 901 -37.17 0.70 -0.18
CA LEU D 901 -36.45 -0.30 -0.97
C LEU D 901 -36.03 0.32 -2.30
N TYR D 902 -34.85 -0.03 -2.79
CA TYR D 902 -34.27 0.50 -4.02
C TYR D 902 -34.72 -0.33 -5.23
N LEU D 903 -35.15 0.35 -6.30
CA LEU D 903 -35.44 -0.24 -7.60
C LEU D 903 -34.60 0.48 -8.68
N SER D 904 -33.85 -0.29 -9.47
CA SER D 904 -33.28 0.15 -10.75
C SER D 904 -33.95 -0.66 -11.85
N TYR D 905 -34.87 -0.04 -12.59
CA TYR D 905 -35.64 -0.77 -13.60
C TYR D 905 -34.78 -1.40 -14.71
N PRO D 906 -33.73 -0.75 -15.26
CA PRO D 906 -32.83 -1.37 -16.23
C PRO D 906 -32.14 -2.65 -15.71
N CYS D 907 -31.94 -2.73 -14.39
CA CYS D 907 -31.32 -3.87 -13.73
C CYS D 907 -32.36 -4.98 -13.46
N SER D 908 -33.49 -4.63 -12.83
CA SER D 908 -34.55 -5.58 -12.47
C SER D 908 -35.24 -6.20 -13.69
N MET D 909 -35.36 -5.49 -14.83
CA MET D 909 -35.88 -6.07 -16.08
C MET D 909 -34.96 -7.18 -16.63
N LEU D 910 -33.64 -7.05 -16.45
CA LEU D 910 -32.67 -8.08 -16.82
C LEU D 910 -32.71 -9.24 -15.82
N ASN D 911 -32.72 -8.95 -14.51
CA ASN D 911 -32.74 -9.96 -13.46
C ASN D 911 -33.99 -10.84 -13.52
N TYR D 912 -35.17 -10.25 -13.75
CA TYR D 912 -36.39 -11.01 -13.98
C TYR D 912 -36.25 -12.00 -15.15
N ARG D 913 -35.73 -11.56 -16.31
CA ARG D 913 -35.49 -12.43 -17.47
C ARG D 913 -34.42 -13.48 -17.22
N VAL D 914 -33.39 -13.18 -16.42
CA VAL D 914 -32.39 -14.17 -16.00
C VAL D 914 -33.05 -15.25 -15.14
N HIS D 915 -33.90 -14.86 -14.19
CA HIS D 915 -34.61 -15.81 -13.35
C HIS D 915 -35.64 -16.64 -14.10
N GLN D 916 -36.32 -16.10 -15.12
CA GLN D 916 -37.25 -16.91 -15.93
C GLN D 916 -36.55 -17.88 -16.90
N LYS D 917 -35.27 -17.67 -17.25
CA LYS D 917 -34.56 -18.49 -18.27
C LYS D 917 -33.45 -19.39 -17.73
N PHE D 918 -32.82 -19.03 -16.61
CA PHE D 918 -31.61 -19.71 -16.10
C PHE D 918 -31.76 -20.28 -14.69
N THR D 919 -32.95 -20.21 -14.09
CA THR D 919 -33.22 -20.84 -12.79
C THR D 919 -33.09 -22.37 -12.86
N ASN D 920 -32.53 -22.95 -11.81
CA ASN D 920 -32.40 -24.38 -11.65
C ASN D 920 -33.55 -24.95 -10.82
N HIS D 921 -34.63 -25.34 -11.50
CA HIS D 921 -35.78 -26.03 -10.89
C HIS D 921 -35.50 -27.50 -10.50
N GLN D 922 -34.27 -27.98 -10.70
CA GLN D 922 -33.84 -29.36 -10.42
C GLN D 922 -32.90 -29.45 -9.22
N TYR D 923 -32.65 -28.33 -8.51
CA TYR D 923 -31.71 -28.32 -7.39
C TYR D 923 -32.22 -29.26 -6.29
N GLN D 924 -31.38 -30.19 -5.84
CA GLN D 924 -31.73 -31.13 -4.77
C GLN D 924 -30.79 -30.96 -3.57
N GLU D 925 -31.41 -30.96 -2.38
CA GLU D 925 -30.71 -30.78 -1.12
C GLU D 925 -31.19 -31.82 -0.10
N LEU D 926 -30.26 -32.27 0.75
CA LEU D 926 -30.44 -33.46 1.57
C LEU D 926 -31.06 -33.04 2.92
N LYS D 927 -32.38 -33.20 3.03
CA LYS D 927 -33.18 -32.75 4.19
C LYS D 927 -33.03 -33.67 5.41
N ASP D 928 -32.95 -34.98 5.17
CA ASP D 928 -32.80 -36.00 6.21
C ASP D 928 -31.59 -36.90 5.91
N PRO D 929 -30.43 -36.69 6.58
CA PRO D 929 -29.21 -37.47 6.35
C PRO D 929 -29.27 -38.91 6.88
N LEU D 930 -30.22 -39.26 7.75
CA LEU D 930 -30.37 -40.63 8.25
C LEU D 930 -31.14 -41.51 7.25
N ASN D 931 -32.13 -40.91 6.57
CA ASN D 931 -32.99 -41.59 5.60
C ASN D 931 -32.65 -41.28 4.13
N TYR D 932 -31.64 -40.46 3.86
CA TYR D 932 -31.23 -40.01 2.53
C TYR D 932 -32.39 -39.38 1.72
N ILE D 933 -33.22 -38.59 2.39
CA ILE D 933 -34.37 -37.89 1.77
C ILE D 933 -33.90 -36.55 1.20
N TYR D 934 -34.16 -36.34 -0.08
CA TYR D 934 -33.85 -35.10 -0.80
C TYR D 934 -35.13 -34.32 -1.08
N GLU D 935 -35.08 -33.01 -0.84
CA GLU D 935 -36.08 -32.05 -1.31
C GLU D 935 -35.62 -31.44 -2.63
N THR D 936 -36.55 -31.11 -3.53
CA THR D 936 -36.25 -30.42 -4.80
C THR D 936 -36.81 -29.01 -4.74
N HIS D 937 -35.97 -28.01 -4.97
CA HIS D 937 -36.38 -26.59 -4.98
C HIS D 937 -35.82 -25.85 -6.21
N SER D 938 -36.19 -24.58 -6.34
CA SER D 938 -35.73 -23.72 -7.43
C SER D 938 -34.64 -22.76 -6.94
N GLU D 939 -33.43 -22.93 -7.45
CA GLU D 939 -32.26 -22.11 -7.06
C GLU D 939 -31.87 -21.17 -8.21
N ASN D 940 -31.63 -19.89 -7.90
CA ASN D 940 -30.95 -18.95 -8.79
C ASN D 940 -30.39 -17.77 -8.00
N THR D 941 -29.10 -17.50 -8.15
CA THR D 941 -28.38 -16.40 -7.46
C THR D 941 -27.72 -15.42 -8.44
N ILE D 942 -28.15 -15.42 -9.71
CA ILE D 942 -27.51 -14.64 -10.79
C ILE D 942 -28.23 -13.28 -10.94
N PHE D 943 -27.61 -12.23 -10.39
CA PHE D 943 -28.11 -10.86 -10.46
C PHE D 943 -27.09 -9.94 -11.15
N PHE D 944 -27.58 -9.13 -12.09
CA PHE D 944 -26.92 -7.89 -12.47
C PHE D 944 -26.95 -6.89 -11.30
N GLU D 945 -25.87 -6.14 -11.17
CA GLU D 945 -25.78 -4.86 -10.48
C GLU D 945 -25.69 -3.74 -11.55
N VAL D 946 -26.04 -2.51 -11.19
CA VAL D 946 -25.87 -1.34 -12.06
C VAL D 946 -24.86 -0.36 -11.45
N ASP D 947 -23.96 0.14 -12.27
CA ASP D 947 -23.04 1.22 -11.95
C ASP D 947 -23.24 2.38 -12.95
N GLY D 948 -23.29 3.62 -12.43
CA GLY D 948 -23.58 4.84 -13.18
C GLY D 948 -24.82 5.59 -12.65
N PRO D 949 -25.33 6.61 -13.38
CA PRO D 949 -24.89 7.00 -14.72
C PRO D 949 -23.51 7.68 -14.75
N TYR D 950 -22.83 7.59 -15.88
CA TYR D 950 -21.51 8.20 -16.11
C TYR D 950 -21.61 9.44 -17.02
N LYS D 951 -20.63 10.36 -16.90
CA LYS D 951 -20.56 11.58 -17.71
C LYS D 951 -20.13 11.32 -19.14
N ALA D 952 -19.09 10.50 -19.31
CA ALA D 952 -18.50 10.23 -20.62
C ALA D 952 -17.90 8.83 -20.71
N MET D 953 -17.95 8.25 -21.91
CA MET D 953 -17.24 7.02 -22.28
C MET D 953 -16.60 7.18 -23.67
N ILE D 954 -15.33 6.77 -23.79
CA ILE D 954 -14.55 6.86 -25.03
C ILE D 954 -14.07 5.47 -25.43
N LEU D 955 -14.45 5.04 -26.65
CA LEU D 955 -14.12 3.71 -27.21
C LEU D 955 -13.33 3.85 -28.51
N PRO D 956 -12.14 3.21 -28.63
CA PRO D 956 -11.32 3.25 -29.83
C PRO D 956 -11.76 2.25 -30.91
N SER D 957 -11.43 2.52 -32.16
CA SER D 957 -11.70 1.66 -33.32
C SER D 957 -10.42 1.03 -33.89
N SER D 958 -10.55 -0.06 -34.65
CA SER D 958 -9.40 -0.65 -35.36
C SER D 958 -9.06 0.13 -36.64
N LYS D 959 -7.83 -0.09 -37.13
CA LYS D 959 -7.43 0.28 -38.50
C LYS D 959 -7.98 -0.69 -39.55
N GLU D 960 -8.42 -1.88 -39.15
CA GLU D 960 -9.07 -2.87 -40.02
C GLU D 960 -10.57 -2.56 -40.22
N GLU D 961 -11.09 -2.80 -41.43
CA GLU D 961 -12.49 -2.55 -41.75
C GLU D 961 -13.44 -3.44 -40.93
N GLY D 962 -14.48 -2.82 -40.34
CA GLY D 962 -15.56 -3.54 -39.64
C GLY D 962 -15.18 -4.16 -38.29
N LYS D 963 -14.01 -3.82 -37.73
CA LYS D 963 -13.48 -4.46 -36.52
C LYS D 963 -13.31 -3.43 -35.38
N GLY D 964 -14.00 -3.63 -34.26
CA GLY D 964 -13.79 -2.85 -33.04
C GLY D 964 -12.52 -3.25 -32.28
N ILE D 965 -12.16 -2.48 -31.24
CA ILE D 965 -11.10 -2.86 -30.29
C ILE D 965 -11.74 -3.17 -28.92
N LYS D 966 -11.69 -4.45 -28.55
CA LYS D 966 -12.21 -4.99 -27.29
C LYS D 966 -11.29 -4.65 -26.11
N LYS D 967 -11.85 -4.57 -24.89
CA LYS D 967 -11.12 -4.36 -23.62
C LYS D 967 -10.29 -3.07 -23.58
N ARG D 968 -10.68 -2.03 -24.33
CA ARG D 968 -10.07 -0.69 -24.28
C ARG D 968 -11.13 0.39 -24.26
N TYR D 969 -11.17 1.16 -23.17
CA TYR D 969 -12.06 2.30 -23.01
C TYR D 969 -11.58 3.19 -21.85
N ALA D 970 -12.06 4.43 -21.85
CA ALA D 970 -11.93 5.40 -20.76
C ALA D 970 -13.33 5.88 -20.36
N VAL D 971 -13.59 6.00 -19.06
CA VAL D 971 -14.89 6.36 -18.48
C VAL D 971 -14.70 7.45 -17.43
N PHE D 972 -15.61 8.42 -17.38
CA PHE D 972 -15.58 9.55 -16.46
C PHE D 972 -16.86 9.63 -15.61
N ASN D 973 -16.68 9.94 -14.33
CA ASN D 973 -17.75 10.23 -13.38
C ASN D 973 -18.41 11.60 -13.67
N GLU D 974 -19.56 11.87 -13.05
CA GLU D 974 -20.31 13.14 -13.19
C GLU D 974 -19.49 14.38 -12.77
N ASP D 975 -18.61 14.24 -11.78
CA ASP D 975 -17.66 15.27 -11.31
C ASP D 975 -16.48 15.52 -12.27
N GLY D 976 -16.35 14.73 -13.34
CA GLY D 976 -15.24 14.81 -14.29
C GLY D 976 -14.00 14.00 -13.89
N SER D 977 -14.00 13.29 -12.76
CA SER D 977 -12.92 12.38 -12.39
C SER D 977 -12.89 11.13 -13.28
N LEU D 978 -11.69 10.60 -13.52
CA LEU D 978 -11.50 9.40 -14.33
C LEU D 978 -11.93 8.15 -13.53
N ALA D 979 -13.09 7.59 -13.88
CA ALA D 979 -13.69 6.45 -13.20
C ALA D 979 -12.96 5.15 -13.52
N GLU D 980 -12.88 4.84 -14.83
CA GLU D 980 -12.28 3.55 -15.25
C GLU D 980 -11.59 3.70 -16.61
N LEU D 981 -10.48 2.97 -16.80
CA LEU D 981 -9.72 3.03 -18.07
C LEU D 981 -9.45 1.60 -18.56
N LYS D 982 -9.10 1.44 -19.84
CA LYS D 982 -8.76 0.11 -20.39
C LYS D 982 -7.63 0.26 -21.41
N GLY D 983 -6.70 -0.70 -21.45
CA GLY D 983 -5.54 -0.58 -22.34
C GLY D 983 -4.75 0.67 -22.00
N PHE D 984 -4.43 1.49 -23.00
CA PHE D 984 -3.72 2.77 -22.74
C PHE D 984 -2.26 2.52 -22.33
N GLU D 985 -1.48 3.59 -22.20
CA GLU D 985 -0.05 3.48 -21.79
C GLU D 985 0.19 4.40 -20.59
N LEU D 986 1.26 5.20 -20.62
CA LEU D 986 1.57 6.16 -19.52
C LEU D 986 1.73 5.39 -18.20
N LYS D 987 0.63 5.02 -17.54
CA LYS D 987 0.72 4.18 -16.33
C LYS D 987 1.82 3.12 -16.36
N ARG D 988 2.54 2.97 -17.48
CA ARG D 988 3.56 1.92 -17.67
C ARG D 988 4.95 2.41 -17.25
N ARG D 989 5.82 1.48 -16.81
CA ARG D 989 7.24 1.77 -16.54
C ARG D 989 7.96 2.04 -17.85
N GLY D 990 8.74 3.11 -17.89
CA GLY D 990 9.37 3.56 -19.13
C GLY D 990 8.32 4.04 -20.11
N GLU D 991 8.41 3.54 -21.36
CA GLU D 991 7.74 4.08 -22.56
C GLU D 991 8.32 5.45 -22.96
N LEU D 992 7.77 6.03 -24.03
CA LEU D 992 8.18 7.32 -24.59
C LEU D 992 7.46 8.47 -23.87
N GLN D 993 8.23 9.38 -23.25
CA GLN D 993 7.68 10.41 -22.35
C GLN D 993 6.69 11.36 -23.03
N LEU D 994 6.94 11.78 -24.28
CA LEU D 994 6.01 12.47 -25.18
C LEU D 994 4.59 11.89 -25.14
N ILE D 995 4.46 10.56 -25.23
CA ILE D 995 3.14 9.89 -25.27
C ILE D 995 2.48 9.89 -23.89
N LYS D 996 3.27 9.87 -22.81
CA LYS D 996 2.77 9.92 -21.43
C LYS D 996 2.24 11.32 -21.12
N ASN D 997 3.00 12.36 -21.46
CA ASN D 997 2.59 13.75 -21.28
C ASN D 997 1.34 14.06 -22.14
N PHE D 998 1.33 13.65 -23.42
CA PHE D 998 0.14 13.72 -24.28
C PHE D 998 -1.08 13.03 -23.67
N GLN D 999 -0.93 11.81 -23.13
CA GLN D 999 -2.03 11.09 -22.49
C GLN D 999 -2.51 11.77 -21.19
N SER D 1000 -1.60 12.35 -20.41
CA SER D 1000 -1.93 13.10 -19.20
C SER D 1000 -2.80 14.32 -19.51
N ASP D 1001 -2.46 15.05 -20.57
CA ASP D 1001 -3.25 16.19 -21.05
C ASP D 1001 -4.59 15.77 -21.64
N ILE D 1002 -4.63 14.73 -22.48
CA ILE D 1002 -5.81 14.45 -23.31
C ILE D 1002 -7.00 13.90 -22.53
N PHE D 1003 -6.79 13.09 -21.48
CA PHE D 1003 -7.90 12.36 -20.85
C PHE D 1003 -8.91 13.27 -20.16
N LYS D 1004 -8.45 14.32 -19.47
CA LYS D 1004 -9.30 15.31 -18.79
C LYS D 1004 -10.13 16.15 -19.78
N VAL D 1005 -9.61 16.41 -20.98
CA VAL D 1005 -10.27 17.23 -22.02
C VAL D 1005 -11.47 16.53 -22.66
N PHE D 1006 -11.61 15.20 -22.55
CA PHE D 1006 -12.84 14.51 -22.96
C PHE D 1006 -14.09 14.88 -22.12
N LEU D 1007 -13.91 15.57 -20.99
CA LEU D 1007 -15.02 16.12 -20.20
C LEU D 1007 -15.51 17.48 -20.74
N GLU D 1008 -14.79 18.11 -21.68
CA GLU D 1008 -15.18 19.38 -22.31
C GLU D 1008 -16.15 19.16 -23.50
N GLY D 1009 -16.88 20.22 -23.87
CA GLY D 1009 -17.81 20.25 -24.99
C GLY D 1009 -19.21 19.69 -24.68
N ASP D 1010 -20.23 20.31 -25.28
CA ASP D 1010 -21.66 20.01 -25.03
C ASP D 1010 -22.25 18.95 -25.98
N THR D 1011 -21.57 18.66 -27.09
CA THR D 1011 -21.92 17.60 -28.05
C THR D 1011 -20.73 16.67 -28.28
N LEU D 1012 -20.97 15.51 -28.91
CA LEU D 1012 -19.91 14.56 -29.22
C LEU D 1012 -18.88 15.16 -30.20
N GLU D 1013 -19.32 15.94 -31.19
CA GLU D 1013 -18.44 16.68 -32.10
C GLU D 1013 -17.66 17.79 -31.38
N GLY D 1014 -18.31 18.51 -30.47
CA GLY D 1014 -17.69 19.55 -29.65
C GLY D 1014 -16.59 18.99 -28.74
N CYS D 1015 -16.86 17.85 -28.09
CA CYS D 1015 -15.90 17.10 -27.29
C CYS D 1015 -14.68 16.68 -28.12
N TYR D 1016 -14.90 16.06 -29.28
CA TYR D 1016 -13.80 15.70 -30.19
C TYR D 1016 -13.03 16.91 -30.74
N SER D 1017 -13.66 18.08 -30.86
CA SER D 1017 -12.99 19.33 -31.28
C SER D 1017 -12.09 19.91 -30.20
N ALA D 1018 -12.51 19.91 -28.93
CA ALA D 1018 -11.67 20.32 -27.79
C ALA D 1018 -10.43 19.41 -27.68
N VAL D 1019 -10.65 18.09 -27.77
CA VAL D 1019 -9.59 17.06 -27.81
C VAL D 1019 -8.65 17.27 -29.01
N ALA D 1020 -9.18 17.65 -30.18
CA ALA D 1020 -8.37 17.92 -31.37
C ALA D 1020 -7.47 19.17 -31.26
N SER D 1021 -7.90 20.21 -30.53
CA SER D 1021 -7.05 21.36 -30.21
C SER D 1021 -5.75 20.93 -29.53
N VAL D 1022 -5.86 20.08 -28.50
CA VAL D 1022 -4.70 19.52 -27.79
C VAL D 1022 -3.86 18.61 -28.68
N CYS D 1023 -4.49 17.80 -29.54
CA CYS D 1023 -3.76 17.00 -30.52
C CYS D 1023 -2.91 17.88 -31.45
N ASN D 1024 -3.49 18.97 -31.99
CA ASN D 1024 -2.77 19.88 -32.88
C ASN D 1024 -1.60 20.56 -32.18
N ARG D 1025 -1.77 21.05 -30.94
CA ARG D 1025 -0.67 21.63 -30.13
C ARG D 1025 0.51 20.66 -29.98
N TRP D 1026 0.24 19.38 -29.69
CA TRP D 1026 1.27 18.35 -29.58
C TRP D 1026 1.88 17.95 -30.94
N LEU D 1027 1.14 18.09 -32.04
CA LEU D 1027 1.70 17.95 -33.39
C LEU D 1027 2.60 19.14 -33.78
N ASP D 1028 2.27 20.36 -33.35
CA ASP D 1028 3.06 21.56 -33.63
C ASP D 1028 4.47 21.45 -33.02
N VAL D 1029 4.58 20.96 -31.79
CA VAL D 1029 5.87 20.68 -31.12
C VAL D 1029 6.79 19.77 -31.96
N LEU D 1030 6.22 18.77 -32.64
CA LEU D 1030 7.00 17.85 -33.49
C LEU D 1030 7.23 18.39 -34.90
N ASP D 1031 6.21 18.99 -35.52
CA ASP D 1031 6.31 19.55 -36.87
C ASP D 1031 7.28 20.76 -36.88
N SER D 1032 7.37 21.52 -35.77
CA SER D 1032 8.38 22.56 -35.54
C SER D 1032 9.75 22.02 -35.08
N HIS D 1033 9.92 20.70 -35.12
CA HIS D 1033 11.19 20.05 -34.70
C HIS D 1033 11.51 20.44 -33.26
N GLY D 1034 10.49 20.77 -32.48
CA GLY D 1034 10.70 21.07 -31.06
C GLY D 1034 11.87 22.02 -30.87
N LEU D 1035 12.10 22.90 -31.86
CA LEU D 1035 13.18 23.91 -31.72
C LEU D 1035 12.84 24.79 -30.52
N MET D 1036 11.59 24.69 -30.06
CA MET D 1036 11.11 25.52 -28.93
C MET D 1036 11.49 24.88 -27.60
N LEU D 1037 11.07 25.48 -26.49
CA LEU D 1037 11.32 24.89 -25.14
C LEU D 1037 12.81 24.92 -24.83
N GLU D 1038 13.23 24.08 -23.87
CA GLU D 1038 14.69 23.95 -23.56
C GLU D 1038 15.21 22.62 -24.11
N ASP D 1039 16.51 22.56 -24.41
CA ASP D 1039 17.11 21.33 -25.00
C ASP D 1039 16.93 20.14 -24.06
N GLU D 1040 17.21 20.31 -22.76
CA GLU D 1040 17.13 19.18 -21.81
C GLU D 1040 15.69 18.68 -21.75
N ASP D 1041 14.72 19.59 -21.80
CA ASP D 1041 13.29 19.19 -21.79
C ASP D 1041 12.98 18.38 -23.05
N LEU D 1042 13.38 18.90 -24.21
CA LEU D 1042 13.18 18.11 -25.45
C LEU D 1042 13.72 16.71 -25.15
N VAL D 1043 14.96 16.63 -24.69
CA VAL D 1043 15.58 15.32 -24.34
C VAL D 1043 14.57 14.48 -23.58
N SER D 1044 14.28 14.86 -22.33
CA SER D 1044 13.37 14.04 -21.49
C SER D 1044 12.14 13.60 -22.28
N LEU D 1045 11.36 14.53 -22.84
CA LEU D 1045 10.09 14.10 -23.49
C LEU D 1045 10.41 13.06 -24.56
N ILE D 1046 11.20 13.45 -25.56
CA ILE D 1046 11.61 12.50 -26.63
C ILE D 1046 12.13 11.24 -25.95
N CYS D 1047 12.83 11.42 -24.81
CA CYS D 1047 13.38 10.20 -24.25
C CYS D 1047 12.35 9.05 -24.20
N GLU D 1048 12.78 7.86 -24.63
CA GLU D 1048 12.13 6.60 -24.27
C GLU D 1048 12.99 5.85 -23.25
N ASN D 1049 12.39 5.43 -22.14
CA ASN D 1049 13.05 4.62 -21.12
C ASN D 1049 12.54 3.16 -21.18
N ARG D 1050 13.46 2.20 -21.05
CA ARG D 1050 13.18 0.76 -20.99
C ARG D 1050 14.10 0.11 -19.97
N SER D 1051 13.59 -0.74 -19.08
CA SER D 1051 14.44 -1.49 -18.14
C SER D 1051 14.77 -2.89 -18.65
N MET D 1052 16.03 -3.31 -18.56
CA MET D 1052 16.43 -4.71 -18.81
C MET D 1052 16.21 -5.56 -17.56
N SER D 1053 15.62 -6.74 -17.71
CA SER D 1053 15.49 -7.64 -16.51
C SER D 1053 16.88 -7.95 -15.90
N LYS D 1054 17.55 -9.01 -16.37
CA LYS D 1054 18.90 -9.40 -15.85
C LYS D 1054 19.92 -9.18 -16.96
N THR D 1055 20.89 -8.27 -16.89
CA THR D 1055 21.81 -8.14 -18.06
C THR D 1055 22.57 -9.44 -18.38
N LEU D 1056 23.86 -9.48 -18.02
CA LEU D 1056 24.69 -10.71 -18.16
C LEU D 1056 24.54 -11.47 -19.48
N LYS D 1057 24.30 -12.78 -19.39
CA LYS D 1057 24.25 -13.64 -20.59
C LYS D 1057 22.88 -13.54 -21.27
N GLU D 1058 21.82 -13.21 -20.53
CA GLU D 1058 20.54 -13.02 -21.25
C GLU D 1058 20.86 -11.95 -22.27
N TYR D 1059 21.88 -11.16 -21.94
CA TYR D 1059 22.21 -10.01 -22.80
C TYR D 1059 23.27 -10.33 -23.85
N GLU D 1060 24.28 -11.12 -23.48
CA GLU D 1060 25.13 -11.58 -24.59
C GLU D 1060 24.08 -12.04 -25.59
N GLY D 1061 22.93 -12.51 -25.11
CA GLY D 1061 21.93 -13.14 -26.00
C GLY D 1061 21.30 -12.22 -27.03
N GLN D 1062 20.01 -11.90 -26.87
CA GLN D 1062 19.28 -11.12 -27.91
C GLN D 1062 19.92 -9.75 -28.11
N LYS D 1063 19.60 -9.10 -29.25
CA LYS D 1063 20.13 -7.73 -29.54
C LYS D 1063 19.01 -6.87 -30.11
N SER D 1064 18.89 -5.62 -29.67
CA SER D 1064 17.80 -4.72 -30.13
C SER D 1064 18.08 -3.28 -29.67
N THR D 1065 17.04 -2.45 -29.56
CA THR D 1065 17.22 -1.01 -29.20
C THR D 1065 17.80 -0.86 -27.78
N SER D 1066 17.08 -1.31 -26.75
CA SER D 1066 17.65 -1.26 -25.38
C SER D 1066 18.97 -2.04 -25.39
N ILE D 1067 18.93 -3.32 -25.75
CA ILE D 1067 20.21 -4.06 -25.90
C ILE D 1067 21.26 -3.18 -26.58
N THR D 1068 20.89 -2.43 -27.62
CA THR D 1068 21.81 -1.49 -28.27
C THR D 1068 22.16 -0.33 -27.35
N THR D 1069 21.20 0.25 -26.61
CA THR D 1069 21.46 1.33 -25.64
C THR D 1069 22.37 0.86 -24.50
N ALA D 1070 22.12 -0.32 -23.91
CA ALA D 1070 22.97 -0.91 -22.87
C ALA D 1070 24.40 -1.14 -23.37
N ARG D 1071 24.57 -1.75 -24.55
CA ARG D 1071 25.88 -1.92 -25.19
C ARG D 1071 26.56 -0.58 -25.48
N ARG D 1072 25.80 0.43 -25.94
CA ARG D 1072 26.33 1.79 -26.18
C ARG D 1072 26.73 2.51 -24.91
N LEU D 1073 26.01 2.31 -23.79
CA LEU D 1073 26.42 2.76 -22.46
C LEU D 1073 27.69 2.04 -21.99
N GLY D 1074 27.80 0.73 -22.20
CA GLY D 1074 29.02 -0.04 -21.93
C GLY D 1074 30.24 0.45 -22.72
N ASP D 1075 30.08 0.69 -24.03
CA ASP D 1075 31.10 1.26 -24.91
C ASP D 1075 31.54 2.68 -24.49
N PHE D 1076 30.65 3.47 -23.89
CA PHE D 1076 30.82 4.90 -23.59
C PHE D 1076 31.32 5.17 -22.16
N LEU D 1077 30.71 4.53 -21.15
CA LEU D 1077 30.96 4.78 -19.72
C LEU D 1077 31.74 3.65 -19.02
N ASP D 1084 23.80 -4.71 -14.67
CA ASP D 1084 23.86 -6.18 -14.44
C ASP D 1084 22.44 -6.75 -14.40
N LYS D 1085 21.50 -6.01 -13.81
CA LYS D 1085 20.11 -6.54 -13.66
C LYS D 1085 19.19 -5.38 -13.25
N GLY D 1086 18.42 -4.86 -14.21
CA GLY D 1086 17.51 -3.74 -13.92
C GLY D 1086 17.84 -2.41 -14.63
N LEU D 1087 18.97 -2.34 -15.34
CA LEU D 1087 19.48 -1.15 -16.04
C LEU D 1087 18.37 -0.39 -16.79
N GLN D 1088 18.27 0.91 -16.54
CA GLN D 1088 17.35 1.82 -17.23
C GLN D 1088 18.00 2.38 -18.51
N CYS D 1089 17.65 1.80 -19.65
CA CYS D 1089 18.05 2.28 -20.96
C CYS D 1089 17.22 3.51 -21.35
N LYS D 1090 17.66 4.71 -20.98
CA LYS D 1090 17.16 5.99 -21.49
C LYS D 1090 17.79 6.28 -22.88
N TYR D 1091 16.99 6.41 -23.94
CA TYR D 1091 17.49 6.65 -25.31
C TYR D 1091 16.60 7.55 -26.17
N ILE D 1092 17.19 8.12 -27.22
CA ILE D 1092 16.49 8.69 -28.38
C ILE D 1092 16.78 7.87 -29.65
N ILE D 1093 15.98 8.06 -30.69
CA ILE D 1093 16.19 7.46 -32.02
C ILE D 1093 16.80 8.50 -32.96
N SER D 1094 17.95 8.18 -33.57
CA SER D 1094 18.67 9.08 -34.49
C SER D 1094 18.25 8.91 -35.95
N SER D 1095 18.15 10.01 -36.70
CA SER D 1095 17.82 10.01 -38.14
C SER D 1095 18.80 9.17 -38.98
N LYS D 1096 20.10 9.26 -38.68
CA LYS D 1096 21.17 8.48 -39.32
C LYS D 1096 21.53 7.22 -38.49
N PRO D 1097 21.96 6.11 -39.13
CA PRO D 1097 22.09 5.93 -40.58
C PRO D 1097 20.72 5.77 -41.25
N PHE D 1098 20.51 6.42 -42.40
CA PHE D 1098 19.26 6.29 -43.15
C PHE D 1098 19.04 4.84 -43.60
N ASN D 1099 17.77 4.42 -43.64
CA ASN D 1099 17.34 3.04 -43.94
C ASN D 1099 17.81 1.95 -42.94
N ALA D 1100 18.48 2.31 -41.85
CA ALA D 1100 18.85 1.35 -40.80
C ALA D 1100 17.67 1.01 -39.86
N PRO D 1101 17.58 -0.23 -39.33
CA PRO D 1101 16.56 -0.62 -38.37
C PRO D 1101 16.58 0.27 -37.11
N VAL D 1102 15.40 0.57 -36.55
CA VAL D 1102 15.25 1.40 -35.32
C VAL D 1102 16.13 0.91 -34.17
N THR D 1103 16.35 -0.41 -34.06
CA THR D 1103 17.22 -1.02 -33.02
C THR D 1103 18.70 -0.64 -33.13
N GLU D 1104 19.17 -0.17 -34.29
CA GLU D 1104 20.56 0.25 -34.51
C GLU D 1104 20.70 1.79 -34.42
N ARG D 1105 19.57 2.51 -34.42
CA ARG D 1105 19.46 3.97 -34.30
C ARG D 1105 19.20 4.47 -32.87
N ALA D 1106 19.17 3.58 -31.87
CA ALA D 1106 18.92 3.93 -30.46
C ALA D 1106 20.18 4.48 -29.76
N ILE D 1107 20.25 5.78 -29.51
CA ILE D 1107 21.38 6.49 -28.89
C ILE D 1107 21.06 6.78 -27.41
N PRO D 1108 21.94 6.41 -26.45
CA PRO D 1108 21.74 6.74 -25.03
C PRO D 1108 21.77 8.26 -24.81
N VAL D 1109 20.81 8.80 -24.05
CA VAL D 1109 20.70 10.27 -23.84
C VAL D 1109 21.88 10.86 -23.07
N ALA D 1110 22.55 10.06 -22.23
CA ALA D 1110 23.72 10.48 -21.45
C ALA D 1110 24.89 10.98 -22.33
N ILE D 1111 24.92 10.67 -23.64
CA ILE D 1111 25.93 11.22 -24.54
C ILE D 1111 25.79 12.73 -24.77
N PHE D 1112 24.60 13.31 -24.58
CA PHE D 1112 24.35 14.72 -24.87
C PHE D 1112 24.92 15.65 -23.78
N SER D 1113 25.01 15.13 -22.55
CA SER D 1113 25.65 15.74 -21.37
C SER D 1113 27.16 15.46 -21.26
N ALA D 1114 27.74 14.67 -22.16
CA ALA D 1114 29.16 14.33 -22.15
C ALA D 1114 30.03 15.37 -22.87
N ASP D 1115 31.32 15.40 -22.55
CA ASP D 1115 32.31 16.29 -23.16
C ASP D 1115 32.25 16.26 -24.70
N ILE D 1116 32.37 17.43 -25.32
CA ILE D 1116 32.25 17.61 -26.78
C ILE D 1116 33.10 16.63 -27.60
N PRO D 1117 34.37 16.32 -27.25
CA PRO D 1117 35.18 15.33 -28.00
C PRO D 1117 34.59 13.91 -27.93
N ILE D 1118 34.12 13.50 -26.74
CA ILE D 1118 33.51 12.19 -26.49
C ILE D 1118 32.17 12.12 -27.24
N LYS D 1119 31.30 13.13 -27.06
CA LYS D 1119 30.03 13.28 -27.77
C LYS D 1119 30.23 13.18 -29.30
N ARG D 1120 31.20 13.91 -29.85
CA ARG D 1120 31.52 13.88 -31.29
C ARG D 1120 31.97 12.51 -31.77
N SER D 1121 32.90 11.85 -31.06
CA SER D 1121 33.43 10.53 -31.48
C SER D 1121 32.36 9.44 -31.49
N PHE D 1122 31.52 9.36 -30.45
CA PHE D 1122 30.46 8.36 -30.37
C PHE D 1122 29.28 8.67 -31.31
N LEU D 1123 28.85 9.92 -31.45
CA LEU D 1123 27.80 10.28 -32.40
C LEU D 1123 28.22 9.98 -33.86
N ARG D 1124 29.47 10.30 -34.25
CA ARG D 1124 30.03 9.90 -35.56
C ARG D 1124 29.98 8.38 -35.77
N ARG D 1125 30.43 7.61 -34.77
CA ARG D 1125 30.44 6.12 -34.80
C ARG D 1125 29.03 5.51 -34.81
N TRP D 1126 28.05 6.12 -34.15
CA TRP D 1126 26.69 5.58 -34.04
C TRP D 1126 25.77 5.97 -35.20
N THR D 1127 25.99 7.14 -35.82
CA THR D 1127 25.28 7.59 -37.02
C THR D 1127 25.91 7.10 -38.32
N LEU D 1128 27.12 6.51 -38.26
CA LEU D 1128 27.98 6.15 -39.40
C LEU D 1128 28.30 7.36 -40.30
N ASP D 1129 28.47 8.53 -39.70
CA ASP D 1129 28.83 9.78 -40.38
C ASP D 1129 30.16 10.31 -39.82
N PRO D 1130 31.31 10.02 -40.47
CA PRO D 1130 32.62 10.53 -40.04
C PRO D 1130 32.75 12.06 -40.11
N SER D 1131 31.90 12.72 -40.91
CA SER D 1131 31.87 14.16 -41.17
C SER D 1131 30.91 14.93 -40.26
N LEU D 1132 30.24 14.28 -39.30
CA LEU D 1132 29.31 14.94 -38.40
C LEU D 1132 30.02 15.99 -37.52
N GLU D 1133 29.81 17.27 -37.80
CA GLU D 1133 30.34 18.40 -37.03
C GLU D 1133 29.29 19.08 -36.17
N ASP D 1134 28.06 19.14 -36.66
CA ASP D 1134 26.88 19.54 -35.89
C ASP D 1134 26.53 18.46 -34.86
N LEU D 1135 26.35 18.89 -33.61
CA LEU D 1135 26.09 18.06 -32.44
C LEU D 1135 24.84 18.54 -31.67
N ASP D 1136 24.02 19.42 -32.26
CA ASP D 1136 22.70 19.75 -31.75
C ASP D 1136 21.84 18.47 -31.70
N ILE D 1137 21.09 18.30 -30.61
CA ILE D 1137 20.22 17.15 -30.44
C ILE D 1137 19.10 17.13 -31.50
N ARG D 1138 18.64 18.31 -31.97
CA ARG D 1138 17.54 18.42 -32.94
C ARG D 1138 17.91 17.87 -34.32
N THR D 1139 19.16 18.01 -34.77
CA THR D 1139 19.61 17.45 -36.07
C THR D 1139 19.96 15.97 -36.00
N ILE D 1140 20.18 15.42 -34.79
CA ILE D 1140 20.34 13.98 -34.57
C ILE D 1140 18.99 13.25 -34.53
N ILE D 1141 17.97 13.82 -33.87
CA ILE D 1141 16.65 13.19 -33.66
C ILE D 1141 15.95 12.79 -34.98
N ASP D 1142 15.29 11.61 -34.98
CA ASP D 1142 14.35 11.19 -36.03
C ASP D 1142 12.93 11.71 -35.76
N TRP D 1143 12.66 12.96 -36.13
CA TRP D 1143 11.34 13.59 -35.97
C TRP D 1143 10.22 12.83 -36.67
N GLY D 1144 10.51 12.19 -37.80
CA GLY D 1144 9.55 11.35 -38.54
C GLY D 1144 9.07 10.17 -37.70
N TYR D 1145 9.99 9.48 -37.02
CA TYR D 1145 9.66 8.39 -36.10
C TYR D 1145 8.77 8.84 -34.93
N TYR D 1146 9.12 9.96 -34.28
CA TYR D 1146 8.32 10.48 -33.16
C TYR D 1146 6.94 10.98 -33.62
N ARG D 1147 6.86 11.59 -34.81
CA ARG D 1147 5.61 12.01 -35.47
C ARG D 1147 4.71 10.82 -35.81
N GLU D 1148 5.26 9.68 -36.22
CA GLU D 1148 4.49 8.44 -36.43
C GLU D 1148 4.00 7.82 -35.10
N ARG D 1149 4.84 7.83 -34.06
CA ARG D 1149 4.48 7.36 -32.70
C ARG D 1149 3.30 8.16 -32.13
N LEU D 1150 3.35 9.49 -32.19
CA LEU D 1150 2.27 10.37 -31.73
C LEU D 1150 1.04 10.24 -32.64
N GLY D 1151 1.21 10.23 -33.96
CA GLY D 1151 0.11 10.01 -34.91
C GLY D 1151 -0.63 8.69 -34.66
N SER D 1152 0.10 7.63 -34.29
CA SER D 1152 -0.51 6.34 -33.92
C SER D 1152 -1.23 6.38 -32.57
N ALA D 1153 -0.83 7.23 -31.62
CA ALA D 1153 -1.60 7.47 -30.40
C ALA D 1153 -2.90 8.25 -30.71
N ILE D 1154 -2.80 9.29 -31.55
CA ILE D 1154 -3.93 10.10 -32.02
C ILE D 1154 -4.96 9.24 -32.78
N GLN D 1155 -4.51 8.34 -33.66
CA GLN D 1155 -5.39 7.39 -34.34
C GLN D 1155 -6.14 6.48 -33.36
N LYS D 1156 -5.43 5.86 -32.40
CA LYS D 1156 -6.01 4.88 -31.46
C LYS D 1156 -7.01 5.52 -30.49
N ILE D 1157 -6.72 6.72 -29.98
CA ILE D 1157 -7.48 7.36 -28.89
C ILE D 1157 -8.54 8.34 -29.42
N ILE D 1158 -8.33 8.98 -30.57
CA ILE D 1158 -9.35 10.00 -30.98
C ILE D 1158 -9.83 9.79 -32.42
N THR D 1159 -8.97 10.00 -33.40
CA THR D 1159 -9.43 9.92 -34.82
C THR D 1159 -10.37 8.73 -34.98
N ILE D 1160 -10.00 7.58 -34.39
CA ILE D 1160 -10.83 6.36 -34.55
C ILE D 1160 -12.20 6.59 -33.93
N PRO D 1161 -12.33 6.80 -32.60
CA PRO D 1161 -13.63 7.03 -31.97
C PRO D 1161 -14.60 7.82 -32.85
N ALA D 1162 -14.26 9.05 -33.21
CA ALA D 1162 -15.20 9.91 -33.96
C ALA D 1162 -15.49 9.32 -35.36
N ALA D 1163 -14.44 9.00 -36.12
CA ALA D 1163 -14.55 8.41 -37.46
C ALA D 1163 -15.22 7.02 -37.45
N LEU D 1164 -15.03 6.22 -36.41
CA LEU D 1164 -15.70 4.92 -36.24
C LEU D 1164 -17.20 5.10 -35.97
N GLN D 1165 -17.57 6.11 -35.18
CA GLN D 1165 -18.98 6.49 -34.94
C GLN D 1165 -19.61 7.30 -36.10
N GLY D 1166 -18.86 7.63 -37.15
CA GLY D 1166 -19.36 8.31 -38.35
C GLY D 1166 -19.30 9.83 -38.31
N VAL D 1167 -18.65 10.42 -37.31
CA VAL D 1167 -18.38 11.86 -37.21
C VAL D 1167 -17.10 12.19 -37.99
N SER D 1168 -17.09 13.32 -38.70
CA SER D 1168 -15.91 13.69 -39.53
C SER D 1168 -14.62 13.67 -38.69
N ASN D 1169 -13.47 13.49 -39.36
CA ASN D 1169 -12.16 13.35 -38.65
C ASN D 1169 -11.75 14.70 -38.07
N PRO D 1170 -11.62 14.84 -36.74
CA PRO D 1170 -11.28 16.13 -36.12
C PRO D 1170 -9.78 16.50 -36.19
N VAL D 1171 -8.89 15.51 -36.33
CA VAL D 1171 -7.47 15.88 -36.48
C VAL D 1171 -7.00 15.54 -37.91
N PRO D 1172 -7.30 16.37 -38.94
CA PRO D 1172 -6.97 16.07 -40.34
C PRO D 1172 -5.48 15.88 -40.61
N ARG D 1173 -4.59 16.49 -39.80
CA ARG D 1173 -3.11 16.33 -39.82
C ARG D 1173 -2.63 14.91 -39.48
N VAL D 1174 -3.54 14.02 -39.07
CA VAL D 1174 -3.31 12.59 -38.89
C VAL D 1174 -4.41 11.84 -39.64
N GLU D 1175 -4.08 11.39 -40.84
CA GLU D 1175 -5.02 10.71 -41.72
C GLU D 1175 -5.50 9.36 -41.16
N HIS D 1176 -6.71 8.93 -41.57
CA HIS D 1176 -7.20 7.59 -41.28
C HIS D 1176 -6.46 6.51 -42.11
N PRO D 1177 -6.35 5.27 -41.58
CA PRO D 1177 -5.91 4.11 -42.37
C PRO D 1177 -6.79 3.88 -43.61
N ASP D 1178 -6.21 3.31 -44.67
CA ASP D 1178 -6.88 3.15 -45.97
C ASP D 1178 -8.14 2.27 -45.94
N TRP D 1179 -8.22 1.31 -45.00
CA TRP D 1179 -9.43 0.51 -44.79
C TRP D 1179 -10.56 1.38 -44.22
N LEU D 1180 -10.25 2.28 -43.30
CA LEU D 1180 -11.23 3.16 -42.65
C LEU D 1180 -11.71 4.24 -43.62
N LYS D 1181 -10.82 4.84 -44.43
CA LYS D 1181 -11.22 5.73 -45.54
C LYS D 1181 -12.21 5.04 -46.49
N ARG D 1182 -11.89 3.81 -46.93
CA ARG D 1182 -12.80 2.99 -47.77
C ARG D 1182 -14.11 2.67 -47.07
N LYS D 1183 -14.10 2.39 -45.76
CA LYS D 1183 -15.29 2.11 -44.96
C LYS D 1183 -16.20 3.34 -44.79
N ILE D 1184 -15.63 4.54 -44.66
CA ILE D 1184 -16.41 5.80 -44.60
C ILE D 1184 -17.01 6.09 -45.98
N ALA D 1185 -16.22 6.05 -47.06
CA ALA D 1185 -16.70 6.26 -48.43
C ALA D 1185 -17.85 5.30 -48.80
N THR D 1186 -17.71 4.01 -48.47
CA THR D 1186 -18.79 3.02 -48.66
C THR D 1186 -19.97 3.18 -47.70
N LYS D 1187 -19.83 3.92 -46.58
CA LYS D 1187 -20.95 4.23 -45.66
C LYS D 1187 -21.72 5.46 -46.13
N GLU D 1188 -21.08 6.44 -46.78
CA GLU D 1188 -21.71 7.65 -47.31
C GLU D 1188 -22.32 7.47 -48.71
N ASP D 1189 -21.83 6.52 -49.51
CA ASP D 1189 -22.39 6.24 -50.84
C ASP D 1189 -23.87 5.86 -50.75
N PRO E 1 19.98 32.66 20.46
CA PRO E 1 19.58 33.96 19.92
C PRO E 1 18.09 34.06 19.66
N SER E 2 17.59 35.27 19.41
CA SER E 2 16.16 35.48 19.20
C SER E 2 15.90 36.81 18.51
N VAL E 3 14.83 36.87 17.71
CA VAL E 3 14.49 38.10 16.99
C VAL E 3 13.00 38.12 16.61
N ASP E 4 12.39 39.31 16.76
CA ASP E 4 10.97 39.53 16.42
C ASP E 4 10.70 39.65 14.93
N ILE E 5 9.48 39.27 14.54
CA ILE E 5 8.98 39.51 13.21
C ILE E 5 8.31 40.88 13.21
N ASP E 6 8.74 41.81 12.38
CA ASP E 6 8.04 43.09 12.37
C ASP E 6 6.94 42.97 11.33
N ALA E 7 5.68 43.06 11.78
CA ALA E 7 4.56 42.97 10.86
C ALA E 7 3.62 44.16 10.98
N SER E 8 4.07 45.25 11.60
CA SER E 8 3.22 46.42 11.82
C SER E 8 2.86 47.13 10.52
N GLN E 9 3.85 47.37 9.65
CA GLN E 9 3.60 48.09 8.40
C GLN E 9 2.64 47.35 7.48
N TRP E 10 2.87 46.03 7.29
CA TRP E 10 1.95 45.27 6.44
C TRP E 10 0.55 45.23 7.04
N GLN E 11 0.47 45.14 8.37
CA GLN E 11 -0.83 45.08 9.05
C GLN E 11 -1.58 46.40 8.89
N LYS E 12 -0.90 47.52 9.12
CA LYS E 12 -1.53 48.84 8.98
C LYS E 12 -1.97 49.05 7.54
N LEU E 13 -1.13 48.67 6.58
CA LEU E 13 -1.51 48.80 5.18
C LEU E 13 -2.69 47.90 4.84
N THR E 14 -2.73 46.70 5.42
CA THR E 14 -3.85 45.77 5.19
C THR E 14 -5.16 46.30 5.72
N GLN E 15 -5.18 46.81 6.97
CA GLN E 15 -6.43 47.34 7.54
C GLN E 15 -6.92 48.58 6.82
N SER E 16 -6.00 49.42 6.33
CA SER E 16 -6.40 50.66 5.69
C SER E 16 -6.73 50.52 4.22
N ARG E 17 -6.46 49.36 3.61
CA ARG E 17 -6.73 49.14 2.21
C ARG E 17 -7.77 48.03 2.06
N GLU E 18 -8.45 48.02 0.92
CA GLU E 18 -9.56 47.11 0.71
C GLU E 18 -9.08 45.66 0.62
N LYS E 19 -10.05 44.75 0.59
CA LYS E 19 -9.76 43.32 0.47
C LYS E 19 -9.16 43.01 -0.90
N GLN E 20 -8.38 41.93 -0.95
CA GLN E 20 -7.71 41.55 -2.19
C GLN E 20 -8.77 41.12 -3.19
N THR E 21 -8.78 41.76 -4.36
CA THR E 21 -9.77 41.51 -5.38
C THR E 21 -9.29 40.57 -6.48
N THR E 22 -8.19 40.90 -7.15
CA THR E 22 -7.72 40.02 -8.19
C THR E 22 -6.57 39.13 -7.68
N VAL E 23 -5.82 38.56 -8.62
CA VAL E 23 -4.70 37.70 -8.25
C VAL E 23 -3.53 38.51 -7.71
N ILE E 24 -3.41 39.77 -8.10
CA ILE E 24 -2.38 40.65 -7.60
C ILE E 24 -2.91 41.48 -6.44
N THR E 25 -2.17 41.49 -5.33
CA THR E 25 -2.48 42.28 -4.15
C THR E 25 -2.34 43.77 -4.48
N PRO E 26 -2.98 44.66 -3.70
CA PRO E 26 -2.79 46.11 -3.92
C PRO E 26 -1.34 46.59 -3.84
N LEU E 27 -0.44 45.85 -3.20
CA LEU E 27 0.95 46.26 -3.15
C LEU E 27 1.74 45.75 -4.34
N GLY E 28 1.11 44.99 -5.23
CA GLY E 28 1.72 44.57 -6.47
C GLY E 28 2.61 43.35 -6.41
N MET E 29 2.08 42.21 -6.01
CA MET E 29 2.91 41.03 -5.81
C MET E 29 2.34 39.85 -6.58
N MET E 30 3.24 38.96 -7.03
CA MET E 30 2.84 37.71 -7.64
C MET E 30 3.92 36.67 -7.45
N MET E 31 3.51 35.43 -7.22
CA MET E 31 4.40 34.29 -7.22
C MET E 31 4.22 33.52 -8.52
N LEU E 32 5.00 32.46 -8.69
CA LEU E 32 5.05 31.68 -9.92
C LEU E 32 5.78 30.38 -9.66
N GLU E 33 5.24 29.25 -10.10
CA GLU E 33 5.85 27.94 -9.91
C GLU E 33 5.92 27.24 -11.25
N ILE E 34 7.09 26.70 -11.58
CA ILE E 34 7.33 26.00 -12.84
C ILE E 34 7.90 24.63 -12.55
N GLN E 35 7.29 23.59 -13.14
CA GLN E 35 7.82 22.23 -13.02
C GLN E 35 9.03 22.06 -13.94
N GLY E 36 10.15 22.59 -13.49
CA GLY E 36 11.36 22.52 -14.28
C GLY E 36 12.38 23.55 -13.84
N GLU E 37 13.45 23.63 -14.61
CA GLU E 37 14.54 24.57 -14.36
C GLU E 37 14.53 25.61 -15.46
N LEU E 38 14.50 26.87 -15.08
CA LEU E 38 14.52 27.96 -16.05
C LEU E 38 15.96 28.22 -16.48
N GLU E 39 16.31 27.79 -17.70
CA GLU E 39 17.67 27.90 -18.19
C GLU E 39 17.89 29.32 -18.71
N LEU E 40 18.62 30.11 -17.95
CA LEU E 40 19.04 31.47 -18.22
C LEU E 40 20.54 31.62 -18.41
N PRO E 41 20.98 32.64 -19.15
CA PRO E 41 22.41 32.90 -19.33
C PRO E 41 23.12 33.13 -18.01
N LYS E 42 24.40 32.77 -17.97
CA LYS E 42 25.17 32.92 -16.75
C LYS E 42 25.66 34.35 -16.56
N ASP E 43 25.61 35.18 -17.60
CA ASP E 43 26.08 36.55 -17.53
C ASP E 43 24.99 37.43 -18.12
N PHE E 44 24.95 38.66 -17.69
CA PHE E 44 23.90 39.47 -18.30
C PHE E 44 24.35 40.82 -18.83
N ALA E 45 25.28 41.51 -18.16
CA ALA E 45 25.68 42.86 -18.56
C ALA E 45 26.24 42.87 -19.97
N SER E 46 27.06 41.87 -20.29
CA SER E 46 27.65 41.79 -21.62
C SER E 46 26.60 41.48 -22.66
N LEU E 47 25.69 40.55 -22.35
CA LEU E 47 24.69 40.13 -23.31
C LEU E 47 23.53 41.10 -23.46
N ALA E 48 23.28 41.95 -22.45
CA ALA E 48 22.19 42.92 -22.57
C ALA E 48 22.50 44.01 -23.60
N ARG E 49 23.79 44.28 -23.82
CA ARG E 49 24.27 45.26 -24.77
C ARG E 49 24.24 44.80 -26.23
N ARG E 50 24.28 43.50 -26.53
CA ARG E 50 24.27 43.16 -27.95
C ARG E 50 22.86 42.99 -28.51
N ASP E 51 21.83 43.06 -27.66
CA ASP E 51 20.44 42.93 -28.09
C ASP E 51 20.14 44.13 -28.98
N SER E 52 19.62 43.91 -30.19
CA SER E 52 19.30 45.05 -31.02
C SER E 52 18.25 45.97 -30.38
N PRO E 53 18.29 47.28 -30.71
CA PRO E 53 17.30 48.24 -30.16
C PRO E 53 15.82 47.98 -30.41
N ASN E 54 15.47 47.44 -31.58
CA ASN E 54 14.07 47.16 -31.90
C ASN E 54 13.42 46.12 -30.99
N GLU E 55 14.15 45.08 -30.61
CA GLU E 55 13.57 44.01 -29.80
C GLU E 55 13.34 44.43 -28.35
N GLY E 56 14.34 45.05 -27.73
CA GLY E 56 14.28 45.45 -26.33
C GLY E 56 13.97 44.30 -25.40
N ARG E 57 14.61 43.16 -25.66
CA ARG E 57 14.36 41.88 -25.02
C ARG E 57 15.23 41.78 -23.78
N PHE E 58 16.26 42.61 -23.72
CA PHE E 58 17.26 42.70 -22.66
C PHE E 58 17.27 44.22 -22.44
N SER E 59 16.47 44.73 -21.51
CA SER E 59 16.55 46.17 -21.28
C SER E 59 17.38 46.51 -20.05
N GLU E 60 17.78 47.78 -19.98
CA GLU E 60 18.50 48.33 -18.84
C GLU E 60 17.59 49.29 -18.08
N GLN E 61 17.41 49.06 -16.79
CA GLN E 61 16.59 49.91 -15.93
C GLN E 61 17.37 50.20 -14.66
N ASP E 62 17.68 51.49 -14.43
CA ASP E 62 18.39 52.04 -13.26
C ASP E 62 19.71 51.32 -12.99
N GLY E 63 20.45 51.06 -14.06
CA GLY E 63 21.74 50.43 -13.91
C GLY E 63 21.69 48.93 -13.75
N GLU E 64 20.51 48.31 -13.83
CA GLU E 64 20.38 46.87 -13.70
C GLU E 64 19.92 46.33 -15.04
N THR E 65 20.55 45.25 -15.50
CA THR E 65 20.15 44.63 -16.75
C THR E 65 19.01 43.63 -16.51
N LEU E 66 17.81 44.02 -16.88
CA LEU E 66 16.64 43.17 -16.74
C LEU E 66 16.45 42.44 -18.05
N ILE E 67 16.07 41.19 -17.97
CA ILE E 67 15.72 40.45 -19.16
C ILE E 67 14.22 40.42 -19.27
N ARG E 68 13.72 40.70 -20.46
CA ARG E 68 12.30 40.58 -20.74
C ARG E 68 12.09 39.15 -21.14
N PHE E 69 11.61 38.33 -20.22
CA PHE E 69 11.62 36.91 -20.53
C PHE E 69 10.26 36.41 -20.97
N GLY E 70 9.21 37.20 -20.80
CA GLY E 70 7.91 36.73 -21.24
C GLY E 70 6.83 37.78 -21.05
N SER E 71 5.62 37.33 -21.32
CA SER E 71 4.40 38.14 -21.21
C SER E 71 3.31 37.30 -20.56
N LEU E 72 2.45 37.92 -19.78
CA LEU E 72 1.37 37.18 -19.13
C LEU E 72 0.02 37.76 -19.51
N GLN E 73 -0.89 36.87 -19.90
CA GLN E 73 -2.24 37.25 -20.29
C GLN E 73 -3.20 36.43 -19.46
N ILE E 74 -3.99 37.10 -18.65
CA ILE E 74 -4.93 36.46 -17.74
C ILE E 74 -6.34 36.59 -18.31
N ASP E 75 -6.96 35.44 -18.62
CA ASP E 75 -8.35 35.35 -19.05
C ASP E 75 -9.16 34.55 -18.04
N GLY E 76 -9.75 35.27 -17.09
CA GLY E 76 -10.49 34.64 -16.01
C GLY E 76 -9.62 33.79 -15.12
N GLU E 77 -9.95 32.50 -15.02
CA GLU E 77 -9.09 31.60 -14.28
C GLU E 77 -7.91 31.15 -15.12
N ARG E 78 -8.10 31.10 -16.44
CA ARG E 78 -7.04 30.65 -17.34
C ARG E 78 -5.95 31.72 -17.43
N ALA E 79 -4.70 31.27 -17.58
CA ALA E 79 -3.61 32.21 -17.72
C ALA E 79 -2.59 31.66 -18.70
N THR E 80 -1.98 32.55 -19.48
CA THR E 80 -0.95 32.13 -20.40
C THR E 80 0.30 32.98 -20.28
N LEU E 81 1.45 32.30 -20.27
CA LEU E 81 2.74 32.94 -20.12
C LEU E 81 3.52 32.64 -21.39
N PHE E 82 3.92 33.67 -22.10
CA PHE E 82 4.76 33.51 -23.27
C PHE E 82 6.20 33.75 -22.88
N VAL E 83 7.08 32.80 -23.18
CA VAL E 83 8.50 32.95 -22.84
C VAL E 83 9.33 32.90 -24.11
N GLY E 84 10.18 33.93 -24.28
CA GLY E 84 11.05 34.06 -25.43
C GLY E 84 10.28 34.17 -26.73
N LYS E 85 10.82 33.52 -27.74
CA LYS E 85 10.24 33.44 -29.06
C LYS E 85 9.65 32.06 -29.30
N LYS E 86 9.98 31.10 -28.45
CA LYS E 86 9.70 29.70 -28.74
C LYS E 86 8.93 28.98 -27.64
N GLN E 87 8.53 29.66 -26.55
CA GLN E 87 7.84 28.97 -25.47
C GLN E 87 6.47 29.59 -25.18
N ARG E 88 5.49 28.72 -24.92
CA ARG E 88 4.15 29.11 -24.51
C ARG E 88 3.73 28.22 -23.35
N LEU E 89 3.29 28.80 -22.23
CA LEU E 89 2.89 27.98 -21.10
C LEU E 89 1.44 28.29 -20.76
N LEU E 90 0.65 27.23 -20.59
CA LEU E 90 -0.75 27.34 -20.19
C LEU E 90 -0.90 27.00 -18.72
N GLY E 91 -1.59 27.83 -17.97
CA GLY E 91 -1.74 27.52 -16.57
C GLY E 91 -3.01 28.08 -15.97
N LYS E 92 -3.07 28.08 -14.64
CA LYS E 92 -4.29 28.48 -13.97
C LYS E 92 -3.96 29.29 -12.72
N VAL E 93 -4.91 30.15 -12.36
CA VAL E 93 -4.93 30.86 -11.09
C VAL E 93 -5.68 30.02 -10.08
N THR E 94 -4.99 29.56 -9.04
CA THR E 94 -5.57 28.71 -8.03
C THR E 94 -5.50 29.43 -6.70
N LYS E 95 -6.57 29.30 -5.93
CA LYS E 95 -6.63 29.89 -4.60
C LYS E 95 -5.86 28.99 -3.64
N LEU E 96 -4.92 29.59 -2.92
CA LEU E 96 -4.09 28.84 -2.00
C LEU E 96 -4.90 28.30 -0.82
N ASP E 97 -4.74 26.99 -0.57
CA ASP E 97 -5.30 26.36 0.61
C ASP E 97 -4.69 26.96 1.88
N VAL E 98 -3.38 27.14 1.88
CA VAL E 98 -2.64 27.80 2.95
C VAL E 98 -2.09 29.11 2.40
N PRO E 99 -2.60 30.25 2.86
CA PRO E 99 -2.08 31.56 2.43
C PRO E 99 -0.60 31.71 2.72
N MET E 100 0.19 31.81 1.66
CA MET E 100 1.62 31.94 1.84
C MET E 100 1.97 33.35 2.31
N GLY E 101 3.11 33.46 2.98
CA GLY E 101 3.57 34.76 3.42
C GLY E 101 5.03 34.96 3.13
N ILE E 102 5.35 36.02 2.44
CA ILE E 102 6.74 36.41 2.20
C ILE E 102 7.19 37.36 3.30
N MET E 103 8.39 37.11 3.82
CA MET E 103 9.06 37.90 4.83
C MET E 103 10.45 38.31 4.32
N HIS E 104 11.25 38.89 5.21
CA HIS E 104 12.53 39.50 4.80
C HIS E 104 13.42 39.60 6.02
N PHE E 105 14.58 38.91 5.98
CA PHE E 105 15.53 38.87 7.10
C PHE E 105 16.60 39.93 6.93
N ASN E 106 16.47 41.06 7.62
CA ASN E 106 17.52 42.09 7.54
C ASN E 106 18.68 41.66 8.42
N SER E 107 19.71 41.05 7.82
CA SER E 107 20.83 40.54 8.58
C SER E 107 21.59 41.66 9.28
N LYS E 108 21.69 42.81 8.61
CA LYS E 108 22.39 43.99 9.08
C LYS E 108 21.93 44.46 10.46
N ASP E 109 20.63 44.68 10.61
CA ASP E 109 20.09 45.19 11.86
C ASP E 109 19.44 44.12 12.70
N ASN E 110 19.54 42.86 12.27
CA ASN E 110 18.86 41.71 12.87
C ASN E 110 17.38 41.97 13.06
N LYS E 111 16.75 42.51 12.01
CA LYS E 111 15.33 42.78 11.99
C LYS E 111 14.66 41.89 10.95
N VAL E 112 13.46 41.41 11.26
CA VAL E 112 12.70 40.59 10.34
C VAL E 112 11.45 41.38 9.98
N GLU E 113 11.13 41.47 8.69
CA GLU E 113 9.96 42.22 8.27
C GLU E 113 9.04 41.37 7.43
N LEU E 114 7.75 41.40 7.79
CA LEU E 114 6.72 40.75 7.00
C LEU E 114 6.54 41.53 5.72
N VAL E 115 6.74 40.89 4.57
CA VAL E 115 6.58 41.66 3.34
C VAL E 115 5.15 41.63 2.89
N ASP E 116 4.59 40.43 2.70
CA ASP E 116 3.20 40.35 2.28
C ASP E 116 2.66 38.94 2.50
N VAL E 117 1.35 38.80 2.32
CA VAL E 117 0.66 37.52 2.42
C VAL E 117 -0.01 37.23 1.09
N MET E 118 0.23 36.04 0.54
CA MET E 118 -0.42 35.63 -0.69
C MET E 118 -1.75 34.94 -0.40
N LYS E 119 -2.59 34.85 -1.44
CA LYS E 119 -3.77 34.00 -1.46
C LYS E 119 -3.95 33.22 -2.77
N TYR E 120 -3.25 33.58 -3.85
CA TYR E 120 -3.40 32.89 -5.12
C TYR E 120 -2.03 32.51 -5.67
N LYS E 121 -2.02 31.58 -6.61
CA LYS E 121 -0.80 31.26 -7.33
C LYS E 121 -1.12 30.87 -8.76
N VAL E 122 -0.19 31.19 -9.66
CA VAL E 122 -0.26 30.86 -11.08
C VAL E 122 0.62 29.66 -11.41
N ILE E 123 -0.02 28.52 -11.71
CA ILE E 123 0.71 27.27 -11.88
C ILE E 123 0.65 26.85 -13.34
N PHE E 124 1.74 26.26 -13.82
CA PHE E 124 1.90 25.78 -15.19
C PHE E 124 2.44 24.35 -15.09
N LYS E 125 1.57 23.36 -15.33
CA LYS E 125 1.95 21.96 -15.14
C LYS E 125 2.18 21.18 -16.43
N ASP E 126 2.00 21.78 -17.60
CA ASP E 126 2.12 21.06 -18.87
C ASP E 126 3.38 21.48 -19.61
N ARG E 127 3.89 20.59 -20.44
CA ARG E 127 5.12 20.83 -21.19
C ARG E 127 4.97 22.08 -22.05
N PRO E 128 5.95 23.00 -22.04
CA PRO E 128 5.87 24.20 -22.89
C PRO E 128 5.75 23.93 -24.38
N LEU E 129 4.98 24.76 -25.04
CA LEU E 129 4.74 24.65 -26.47
C LEU E 129 5.33 25.88 -27.14
N PRO E 130 5.54 25.87 -28.46
CA PRO E 130 5.82 27.13 -29.17
C PRO E 130 4.70 28.16 -29.02
N ILE E 131 5.06 29.43 -29.21
CA ILE E 131 4.16 30.57 -28.94
C ILE E 131 2.92 30.66 -29.80
N MET E 132 2.76 29.82 -30.82
CA MET E 132 1.65 30.01 -31.77
C MET E 132 0.27 29.67 -31.20
N SER F 2 -1.74 43.80 -20.48
CA SER F 2 -0.93 42.71 -19.95
C SER F 2 0.18 43.24 -19.08
N ILE F 3 0.85 42.37 -18.33
CA ILE F 3 1.99 42.77 -17.51
C ILE F 3 3.24 42.08 -18.03
N ASN F 4 4.27 42.88 -18.33
CA ASN F 4 5.58 42.38 -18.73
C ASN F 4 6.37 41.82 -17.55
N LEU F 5 6.87 40.59 -17.70
CA LEU F 5 7.65 39.93 -16.65
C LEU F 5 9.14 40.00 -16.97
N HIS F 6 9.89 40.63 -16.08
CA HIS F 6 11.33 40.84 -16.10
C HIS F 6 12.05 40.14 -14.94
N SER F 7 13.36 39.93 -15.11
CA SER F 7 14.15 39.31 -14.07
C SER F 7 15.47 40.06 -13.93
N ALA F 8 15.85 40.29 -12.70
CA ALA F 8 17.10 40.90 -12.26
C ALA F 8 18.24 39.88 -12.28
N PRO F 9 19.49 40.34 -12.44
CA PRO F 9 20.62 39.41 -12.43
C PRO F 9 20.95 38.85 -11.05
N GLU F 10 20.46 39.46 -9.98
CA GLU F 10 20.81 39.03 -8.63
C GLU F 10 19.59 39.14 -7.72
N TYR F 11 19.24 38.02 -7.09
CA TYR F 11 18.10 37.93 -6.19
C TYR F 11 18.54 38.17 -4.75
N ASP F 12 17.60 38.66 -3.94
CA ASP F 12 17.88 38.82 -2.52
C ASP F 12 17.50 37.54 -1.79
N PRO F 13 18.45 36.82 -1.19
CA PRO F 13 18.12 35.56 -0.53
C PRO F 13 17.48 35.73 0.85
N SER F 14 17.33 36.96 1.32
CA SER F 14 16.67 37.19 2.60
C SER F 14 15.18 36.88 2.58
N TYR F 15 14.56 36.97 1.42
CA TYR F 15 13.14 36.68 1.28
C TYR F 15 12.88 35.17 1.29
N LYS F 16 12.06 34.71 2.25
CA LYS F 16 11.72 33.30 2.41
C LYS F 16 10.22 33.15 2.64
N LEU F 17 9.70 31.99 2.22
CA LEU F 17 8.28 31.67 2.31
C LEU F 17 7.90 30.84 3.54
N ILE F 18 6.94 31.33 4.33
CA ILE F 18 6.45 30.63 5.53
C ILE F 18 4.96 30.37 5.35
N GLN F 19 4.54 29.13 5.56
CA GLN F 19 3.13 28.78 5.50
C GLN F 19 2.33 29.43 6.61
N LEU F 20 1.20 30.07 6.29
CA LEU F 20 0.38 30.71 7.32
C LEU F 20 -0.97 29.99 7.43
N THR F 21 -1.09 29.16 8.46
CA THR F 21 -2.35 28.51 8.83
C THR F 21 -3.40 29.55 9.24
N PRO F 22 -4.71 29.17 9.17
CA PRO F 22 -5.81 30.09 9.61
C PRO F 22 -5.58 30.74 10.96
N GLU F 23 -5.06 29.96 11.91
CA GLU F 23 -4.79 30.45 13.25
C GLU F 23 -3.68 31.48 13.20
N LEU F 24 -2.64 31.20 12.42
CA LEU F 24 -1.55 32.16 12.23
C LEU F 24 -2.09 33.45 11.63
N LEU F 25 -3.04 33.34 10.70
CA LEU F 25 -3.64 34.52 10.09
C LEU F 25 -4.37 35.35 11.14
N ASP F 26 -5.15 34.69 12.01
CA ASP F 26 -5.85 35.38 13.10
C ASP F 26 -4.85 36.10 14.01
N ILE F 27 -3.75 35.42 14.34
CA ILE F 27 -2.69 35.99 15.17
C ILE F 27 -2.08 37.20 14.47
N ILE F 28 -1.77 37.03 13.19
CA ILE F 28 -1.17 38.06 12.35
C ILE F 28 -2.06 39.29 12.29
N GLN F 29 -3.37 39.10 12.17
CA GLN F 29 -4.21 40.29 12.11
C GLN F 29 -4.62 40.76 13.49
N ASP F 30 -3.79 40.66 14.52
CA ASP F 30 -4.15 41.17 15.84
C ASP F 30 -3.23 42.28 16.33
N PRO F 31 -3.64 43.55 16.25
CA PRO F 31 -2.76 44.65 16.71
C PRO F 31 -2.60 44.72 18.23
N VAL F 32 -3.46 44.06 18.99
CA VAL F 32 -3.53 44.06 20.45
C VAL F 32 -2.26 43.52 21.13
N GLN F 33 -1.71 42.40 20.63
CA GLN F 33 -0.54 41.70 21.19
C GLN F 33 0.63 42.61 21.56
N ASN F 34 1.30 42.25 22.66
CA ASN F 34 2.50 42.92 23.13
C ASN F 34 3.59 42.57 22.13
N HIS F 35 3.90 41.29 22.07
CA HIS F 35 4.87 40.75 21.14
C HIS F 35 4.04 40.03 20.10
N GLN F 36 4.31 40.32 18.82
CA GLN F 36 3.52 39.63 17.81
C GLN F 36 4.08 38.25 17.52
N LEU F 37 5.28 38.18 16.99
CA LEU F 37 5.93 36.92 16.70
C LEU F 37 7.43 37.08 16.80
N ARG F 38 8.10 36.00 17.20
CA ARG F 38 9.53 36.05 17.44
C ARG F 38 10.14 34.69 17.08
N PHE F 39 11.23 34.73 16.32
CA PHE F 39 11.99 33.53 16.05
C PHE F 39 12.93 33.32 17.22
N LYS F 40 12.94 32.10 17.75
CA LYS F 40 13.75 31.76 18.90
C LYS F 40 14.53 30.47 18.69
N SER F 41 15.72 30.42 19.26
CA SER F 41 16.55 29.22 19.21
C SER F 41 17.46 29.24 20.43
N LEU F 42 17.78 28.03 20.92
CA LEU F 42 18.66 27.92 22.09
C LEU F 42 20.07 28.32 21.75
N ASP F 43 20.54 27.94 20.57
CA ASP F 43 21.87 28.26 20.11
C ASP F 43 21.83 28.51 18.61
N LYS F 44 23.00 28.77 18.04
CA LYS F 44 23.06 29.18 16.65
C LYS F 44 23.29 28.00 15.71
N ASP F 45 23.99 26.98 16.16
CA ASP F 45 24.45 25.93 15.25
C ASP F 45 23.76 24.58 15.42
N LYS F 46 23.14 24.31 16.57
CA LYS F 46 22.65 22.97 16.85
C LYS F 46 21.15 22.90 17.02
N SER F 47 20.58 23.72 17.89
CA SER F 47 19.19 23.58 18.29
C SER F 47 18.22 23.99 17.18
N GLU F 48 17.00 23.50 17.33
CA GLU F 48 15.89 23.77 16.44
C GLU F 48 15.49 25.24 16.55
N VAL F 49 14.83 25.75 15.51
CA VAL F 49 14.29 27.10 15.55
C VAL F 49 12.77 27.03 15.67
N VAL F 50 12.24 27.82 16.59
CA VAL F 50 10.81 27.90 16.81
C VAL F 50 10.31 29.30 16.50
N LEU F 51 9.04 29.36 16.20
CA LEU F 51 8.26 30.57 15.98
C LEU F 51 7.27 30.72 17.12
N CYS F 52 7.29 31.86 17.80
CA CYS F 52 6.45 32.02 18.97
C CYS F 52 5.55 33.24 18.81
N SER F 53 4.29 33.06 19.16
CA SER F 53 3.37 34.16 19.38
C SER F 53 3.42 34.57 20.85
N HIS F 54 2.41 35.30 21.32
CA HIS F 54 2.44 35.75 22.70
C HIS F 54 2.07 34.64 23.66
N ASP F 55 1.46 33.57 23.14
CA ASP F 55 0.98 32.53 24.04
C ASP F 55 1.10 31.14 23.45
N LYS F 56 1.68 30.97 22.27
CA LYS F 56 1.80 29.65 21.68
C LYS F 56 3.14 29.53 20.96
N THR F 57 3.60 28.30 20.74
CA THR F 57 4.88 28.03 20.11
C THR F 57 4.74 26.96 19.03
N TRP F 58 5.37 27.21 17.88
CA TRP F 58 5.43 26.32 16.75
C TRP F 58 6.89 26.03 16.42
N VAL F 59 7.20 24.82 16.01
CA VAL F 59 8.56 24.51 15.59
C VAL F 59 8.55 24.62 14.07
N LEU F 60 9.62 25.17 13.52
CA LEU F 60 9.73 25.37 12.09
C LEU F 60 10.43 24.21 11.41
N LYS F 61 9.90 23.83 10.25
CA LYS F 61 10.50 22.80 9.42
C LYS F 61 10.50 23.29 7.99
N GLN F 62 11.67 23.29 7.38
CA GLN F 62 11.82 23.72 6.01
C GLN F 62 11.57 22.53 5.11
N ARG F 63 10.88 22.78 4.01
CA ARG F 63 10.52 21.73 3.08
C ARG F 63 10.91 22.23 1.70
N LYS F 64 11.90 21.56 1.15
CA LYS F 64 12.44 21.83 -0.15
C LYS F 64 11.51 21.23 -1.20
N HIS F 65 11.47 21.86 -2.36
CA HIS F 65 10.72 21.36 -3.48
C HIS F 65 11.62 21.40 -4.70
N SER F 66 11.24 20.69 -5.75
CA SER F 66 12.09 20.56 -6.91
C SER F 66 11.74 21.54 -8.00
N ASN F 67 10.86 22.48 -7.73
CA ASN F 67 10.45 23.44 -8.74
C ASN F 67 11.20 24.75 -8.62
N THR F 68 11.11 25.53 -9.70
CA THR F 68 11.60 26.90 -9.75
C THR F 68 10.43 27.78 -9.35
N VAL F 69 10.54 28.43 -8.21
CA VAL F 69 9.48 29.33 -7.75
C VAL F 69 9.99 30.76 -7.73
N LEU F 70 9.38 31.60 -8.56
CA LEU F 70 9.75 33.00 -8.73
C LEU F 70 8.67 33.91 -8.19
N LEU F 71 9.02 34.75 -7.23
CA LEU F 71 8.14 35.82 -6.77
C LEU F 71 8.39 37.09 -7.58
N MET F 72 7.32 37.69 -8.09
CA MET F 72 7.38 38.92 -8.85
C MET F 72 6.77 40.05 -8.05
N ARG F 73 7.45 41.19 -7.99
CA ARG F 73 6.85 42.42 -7.48
C ARG F 73 6.63 43.40 -8.60
N GLU F 74 5.57 44.19 -8.47
CA GLU F 74 5.25 45.20 -9.46
C GLU F 74 6.26 46.33 -9.38
N PHE F 75 6.66 46.84 -10.54
CA PHE F 75 7.55 47.98 -10.53
C PHE F 75 7.14 48.95 -11.62
N VAL F 76 7.48 50.21 -11.39
CA VAL F 76 7.28 51.30 -12.32
C VAL F 76 8.61 51.57 -13.03
N PRO F 77 8.73 51.26 -14.32
CA PRO F 77 10.01 51.49 -15.02
C PRO F 77 10.37 52.97 -14.98
N GLU F 78 11.63 53.22 -14.60
CA GLU F 78 12.16 54.58 -14.50
C GLU F 78 12.12 55.35 -15.82
N GLN F 79 12.36 54.67 -16.92
CA GLN F 79 12.20 55.37 -18.17
C GLN F 79 11.21 54.61 -19.03
N PRO F 80 10.39 55.30 -19.84
CA PRO F 80 9.43 54.60 -20.70
C PRO F 80 10.16 53.60 -21.59
N ILE F 81 9.67 52.37 -21.61
CA ILE F 81 10.26 51.31 -22.40
C ILE F 81 9.21 50.65 -23.25
N THR F 82 9.51 50.49 -24.54
CA THR F 82 8.60 49.93 -25.50
C THR F 82 9.25 48.64 -25.97
N PHE F 83 8.47 47.58 -25.99
CA PHE F 83 8.92 46.28 -26.46
C PHE F 83 8.33 45.95 -27.83
N ASP F 84 9.11 45.25 -28.64
CA ASP F 84 8.63 44.82 -29.94
C ASP F 84 7.59 43.73 -29.79
N GLU F 85 6.72 43.65 -30.77
CA GLU F 85 5.73 42.58 -30.80
C GLU F 85 6.29 41.41 -31.59
N THR F 86 6.23 40.23 -30.98
CA THR F 86 6.73 38.99 -31.54
C THR F 86 5.44 38.28 -31.98
N LEU F 87 5.51 37.07 -32.51
CA LEU F 87 4.29 36.36 -32.89
C LEU F 87 3.49 35.87 -31.66
N LEU F 88 3.12 36.80 -30.78
CA LEU F 88 2.42 36.51 -29.54
C LEU F 88 0.96 36.90 -29.69
N PHE F 89 0.06 36.02 -29.31
CA PHE F 89 -1.36 36.19 -29.55
C PHE F 89 -2.11 36.35 -28.24
N GLY F 90 -3.02 37.32 -28.19
CA GLY F 90 -3.77 37.56 -26.99
C GLY F 90 -2.92 38.39 -26.06
N LEU F 91 -2.67 39.63 -26.48
CA LEU F 91 -1.82 40.58 -25.75
C LEU F 91 -2.56 41.90 -25.62
N SER F 92 -2.89 42.27 -24.39
CA SER F 92 -3.51 43.55 -24.12
C SER F 92 -2.40 44.58 -23.92
N LYS F 93 -2.79 45.85 -23.93
CA LYS F 93 -1.85 46.95 -23.73
C LYS F 93 -1.16 46.81 -22.38
N PRO F 94 0.17 47.03 -22.31
CA PRO F 94 0.84 47.01 -21.01
C PRO F 94 0.37 48.17 -20.14
N TYR F 95 0.05 47.84 -18.89
CA TYR F 95 -0.42 48.79 -17.90
C TYR F 95 0.40 48.81 -16.62
N MET F 96 1.00 47.69 -16.22
CA MET F 96 2.02 47.70 -15.18
C MET F 96 3.09 46.67 -15.52
N ASP F 97 4.11 46.61 -14.68
CA ASP F 97 5.33 45.84 -14.94
C ASP F 97 5.70 45.11 -13.66
N VAL F 98 5.99 43.81 -13.73
CA VAL F 98 6.47 43.08 -12.58
C VAL F 98 7.82 42.45 -12.90
N VAL F 99 8.66 42.34 -11.86
CA VAL F 99 9.98 41.74 -11.96
C VAL F 99 10.12 40.60 -10.96
N GLY F 100 10.61 39.43 -11.43
CA GLY F 100 10.89 38.35 -10.51
C GLY F 100 12.11 38.76 -9.70
N PHE F 101 11.92 39.03 -8.42
CA PHE F 101 13.02 39.45 -7.56
C PHE F 101 13.60 38.36 -6.66
N ALA F 102 12.91 37.25 -6.48
CA ALA F 102 13.40 36.16 -5.64
C ALA F 102 13.11 34.81 -6.27
N LYS F 103 13.99 33.85 -5.97
CA LYS F 103 13.82 32.47 -6.39
C LYS F 103 13.97 31.55 -5.18
N THR F 104 12.83 31.09 -4.66
CA THR F 104 12.76 30.31 -3.44
C THR F 104 12.59 28.83 -3.75
N GLU F 105 13.28 28.00 -2.99
CA GLU F 105 13.22 26.56 -3.13
C GLU F 105 12.56 25.86 -1.96
N SER F 106 12.06 26.60 -0.97
CA SER F 106 11.51 25.92 0.19
C SER F 106 10.45 26.75 0.89
N GLU F 107 9.68 26.07 1.73
CA GLU F 107 8.67 26.67 2.57
C GLU F 107 8.97 26.35 4.03
N PHE F 108 8.50 27.20 4.93
CA PHE F 108 8.62 26.96 6.36
C PHE F 108 7.31 26.56 7.02
N GLU F 109 7.16 25.26 7.30
CA GLU F 109 5.96 24.72 7.93
C GLU F 109 6.07 24.89 9.43
N THR F 110 4.94 25.15 10.09
CA THR F 110 4.87 25.33 11.53
C THR F 110 4.07 24.21 12.19
N ARG F 111 4.68 23.51 13.13
CA ARG F 111 4.00 22.44 13.85
C ARG F 111 3.98 22.77 15.35
N GLU F 112 2.79 22.77 15.96
CA GLU F 112 2.65 23.02 17.39
C GLU F 112 3.41 22.04 18.28
N THR F 113 4.16 22.58 19.25
CA THR F 113 5.02 21.80 20.12
C THR F 113 5.01 22.45 21.50
N HIS F 114 5.34 21.68 22.54
CA HIS F 114 5.38 22.20 23.89
C HIS F 114 6.66 23.00 24.11
N GLY F 115 6.48 24.29 24.38
CA GLY F 115 7.61 25.15 24.70
C GLY F 115 8.28 24.75 26.01
N GLU F 116 9.60 24.81 26.00
CA GLU F 116 10.40 24.43 27.16
C GLU F 116 11.45 25.50 27.42
N LEU F 117 11.83 25.64 28.68
CA LEU F 117 12.82 26.62 29.06
C LEU F 117 14.22 26.07 28.85
N ASN F 118 15.12 26.92 28.40
CA ASN F 118 16.52 26.57 28.27
C ASN F 118 17.22 26.91 29.58
N LEU F 119 17.40 25.90 30.44
CA LEU F 119 17.93 26.10 31.79
C LEU F 119 19.41 25.76 31.85
N ASN F 120 20.14 26.15 30.81
CA ASN F 120 21.55 25.83 30.68
C ASN F 120 22.39 26.44 31.81
N SER F 121 22.40 27.76 31.90
CA SER F 121 23.27 28.47 32.81
C SER F 121 22.59 28.87 34.11
N VAL F 122 21.38 28.39 34.36
CA VAL F 122 20.63 28.77 35.56
C VAL F 122 21.04 27.84 36.69
N PRO F 123 21.66 28.34 37.74
CA PRO F 123 22.13 27.48 38.84
C PRO F 123 20.99 27.07 39.76
N ILE F 124 21.29 26.15 40.65
CA ILE F 124 20.33 25.65 41.63
C ILE F 124 20.60 26.29 42.99
N TYR F 125 19.55 26.84 43.58
CA TYR F 125 19.59 27.51 44.87
C TYR F 125 18.98 26.61 45.93
N ASN F 126 19.70 26.42 47.04
CA ASN F 126 19.27 25.53 48.10
C ASN F 126 18.97 26.28 49.39
N GLY F 127 18.95 27.60 49.34
CA GLY F 127 18.62 28.38 50.50
C GLY F 127 19.84 28.75 51.31
N GLU F 128 21.01 28.78 50.67
CA GLU F 128 22.25 29.12 51.37
C GLU F 128 22.23 30.58 51.80
N LEU F 129 22.79 30.84 52.97
CA LEU F 129 22.90 32.19 53.50
C LEU F 129 23.90 33.00 52.68
N ASP F 130 23.55 34.26 52.38
CA ASP F 130 24.49 35.24 51.78
C ASP F 130 24.92 34.81 50.39
N PHE F 131 23.96 34.30 49.60
CA PHE F 131 24.20 33.69 48.29
C PHE F 131 24.87 34.62 47.28
N SER F 132 24.75 35.95 47.46
CA SER F 132 25.35 36.91 46.53
C SER F 132 26.86 36.68 46.43
N ASP F 133 27.47 36.34 47.57
CA ASP F 133 28.89 36.02 47.61
C ASP F 133 29.16 34.77 46.80
N LYS F 134 28.29 33.76 46.95
CA LYS F 134 28.45 32.49 46.24
C LYS F 134 28.33 32.62 44.73
N ILE F 135 27.50 33.55 44.23
CA ILE F 135 27.42 33.71 42.77
C ILE F 135 28.76 34.21 42.19
N MET F 136 29.62 34.83 43.00
CA MET F 136 30.98 35.17 42.59
C MET F 136 32.01 34.18 43.13
N LYS F 137 31.64 33.31 44.07
CA LYS F 137 32.47 32.13 44.34
C LYS F 137 32.53 31.22 43.14
N ARG F 138 31.50 31.24 42.31
CA ARG F 138 31.49 30.49 41.06
C ARG F 138 31.72 31.52 39.97
N SER F 139 32.11 31.05 38.79
CA SER F 139 32.34 31.94 37.67
C SER F 139 31.20 31.87 36.66
N SER F 140 30.06 32.49 36.98
CA SER F 140 28.94 32.44 36.05
C SER F 140 29.00 33.74 35.26
N THR F 141 29.45 33.65 34.00
CA THR F 141 29.53 34.83 33.15
C THR F 141 28.14 35.27 32.72
N LYS F 142 27.26 34.30 32.47
CA LYS F 142 25.88 34.55 32.06
C LYS F 142 25.14 35.36 33.10
N VAL F 143 24.52 36.45 32.66
CA VAL F 143 23.82 37.34 33.57
C VAL F 143 22.34 37.31 33.24
N ILE F 144 21.51 37.23 34.28
CA ILE F 144 20.06 37.23 34.13
C ILE F 144 19.58 38.14 35.25
N GLY F 145 19.39 39.42 34.92
CA GLY F 145 18.90 40.35 35.92
C GLY F 145 17.46 40.12 36.31
N THR F 146 16.58 40.07 35.31
CA THR F 146 15.15 39.96 35.53
C THR F 146 14.64 38.76 34.72
N LEU F 147 13.43 38.31 35.07
CA LEU F 147 12.85 37.14 34.44
C LEU F 147 12.47 37.41 32.98
N GLU F 148 12.10 38.65 32.67
CA GLU F 148 11.74 39.02 31.30
C GLU F 148 12.93 38.81 30.36
N GLU F 149 14.14 39.09 30.84
CA GLU F 149 15.33 38.83 30.04
C GLU F 149 15.49 37.33 29.81
N LEU F 150 15.20 36.52 30.83
CA LEU F 150 15.25 35.06 30.70
C LEU F 150 14.26 34.57 29.65
N LEU F 151 13.01 35.05 29.74
CA LEU F 151 11.96 34.69 28.80
C LEU F 151 12.32 35.12 27.40
N GLU F 152 12.95 36.28 27.28
CA GLU F 152 13.36 36.80 25.98
C GLU F 152 14.36 35.85 25.34
N ASN F 153 15.26 35.26 26.14
CA ASN F 153 16.27 34.35 25.63
C ASN F 153 15.88 32.89 25.83
N SER F 154 14.59 32.60 25.92
CA SER F 154 14.14 31.23 26.09
C SER F 154 13.25 30.88 24.93
N PRO F 155 13.26 29.64 24.47
CA PRO F 155 12.34 29.25 23.37
C PRO F 155 10.90 28.95 23.80
N CYS F 156 10.21 30.00 24.24
CA CYS F 156 8.83 29.89 24.68
C CYS F 156 8.19 31.28 24.70
N SER F 157 6.87 31.28 24.78
CA SER F 157 6.08 32.48 24.93
C SER F 157 6.07 32.93 26.39
N ALA F 158 5.58 34.15 26.60
CA ALA F 158 5.52 34.74 27.94
C ALA F 158 4.68 33.91 28.89
N LEU F 159 3.48 33.51 28.46
CA LEU F 159 2.59 32.75 29.35
C LEU F 159 3.14 31.36 29.62
N GLU F 160 3.62 30.68 28.57
CA GLU F 160 4.29 29.40 28.71
C GLU F 160 5.49 29.50 29.62
N GLY F 161 6.25 30.59 29.46
CA GLY F 161 7.44 30.80 30.26
C GLY F 161 7.14 30.95 31.73
N ILE F 162 6.17 31.80 32.06
CA ILE F 162 5.79 32.01 33.44
C ILE F 162 5.20 30.74 34.04
N SER F 163 4.39 30.02 33.27
CA SER F 163 3.81 28.77 33.76
C SER F 163 4.88 27.72 34.05
N LYS F 164 5.83 27.52 33.13
CA LYS F 164 6.89 26.56 33.36
C LYS F 164 7.81 27.00 34.47
N TRP F 165 8.12 28.30 34.52
CA TRP F 165 8.97 28.87 35.55
C TRP F 165 8.38 28.68 36.95
N HIS F 166 7.07 28.87 37.06
CA HIS F 166 6.40 28.62 38.31
C HIS F 166 6.34 27.13 38.61
N LYS F 167 6.23 26.32 37.56
CA LYS F 167 6.08 24.88 37.74
C LYS F 167 7.37 24.26 38.28
N ILE F 168 8.52 24.79 37.89
CA ILE F 168 9.79 24.20 38.29
C ILE F 168 10.28 24.91 39.54
N GLY F 169 9.47 25.81 40.08
CA GLY F 169 9.80 26.55 41.29
C GLY F 169 10.88 27.59 41.13
N GLY F 170 10.82 28.35 40.04
CA GLY F 170 11.79 29.39 39.80
C GLY F 170 11.60 30.61 40.70
N SER F 171 12.72 31.25 41.06
CA SER F 171 12.64 32.40 41.94
C SER F 171 13.79 33.35 41.62
N VAL F 172 13.99 34.30 42.52
CA VAL F 172 15.08 35.26 42.42
C VAL F 172 15.46 35.64 43.84
N LYS F 173 16.75 35.57 44.15
CA LYS F 173 17.26 35.90 45.46
C LYS F 173 18.37 36.91 45.30
N ASP F 174 18.26 38.01 46.06
CA ASP F 174 19.23 39.11 46.09
C ASP F 174 19.52 39.65 44.70
N GLY F 175 18.51 39.66 43.82
CA GLY F 175 18.73 40.21 42.51
C GLY F 175 19.29 39.21 41.51
N VAL F 176 19.52 37.97 41.93
CA VAL F 176 20.06 36.93 41.06
C VAL F 176 18.97 35.89 40.84
N LEU F 177 18.69 35.61 39.57
CA LEU F 177 17.70 34.61 39.19
C LEU F 177 18.15 33.24 39.68
N CYS F 178 17.21 32.39 40.14
CA CYS F 178 17.60 31.08 40.65
C CYS F 178 16.48 30.05 40.51
N ILE F 179 16.83 28.79 40.80
CA ILE F 179 15.87 27.69 40.88
C ILE F 179 16.03 27.04 42.23
N LEU F 180 14.95 27.02 43.00
CA LEU F 180 14.97 26.45 44.34
C LEU F 180 15.16 24.94 44.36
N SER F 181 16.00 24.46 45.30
CA SER F 181 16.12 23.02 45.50
C SER F 181 14.77 22.48 45.98
N GLN F 182 14.56 21.18 45.76
CA GLN F 182 13.34 20.51 46.20
C GLN F 182 13.15 20.58 47.72
N ASP F 183 14.23 20.24 48.44
CA ASP F 183 14.24 20.23 49.90
C ASP F 183 13.90 21.55 50.54
N PHE F 184 14.63 22.61 50.16
CA PHE F 184 14.40 23.90 50.78
C PHE F 184 13.06 24.50 50.37
N LEU F 185 12.61 24.22 49.16
CA LEU F 185 11.30 24.71 48.72
C LEU F 185 10.20 24.11 49.59
N PHE F 186 10.25 22.79 49.79
CA PHE F 186 9.20 22.17 50.60
C PHE F 186 9.34 22.55 52.07
N LYS F 187 10.57 22.81 52.53
CA LYS F 187 10.75 23.27 53.90
C LYS F 187 10.12 24.64 54.08
N ALA F 188 10.31 25.52 53.09
CA ALA F 188 9.70 26.84 53.14
C ALA F 188 8.18 26.74 53.08
N LEU F 189 7.68 25.78 52.30
CA LEU F 189 6.26 25.50 52.28
C LEU F 189 5.74 25.07 53.64
N HIS F 190 6.46 24.14 54.28
CA HIS F 190 6.07 23.61 55.58
C HIS F 190 6.00 24.70 56.64
N VAL F 191 7.05 25.54 56.71
CA VAL F 191 7.04 26.63 57.68
C VAL F 191 5.92 27.62 57.36
N LEU F 192 5.69 27.91 56.08
CA LEU F 192 4.61 28.81 55.69
C LEU F 192 3.25 28.29 56.11
N LEU F 193 2.99 27.00 55.85
CA LEU F 193 1.70 26.43 56.25
C LEU F 193 1.52 26.44 57.76
N MET F 194 2.61 26.16 58.49
CA MET F 194 2.57 26.22 59.95
C MET F 194 2.24 27.64 60.43
N SER F 195 2.79 28.64 59.75
CA SER F 195 2.51 30.01 60.17
C SER F 195 1.12 30.45 59.74
N ALA F 196 0.68 30.00 58.55
CA ALA F 196 -0.62 30.37 58.02
C ALA F 196 -1.74 29.83 58.89
N MET F 197 -1.67 28.54 59.22
CA MET F 197 -2.62 27.96 60.14
C MET F 197 -2.37 28.39 61.58
N ALA F 198 -1.18 28.88 61.89
CA ALA F 198 -0.93 29.40 63.22
C ALA F 198 -1.58 30.76 63.41
N GLU F 199 -1.80 31.50 62.32
CA GLU F 199 -2.41 32.81 62.41
C GLU F 199 -3.84 32.82 61.87
N SER F 200 -4.39 31.63 61.58
CA SER F 200 -5.75 31.42 61.05
C SER F 200 -6.05 32.27 59.83
N LEU F 201 -5.13 32.25 58.87
CA LEU F 201 -5.33 32.97 57.63
C LEU F 201 -6.25 32.22 56.69
N ASP F 202 -6.97 32.99 55.86
CA ASP F 202 -7.82 32.41 54.82
C ASP F 202 -6.91 31.82 53.76
N LEU F 203 -6.83 30.49 53.70
CA LEU F 203 -5.95 29.82 52.75
C LEU F 203 -6.39 29.98 51.31
N GLN F 204 -7.62 30.40 51.10
CA GLN F 204 -8.14 30.65 49.78
C GLN F 204 -7.96 32.09 49.35
N HIS F 205 -7.56 32.98 50.26
CA HIS F 205 -7.36 34.38 49.93
C HIS F 205 -6.09 34.90 50.59
N LEU F 206 -4.97 34.32 50.17
CA LEU F 206 -3.64 34.70 50.63
C LEU F 206 -3.06 35.82 49.76
N ASN F 207 -2.37 36.76 50.39
CA ASN F 207 -1.61 37.77 49.67
C ASN F 207 -0.15 37.64 50.09
N VAL F 208 0.73 38.28 49.33
CA VAL F 208 2.18 38.18 49.54
C VAL F 208 2.64 38.81 50.84
N GLU F 209 2.19 40.05 51.11
CA GLU F 209 2.66 40.81 52.26
C GLU F 209 2.36 40.15 53.60
N ASP F 210 1.10 39.79 53.85
CA ASP F 210 0.75 39.22 55.15
C ASP F 210 1.46 37.91 55.43
N THR F 211 1.58 37.02 54.43
CA THR F 211 2.26 35.75 54.68
C THR F 211 3.77 35.97 54.85
N HIS F 212 4.39 36.79 54.00
CA HIS F 212 5.81 37.12 54.12
C HIS F 212 6.11 37.69 55.49
N HIS F 213 5.25 38.60 55.97
CA HIS F 213 5.42 39.14 57.31
C HIS F 213 5.29 38.05 58.36
N ALA F 214 4.32 37.16 58.19
CA ALA F 214 4.13 36.03 59.11
C ALA F 214 5.30 35.06 59.17
N VAL F 215 5.99 34.83 58.05
CA VAL F 215 7.10 33.87 58.07
C VAL F 215 8.35 34.46 58.71
N GLY F 216 8.74 35.68 58.31
CA GLY F 216 9.97 36.28 58.77
C GLY F 216 9.84 37.23 59.94
N LYS F 217 8.79 37.01 60.75
CA LYS F 217 8.51 37.88 61.90
C LYS F 217 9.62 37.83 62.95
N ASP F 218 10.05 36.63 63.34
CA ASP F 218 10.97 36.47 64.45
C ASP F 218 12.34 35.92 64.06
N ILE F 219 12.79 36.20 62.84
CA ILE F 219 14.13 35.78 62.41
C ILE F 219 14.81 36.99 61.81
N GLU F 220 16.15 37.04 61.89
CA GLU F 220 16.91 38.16 61.35
C GLU F 220 16.81 38.16 59.83
N ASP F 221 16.73 39.37 59.24
CA ASP F 221 16.62 39.52 57.79
C ASP F 221 17.83 38.97 57.03
N GLU F 222 19.05 39.14 57.57
CA GLU F 222 20.23 38.64 56.87
C GLU F 222 20.24 37.11 56.77
N PHE F 223 19.61 36.44 57.73
CA PHE F 223 19.52 34.99 57.83
C PHE F 223 18.12 34.48 57.56
N ASN F 224 17.26 35.32 57.00
CA ASN F 224 15.88 34.95 56.68
C ASN F 224 15.89 34.86 55.18
N PRO F 225 15.93 33.64 54.63
CA PRO F 225 15.94 33.48 53.18
C PRO F 225 14.55 33.54 52.60
N TYR F 226 13.51 33.49 53.43
CA TYR F 226 12.16 33.47 52.94
C TYR F 226 11.79 34.93 52.68
N THR F 227 12.32 35.45 51.58
CA THR F 227 12.05 36.79 51.11
C THR F 227 10.69 36.86 50.43
N ARG F 228 10.33 38.06 49.99
CA ARG F 228 9.06 38.29 49.31
C ARG F 228 8.99 37.54 47.99
N GLU F 229 10.13 37.39 47.31
CA GLU F 229 10.18 36.70 46.03
C GLU F 229 9.98 35.21 46.22
N ILE F 230 10.52 34.68 47.32
CA ILE F 230 10.32 33.29 47.71
C ILE F 230 8.84 33.07 47.93
N ILE F 231 8.21 33.99 48.66
CA ILE F 231 6.78 33.97 48.89
C ILE F 231 6.02 33.95 47.56
N GLU F 232 6.41 34.80 46.61
CA GLU F 232 5.75 34.79 45.31
C GLU F 232 5.89 33.45 44.61
N THR F 233 7.06 32.83 44.73
CA THR F 233 7.25 31.52 44.12
C THR F 233 6.39 30.43 44.76
N VAL F 234 6.43 30.31 46.10
CA VAL F 234 5.60 29.32 46.78
C VAL F 234 4.12 29.52 46.46
N LEU F 235 3.65 30.77 46.44
CA LEU F 235 2.26 31.01 46.09
C LEU F 235 2.00 30.63 44.63
N ASN F 236 2.91 31.01 43.73
CA ASN F 236 2.70 30.69 42.32
C ASN F 236 2.95 29.21 42.00
N LYS F 237 3.52 28.45 42.93
CA LYS F 237 3.75 27.03 42.74
C LYS F 237 2.69 26.16 43.36
N PHE F 238 2.27 26.47 44.59
CA PHE F 238 1.38 25.60 45.33
C PHE F 238 0.00 26.22 45.48
N ALA F 239 -0.23 27.37 44.88
CA ALA F 239 -1.53 28.04 44.90
C ALA F 239 -1.79 28.59 43.50
N VAL F 240 -3.02 29.05 43.30
CA VAL F 240 -3.45 29.67 42.06
C VAL F 240 -3.91 31.08 42.40
N GLN F 241 -3.47 32.06 41.60
CA GLN F 241 -3.77 33.44 41.91
C GLN F 241 -5.05 33.90 41.23
N GLU F 242 -5.79 34.76 41.93
CA GLU F 242 -7.07 35.37 41.54
C GLU F 242 -8.14 34.29 41.40
N ASN F 247 -6.41 42.97 41.74
CA ASN F 247 -6.88 42.33 42.96
C ASN F 247 -6.79 40.82 42.84
N ASN F 248 -5.57 40.30 42.73
CA ASN F 248 -5.38 38.86 42.58
C ASN F 248 -4.76 38.26 43.84
N THR F 249 -5.43 37.26 44.39
CA THR F 249 -5.02 36.61 45.63
C THR F 249 -4.88 35.12 45.34
N TRP F 250 -4.22 34.38 46.23
CA TRP F 250 -3.98 32.98 45.98
C TRP F 250 -4.91 32.08 46.76
N ARG F 251 -5.30 30.97 46.14
CA ARG F 251 -5.99 29.86 46.81
C ARG F 251 -5.19 28.58 46.62
N LEU F 252 -4.99 27.86 47.72
CA LEU F 252 -4.16 26.66 47.72
C LEU F 252 -4.73 25.53 46.86
N ARG F 253 -3.84 24.85 46.12
CA ARG F 253 -4.15 23.62 45.39
C ARG F 253 -3.96 22.45 46.35
N ILE F 254 -4.96 22.24 47.23
CA ILE F 254 -4.80 21.26 48.33
C ILE F 254 -4.45 19.83 47.89
N PRO F 255 -5.13 19.20 46.91
CA PRO F 255 -4.70 17.84 46.51
C PRO F 255 -3.31 17.83 45.94
N PHE F 256 -2.95 18.91 45.25
CA PHE F 256 -1.63 19.05 44.66
C PHE F 256 -0.57 19.15 45.76
N ILE F 257 -0.86 19.95 46.78
CA ILE F 257 0.06 20.09 47.92
C ILE F 257 0.27 18.74 48.58
N ALA F 258 -0.82 18.03 48.85
CA ALA F 258 -0.71 16.68 49.41
C ALA F 258 0.14 15.76 48.54
N GLN F 259 -0.02 15.87 47.21
CA GLN F 259 0.78 15.06 46.29
C GLN F 259 2.26 15.40 46.35
N TRP F 260 2.57 16.70 46.42
CA TRP F 260 3.94 17.17 46.54
C TRP F 260 4.55 16.66 47.82
N TYR F 261 3.82 16.82 48.90
CA TYR F 261 4.19 16.34 50.21
C TYR F 261 4.48 14.84 50.19
N GLY F 262 3.71 14.10 49.40
CA GLY F 262 3.94 12.68 49.29
C GLY F 262 5.23 12.37 48.56
N ILE F 263 5.54 13.19 47.56
CA ILE F 263 6.78 13.04 46.82
C ILE F 263 7.97 13.34 47.73
N GLN F 264 7.87 14.41 48.51
CA GLN F 264 8.87 14.76 49.52
C GLN F 264 9.11 13.64 50.53
N ALA F 265 8.02 13.02 51.01
CA ALA F 265 8.13 11.93 51.98
C ALA F 265 8.86 10.75 51.37
N LEU F 266 8.49 10.40 50.12
CA LEU F 266 9.17 9.35 49.39
C LEU F 266 10.66 9.64 49.23
N ARG F 267 11.00 10.88 48.84
CA ARG F 267 12.43 11.14 48.63
C ARG F 267 13.22 11.18 49.93
N LYS F 268 12.61 11.57 51.04
CA LYS F 268 13.44 11.64 52.24
C LYS F 268 13.52 10.35 53.04
N TYR F 269 12.40 9.66 53.22
CA TYR F 269 12.35 8.59 54.20
C TYR F 269 12.31 7.18 53.65
N VAL F 270 11.70 6.94 52.50
CA VAL F 270 11.54 5.58 51.99
C VAL F 270 12.17 5.42 50.61
N SER F 271 13.31 6.05 50.41
CA SER F 271 14.03 5.88 49.16
C SER F 271 15.09 4.80 49.18
N GLY F 272 15.12 3.94 50.20
CA GLY F 272 16.14 2.92 50.24
C GLY F 272 15.62 1.58 50.69
N ILE F 273 14.38 1.56 51.16
CA ILE F 273 13.74 0.35 51.68
C ILE F 273 12.29 0.35 51.23
N SER F 274 11.74 -0.84 51.08
CA SER F 274 10.35 -1.01 50.67
C SER F 274 9.47 -1.23 51.90
N MET F 275 9.04 -0.13 52.51
CA MET F 275 8.20 -0.22 53.70
C MET F 275 6.79 -0.68 53.33
N PRO F 276 6.14 -1.44 54.23
CA PRO F 276 4.68 -1.57 54.15
C PRO F 276 3.98 -0.22 54.13
N ILE F 277 2.94 -0.17 53.32
CA ILE F 277 2.18 1.06 53.05
C ILE F 277 1.56 1.66 54.31
N ASP F 278 1.07 0.83 55.24
CA ASP F 278 0.40 1.33 56.45
C ASP F 278 1.31 2.21 57.31
N GLU F 279 2.51 1.74 57.63
CA GLU F 279 3.43 2.50 58.48
C GLU F 279 3.86 3.79 57.79
N PHE F 280 4.11 3.70 56.48
CA PHE F 280 4.46 4.89 55.71
C PHE F 280 3.33 5.91 55.69
N LEU F 281 2.08 5.45 55.58
CA LEU F 281 0.96 6.38 55.63
C LEU F 281 0.85 7.05 56.99
N ILE F 282 1.11 6.29 58.07
CA ILE F 282 1.07 6.86 59.42
C ILE F 282 2.13 7.95 59.58
N LYS F 283 3.39 7.63 59.22
CA LYS F 283 4.48 8.61 59.37
C LYS F 283 4.27 9.81 58.47
N TRP F 284 3.89 9.55 57.23
CA TRP F 284 3.52 10.56 56.25
C TRP F 284 2.47 11.51 56.81
N LYS F 285 1.37 10.95 57.34
CA LYS F 285 0.29 11.72 57.95
C LYS F 285 0.78 12.56 59.11
N SER F 286 1.71 12.02 59.91
CA SER F 286 2.20 12.72 61.09
C SER F 286 3.11 13.91 60.76
N LEU F 287 3.71 13.92 59.57
CA LEU F 287 4.58 15.03 59.15
C LEU F 287 3.81 16.32 58.84
N PHE F 288 2.50 16.28 58.53
CA PHE F 288 1.81 17.53 58.20
C PHE F 288 1.70 18.50 59.38
N PRO F 289 1.60 19.79 59.07
CA PRO F 289 1.17 20.77 60.07
C PRO F 289 -0.24 20.48 60.54
N PRO F 290 -0.51 20.65 61.84
CA PRO F 290 -1.81 20.35 62.43
C PRO F 290 -3.03 20.96 61.72
N PHE F 291 -4.09 20.15 61.63
CA PHE F 291 -5.42 20.44 61.10
C PHE F 291 -5.48 20.63 59.59
N PHE F 292 -4.41 20.33 58.88
CA PHE F 292 -4.42 20.43 57.42
C PHE F 292 -5.41 19.45 56.79
N PRO F 293 -6.43 19.94 56.07
CA PRO F 293 -7.51 19.10 55.51
C PRO F 293 -7.09 18.31 54.29
N CYS F 294 -6.88 17.00 54.46
CA CYS F 294 -6.59 16.13 53.32
C CYS F 294 -6.72 14.64 53.64
N ASP F 295 -7.22 13.88 52.66
CA ASP F 295 -7.29 12.43 52.66
C ASP F 295 -6.17 11.89 51.76
N ILE F 296 -5.97 10.57 51.76
CA ILE F 296 -4.86 10.01 51.00
C ILE F 296 -5.17 8.61 50.48
N ASP F 297 -4.36 8.26 49.45
CA ASP F 297 -4.42 6.93 48.79
C ASP F 297 -3.01 6.46 48.36
N ILE F 298 -2.63 5.29 48.86
CA ILE F 298 -1.35 4.74 48.35
C ILE F 298 -1.54 4.51 46.85
N ASP F 299 -2.74 4.78 46.33
CA ASP F 299 -2.97 4.66 44.86
C ASP F 299 -2.04 5.63 44.14
N MET F 300 -2.19 6.93 44.39
CA MET F 300 -1.24 7.92 43.83
C MET F 300 0.12 7.71 44.50
N LEU F 301 0.15 7.14 45.71
CA LEU F 301 1.54 6.91 46.24
C LEU F 301 2.34 6.03 45.26
N ARG F 302 1.69 5.01 44.70
CA ARG F 302 2.36 4.08 43.77
C ARG F 302 2.34 4.70 42.35
N GLY F 303 1.35 5.52 42.03
CA GLY F 303 1.43 6.23 40.74
C GLY F 303 2.74 7.00 40.78
N TYR F 304 3.25 7.22 41.99
CA TYR F 304 4.56 7.92 42.12
C TYR F 304 5.78 6.98 42.23
N HIS F 305 5.73 5.85 42.95
CA HIS F 305 7.01 5.07 43.14
C HIS F 305 7.10 3.73 42.39
N PHE F 306 7.25 2.58 43.08
CA PHE F 306 7.01 1.26 42.54
C PHE F 306 6.75 0.30 43.70
N LYS F 307 6.22 -0.87 43.36
CA LYS F 307 5.83 -1.89 44.32
C LYS F 307 6.63 -3.18 44.19
N PRO F 308 7.66 -3.39 45.02
CA PRO F 308 8.40 -4.67 44.99
C PRO F 308 7.49 -5.89 45.16
N THR F 309 6.54 -5.82 46.10
CA THR F 309 5.45 -6.78 46.21
C THR F 309 4.15 -5.99 46.11
N ASP F 310 3.02 -6.70 46.07
CA ASP F 310 1.72 -6.06 45.90
C ASP F 310 1.29 -5.17 47.07
N LYS F 311 1.83 -5.34 48.27
CA LYS F 311 1.37 -4.55 49.41
C LYS F 311 2.43 -3.61 49.97
N THR F 312 3.51 -3.34 49.23
CA THR F 312 4.56 -2.43 49.69
C THR F 312 4.84 -1.39 48.64
N VAL F 313 5.51 -0.31 49.05
CA VAL F 313 5.81 0.81 48.17
C VAL F 313 7.25 1.25 48.40
N GLN F 314 7.89 1.70 47.31
CA GLN F 314 9.24 2.22 47.37
C GLN F 314 9.41 3.32 46.32
N TYR F 315 10.13 4.38 46.69
CA TYR F 315 10.35 5.53 45.82
C TYR F 315 11.23 5.20 44.61
N ILE F 316 10.90 5.85 43.49
CA ILE F 316 11.69 5.82 42.26
C ILE F 316 11.60 7.20 41.62
N ALA F 317 12.73 7.72 41.15
CA ALA F 317 12.72 9.01 40.47
C ALA F 317 12.75 8.76 38.96
N LYS F 318 11.83 9.40 38.24
CA LYS F 318 11.72 9.20 36.79
C LYS F 318 12.96 9.65 36.04
N SER F 319 13.67 10.65 36.59
CA SER F 319 14.88 11.19 35.96
C SER F 319 16.00 10.15 35.86
N THR F 320 16.04 9.17 36.76
CA THR F 320 17.11 8.20 36.75
C THR F 320 16.87 7.08 35.75
N LEU F 321 15.71 7.06 35.14
CA LEU F 321 15.39 5.99 34.22
C LEU F 321 16.06 6.22 32.88
N PRO F 322 16.46 5.14 32.20
CA PRO F 322 17.05 5.25 30.86
C PRO F 322 16.14 5.87 29.83
N MET F 323 16.77 6.32 28.75
CA MET F 323 16.08 6.79 27.56
C MET F 323 16.03 5.73 26.47
N ASP F 324 16.83 4.67 26.57
CA ASP F 324 16.62 3.59 25.62
C ASP F 324 15.42 2.77 26.07
N PRO F 325 14.42 2.55 25.18
CA PRO F 325 13.19 1.83 25.54
C PRO F 325 13.38 0.45 26.16
N LYS F 326 14.12 -0.41 25.45
CA LYS F 326 14.35 -1.78 25.90
C LYS F 326 15.07 -1.84 27.24
N GLU F 327 16.06 -0.96 27.44
CA GLU F 327 16.79 -0.94 28.70
C GLU F 327 15.91 -0.50 29.85
N ARG F 328 15.13 0.57 29.64
CA ARG F 328 14.25 1.07 30.68
C ARG F 328 13.21 0.03 31.04
N PHE F 329 12.63 -0.66 30.04
CA PHE F 329 11.68 -1.74 30.32
C PHE F 329 12.37 -2.88 31.07
N LYS F 330 13.63 -3.17 30.73
CA LYS F 330 14.39 -4.22 31.40
C LYS F 330 14.54 -3.90 32.89
N VAL F 331 14.90 -2.66 33.20
CA VAL F 331 15.13 -2.25 34.58
C VAL F 331 13.80 -2.17 35.32
N LEU F 332 12.73 -1.78 34.62
CA LEU F 332 11.39 -1.77 35.22
C LEU F 332 10.95 -3.17 35.59
N PHE F 333 11.21 -4.14 34.70
CA PHE F 333 10.87 -5.54 35.03
C PHE F 333 11.76 -5.99 36.21
N ARG F 334 12.97 -5.43 36.31
CA ARG F 334 13.92 -5.83 37.39
C ARG F 334 13.40 -5.34 38.75
N LEU F 335 12.89 -4.10 38.81
CA LEU F 335 12.43 -3.52 40.10
C LEU F 335 11.39 -4.47 40.72
N GLN F 336 10.48 -4.99 39.89
CA GLN F 336 9.45 -5.95 40.38
C GLN F 336 9.11 -6.92 39.25
N SER F 337 9.33 -8.22 39.44
CA SER F 337 9.09 -9.15 38.33
C SER F 337 7.72 -8.91 37.71
N GLN F 338 6.70 -8.72 38.56
CA GLN F 338 5.31 -8.51 38.16
C GLN F 338 4.87 -7.15 38.68
N TRP F 339 4.39 -6.29 37.77
CA TRP F 339 3.97 -4.92 38.11
C TRP F 339 2.47 -4.72 37.99
N ASP F 340 1.95 -3.73 38.72
CA ASP F 340 0.50 -3.38 38.59
C ASP F 340 0.24 -2.65 37.27
N LEU F 341 -0.67 -1.65 37.29
CA LEU F 341 -1.02 -0.84 36.09
C LEU F 341 -0.90 0.64 36.43
N GLU F 342 -1.94 1.25 36.97
CA GLU F 342 -1.77 2.63 37.42
C GLU F 342 -0.41 2.86 38.06
N ASP F 343 0.27 1.78 38.42
CA ASP F 343 1.59 1.87 39.01
C ASP F 343 2.63 2.00 37.92
N ILE F 344 2.40 1.37 36.78
CA ILE F 344 3.40 1.33 35.73
C ILE F 344 3.20 2.47 34.73
N LYS F 345 1.99 3.05 34.65
CA LYS F 345 1.74 4.12 33.67
C LYS F 345 2.67 5.34 33.86
N PRO F 346 2.83 5.97 35.04
CA PRO F 346 3.71 7.16 35.11
C PRO F 346 5.18 6.83 34.89
N LEU F 347 5.53 5.55 34.96
CA LEU F 347 6.87 5.02 34.76
C LEU F 347 7.23 4.88 33.29
N ILE F 348 6.25 4.85 32.39
CA ILE F 348 6.51 4.63 30.98
C ILE F 348 6.17 5.84 30.13
N GLU F 349 5.66 6.91 30.74
CA GLU F 349 5.24 8.13 30.04
C GLU F 349 6.37 8.71 29.22
N GLU F 350 7.59 8.62 29.76
CA GLU F 350 8.83 9.19 29.25
C GLU F 350 9.34 8.52 27.97
N LEU F 351 8.86 7.35 27.58
CA LEU F 351 9.49 6.75 26.41
C LEU F 351 8.96 7.14 25.04
N ASN F 352 7.66 7.24 24.81
CA ASN F 352 7.29 7.65 23.46
C ASN F 352 6.10 8.58 23.44
N SER F 353 6.59 9.77 23.04
CA SER F 353 5.53 10.76 22.85
C SER F 353 4.58 10.43 21.71
N ARG F 354 4.51 9.17 21.23
CA ARG F 354 3.71 8.90 20.04
C ARG F 354 2.21 8.90 20.30
N GLY F 355 1.84 9.04 21.79
CA GLY F 355 0.43 9.16 22.05
C GLY F 355 -0.34 7.87 21.86
N MET F 356 0.23 7.02 22.50
CA MET F 356 -0.35 5.74 22.16
C MET F 356 -1.15 5.19 23.33
N LYS F 357 -1.80 4.05 23.08
CA LYS F 357 -2.32 3.24 24.17
C LYS F 357 -1.16 2.77 25.05
N ILE F 358 -1.25 3.00 26.36
CA ILE F 358 -0.10 2.66 27.24
C ILE F 358 0.28 1.21 26.97
N ASP F 359 -0.73 0.32 27.01
CA ASP F 359 -0.49 -1.12 26.78
C ASP F 359 0.37 -1.28 25.53
N SER F 360 0.20 -0.42 24.52
CA SER F 360 0.96 -0.58 23.26
C SER F 360 2.45 -0.72 23.58
N PHE F 361 3.11 0.37 23.99
CA PHE F 361 4.57 0.35 24.28
C PHE F 361 4.86 -0.62 25.43
N ILE F 362 3.89 -0.74 26.35
CA ILE F 362 4.07 -1.70 27.47
C ILE F 362 4.49 -3.03 26.85
N MET F 363 3.65 -3.65 26.02
CA MET F 363 3.96 -4.95 25.35
C MET F 363 5.18 -4.77 24.45
N LYS F 364 5.21 -3.70 23.66
CA LYS F 364 6.39 -3.39 22.81
C LYS F 364 7.64 -3.87 23.53
N TYR F 365 7.84 -3.50 24.81
CA TYR F 365 9.07 -4.09 25.45
C TYR F 365 8.66 -5.24 26.37
N ALA F 366 8.41 -4.95 27.64
CA ALA F 366 7.76 -5.87 28.56
C ALA F 366 6.41 -6.31 28.02
N ARG F 367 5.83 -7.33 28.66
CA ARG F 367 4.54 -7.83 28.20
C ARG F 367 3.55 -8.01 29.34
N ARG F 368 2.29 -7.81 29.01
CA ARG F 368 1.13 -7.93 29.89
C ARG F 368 0.67 -9.38 29.97
N LYS F 369 0.00 -9.68 31.07
CA LYS F 369 -0.56 -11.01 31.28
C LYS F 369 -1.67 -10.80 32.28
N ARG F 370 -2.86 -11.24 31.93
CA ARG F 370 -3.99 -11.06 32.82
C ARG F 370 -4.32 -12.30 33.62
N LEU F 371 -5.25 -12.10 34.56
CA LEU F 371 -5.80 -13.08 35.46
C LEU F 371 -7.23 -12.62 35.72
N GLY F 372 -7.81 -13.03 36.86
CA GLY F 372 -9.19 -12.67 37.19
C GLY F 372 -9.51 -11.19 37.07
N LYS F 373 -8.94 -10.36 37.93
CA LYS F 373 -9.20 -8.94 37.77
C LYS F 373 -7.92 -8.15 37.49
N LYS F 374 -6.79 -8.60 38.03
CA LYS F 374 -5.55 -7.87 37.83
C LYS F 374 -4.85 -8.30 36.55
N THR F 375 -4.13 -7.35 35.97
CA THR F 375 -3.28 -7.53 34.80
C THR F 375 -1.86 -7.18 35.22
N VAL F 376 -0.94 -8.13 35.16
CA VAL F 376 0.39 -7.75 35.61
C VAL F 376 1.30 -7.70 34.41
N VAL F 377 2.52 -7.22 34.63
CA VAL F 377 3.42 -7.07 33.51
C VAL F 377 4.72 -7.83 33.81
N THR F 378 5.11 -8.70 32.87
CA THR F 378 6.28 -9.59 33.13
C THR F 378 7.33 -9.48 32.03
N SER F 379 7.19 -10.21 30.91
CA SER F 379 8.31 -10.18 29.92
C SER F 379 7.84 -10.41 28.47
FE1 SF4 G . -27.80 -40.55 -12.04
FE2 SF4 G . -29.47 -39.41 -10.23
FE3 SF4 G . -26.94 -38.52 -10.49
FE4 SF4 G . -27.42 -40.94 -9.39
S1 SF4 G . -28.04 -38.93 -8.55
S2 SF4 G . -25.84 -40.44 -10.95
S3 SF4 G . -29.19 -41.63 -10.59
S4 SF4 G . -28.57 -38.43 -12.06
#